data_3HAZ
#
_entry.id   3HAZ
#
_cell.length_a   166.763
_cell.length_b   195.846
_cell.length_c   108.680
_cell.angle_alpha   90.000
_cell.angle_beta   121.480
_cell.angle_gamma   90.000
#
_symmetry.space_group_name_H-M   'C 1 2 1'
#
loop_
_entity.id
_entity.type
_entity.pdbx_description
1 polymer 'Proline dehydrogenase'
2 non-polymer 'FLAVIN-ADENINE DINUCLEOTIDE'
3 non-polymer NICOTINAMIDE-ADENINE-DINUCLEOTIDE
4 non-polymer 'SULFATE ION'
5 non-polymer GLYCEROL
6 water water
#
_entity_poly.entity_id   1
_entity_poly.type   'polypeptide(L)'
_entity_poly.pdbx_seq_one_letter_code
;GHMPNIPPPFTAPYAPDDAEIAARLLPASHLSPPQEARIHRTATRLIEAIRKRDDRLGGVEDMLREFALSTKEGLALMVL
AEALLRVPDARTADQFIEDKLGEGDFIHHETKSTAFLVNASAWALGLSARVIQPGETPDGTIGRLVKRLGAPAVRTATRQ
AMRLMGNHFVLGETIEQALERGKPRSGQKTRYSFDMLGEGARTAADARRYFDAYASAIETIGKAAGNHALPDRPGISVKL
SALHPRFEAISRARVMVELVPQLLDLAQRAKAHDLNFTVDAEEADRLELSLDVIAATLADPSLKGWDGFGLAIQAYQKRA
SAVIDYVDALARAHDRKLMVRLVKGAYWDTEIKRAQERGLDGYPVFTRKAMTDLNYVACASKLLALRPRIFPQFATHNAL
TVATVLEMAEGSSGFEFQRLHGMGEALYEQLAKDHADIAYRTYAPVGSHRDLLAYLVRRLLENGANSSFVAQAADYRVPV
PALLQRPADAIVRPQAAAHPRIPLPCDLFAPERRNSRGVEFGARTALDQLLTDVKAETGDLKPIADATPDQAHAAVAAAR
AGFAGWSRTPAGIRAAALEQAAHLLESRSAHFIALLQREGGKTLDDALSELREAADFCRYYAAQGRKLFGSETAMPGPTG
ESNALTMRGRGVFVAISPWNFPLAIFLGQVTAALMAGNSVVAKPAEQTPRIAREAVALLHEAGIPKSALYLVTGDGRIGA
ALTAHPDIAGVVFTGSTEVARSINRALAAKDGPIVPLIAETGGINAMIADATALPEQVADDVVTSAFRSAGQRCSALRLL
FVQEDVADRMIEMVAGAARELKIGDPSDVATHVGPVIDVEAKQRLDAHIARMKTEARLHFAGPAPEGCFVAPHIFELTEA
GQLTEEVFGPILHVVRYRPENLERVLRAIERTGYGLTLGVHSRIDDSIEAIIDRVQVGNIYVNRNMIGAVVGVQPFGGNG
LSGTGPKAGGPHYLARFATEQTVTINTAAAGGNAALLAGEE
;
_entity_poly.pdbx_strand_id   A,B
#
# COMPACT_ATOMS: atom_id res chain seq x y z
N MET A 3 0.30 -9.84 -68.93
CA MET A 3 0.03 -11.24 -69.24
C MET A 3 0.24 -12.20 -68.06
N PRO A 4 1.16 -11.88 -67.13
CA PRO A 4 1.29 -12.68 -65.91
C PRO A 4 0.04 -12.60 -65.04
N ASN A 5 -0.08 -13.52 -64.09
CA ASN A 5 -1.26 -13.58 -63.23
C ASN A 5 -1.39 -12.36 -62.32
N ILE A 6 -2.61 -11.86 -62.18
CA ILE A 6 -2.90 -10.88 -61.14
C ILE A 6 -2.57 -11.50 -59.79
N PRO A 7 -1.71 -10.83 -58.99
CA PRO A 7 -1.31 -11.35 -57.69
C PRO A 7 -2.49 -11.55 -56.74
N PRO A 8 -2.39 -12.53 -55.83
CA PRO A 8 -3.41 -12.78 -54.81
C PRO A 8 -3.50 -11.60 -53.85
N PRO A 9 -4.65 -11.45 -53.16
CA PRO A 9 -4.77 -10.36 -52.19
C PRO A 9 -3.58 -10.37 -51.23
N PHE A 10 -2.99 -9.19 -51.01
CA PHE A 10 -1.78 -9.10 -50.20
C PHE A 10 -2.00 -9.57 -48.76
N THR A 11 -1.10 -10.41 -48.27
CA THR A 11 -1.26 -10.99 -46.93
C THR A 11 0.06 -11.40 -46.26
N ALA A 12 1.07 -10.54 -46.31
CA ALA A 12 2.34 -10.80 -45.66
C ALA A 12 2.20 -10.85 -44.14
N PRO A 13 3.09 -11.60 -43.46
CA PRO A 13 3.08 -11.64 -42.00
C PRO A 13 3.23 -10.24 -41.41
N TYR A 14 2.38 -9.92 -40.43
CA TYR A 14 2.22 -8.56 -39.93
C TYR A 14 3.43 -8.03 -39.18
N ALA A 15 3.98 -8.84 -38.28
CA ALA A 15 5.06 -8.38 -37.40
C ALA A 15 6.14 -9.43 -37.20
N PRO A 16 6.87 -9.79 -38.26
CA PRO A 16 7.94 -10.79 -38.14
C PRO A 16 9.09 -10.31 -37.26
N ASP A 17 9.98 -11.24 -36.89
CA ASP A 17 11.08 -10.97 -35.97
C ASP A 17 12.16 -10.07 -36.58
N ASP A 18 12.47 -8.98 -35.88
CA ASP A 18 13.43 -8.00 -36.37
C ASP A 18 14.80 -8.60 -36.66
N ALA A 19 15.26 -9.46 -35.75
CA ALA A 19 16.59 -10.04 -35.83
C ALA A 19 16.84 -10.80 -37.13
N GLU A 20 15.88 -11.64 -37.51
CA GLU A 20 15.97 -12.41 -38.74
C GLU A 20 16.02 -11.51 -39.97
N ILE A 21 15.32 -10.39 -39.92
CA ILE A 21 15.37 -9.41 -41.00
C ILE A 21 16.76 -8.79 -41.04
N ALA A 22 17.25 -8.38 -39.87
CA ALA A 22 18.58 -7.80 -39.76
C ALA A 22 19.67 -8.77 -40.23
N ALA A 23 19.43 -10.07 -40.05
CA ALA A 23 20.41 -11.07 -40.46
C ALA A 23 20.57 -11.08 -41.98
N ARG A 24 19.56 -10.60 -42.68
CA ARG A 24 19.62 -10.50 -44.14
C ARG A 24 20.16 -9.12 -44.57
N LEU A 25 19.61 -8.07 -43.97
CA LEU A 25 19.92 -6.70 -44.38
C LEU A 25 21.35 -6.24 -44.08
N LEU A 26 21.91 -6.72 -42.97
CA LEU A 26 23.24 -6.27 -42.55
C LEU A 26 24.35 -6.66 -43.54
N PRO A 27 24.42 -7.95 -43.92
CA PRO A 27 25.47 -8.31 -44.86
C PRO A 27 25.26 -7.66 -46.22
N ALA A 28 24.02 -7.62 -46.69
CA ALA A 28 23.71 -7.08 -48.01
C ALA A 28 23.98 -5.58 -48.12
N SER A 29 24.09 -4.90 -46.98
CA SER A 29 24.28 -3.46 -46.98
C SER A 29 25.72 -3.08 -47.31
N HIS A 30 26.61 -4.06 -47.28
CA HIS A 30 28.04 -3.81 -47.47
C HIS A 30 28.33 -3.07 -48.77
N LEU A 31 29.23 -2.10 -48.70
CA LEU A 31 29.69 -1.40 -49.89
C LEU A 31 31.23 -1.35 -49.92
N SER A 32 31.78 -1.30 -51.12
CA SER A 32 33.23 -1.22 -51.28
C SER A 32 33.74 0.13 -50.80
N PRO A 33 35.04 0.19 -50.47
CA PRO A 33 35.63 1.46 -50.02
C PRO A 33 35.40 2.63 -50.99
N PRO A 34 35.49 2.40 -52.30
CA PRO A 34 35.26 3.52 -53.22
C PRO A 34 33.79 3.94 -53.26
N GLN A 35 32.88 2.99 -53.05
CA GLN A 35 31.46 3.30 -53.01
C GLN A 35 31.15 4.18 -51.81
N GLU A 36 31.67 3.77 -50.65
CA GLU A 36 31.51 4.50 -49.41
C GLU A 36 32.16 5.88 -49.45
N ALA A 37 33.27 5.97 -50.18
CA ALA A 37 33.99 7.23 -50.32
C ALA A 37 33.18 8.25 -51.10
N ARG A 38 32.54 7.82 -52.20
CA ARG A 38 31.68 8.72 -52.96
C ARG A 38 30.49 9.16 -52.10
N ILE A 39 29.92 8.21 -51.37
CA ILE A 39 28.76 8.50 -50.54
C ILE A 39 29.11 9.53 -49.48
N HIS A 40 30.26 9.31 -48.84
CA HIS A 40 30.72 10.18 -47.77
C HIS A 40 30.89 11.61 -48.27
N ARG A 41 31.49 11.73 -49.46
CA ARG A 41 31.75 13.04 -50.05
C ARG A 41 30.47 13.78 -50.43
N THR A 42 29.62 13.13 -51.23
CA THR A 42 28.31 13.67 -51.59
C THR A 42 27.53 14.12 -50.36
N ALA A 43 27.46 13.25 -49.36
CA ALA A 43 26.70 13.54 -48.15
C ALA A 43 27.27 14.70 -47.33
N THR A 44 28.59 14.76 -47.20
CA THR A 44 29.24 15.88 -46.53
C THR A 44 28.90 17.19 -47.24
N ARG A 45 28.94 17.18 -48.56
CA ARG A 45 28.62 18.37 -49.33
C ARG A 45 27.16 18.79 -49.15
N LEU A 46 26.27 17.82 -49.06
CA LEU A 46 24.85 18.12 -48.84
C LEU A 46 24.64 18.77 -47.48
N ILE A 47 25.27 18.19 -46.46
CA ILE A 47 25.13 18.69 -45.09
C ILE A 47 25.80 20.06 -44.90
N GLU A 48 26.93 20.28 -45.56
CA GLU A 48 27.57 21.59 -45.56
C GLU A 48 26.64 22.66 -46.10
N ALA A 49 25.98 22.35 -47.22
CA ALA A 49 25.00 23.26 -47.79
C ALA A 49 23.85 23.48 -46.80
N ILE A 50 23.40 22.40 -46.17
CA ILE A 50 22.31 22.51 -45.22
C ILE A 50 22.70 23.44 -44.06
N ARG A 51 23.95 23.34 -43.64
CA ARG A 51 24.42 24.15 -42.52
C ARG A 51 25.00 25.50 -42.94
N LYS A 52 24.82 25.85 -44.21
CA LYS A 52 25.22 27.18 -44.67
C LYS A 52 24.44 28.22 -43.88
N ARG A 53 23.12 28.25 -44.10
CA ARG A 53 22.20 29.12 -43.37
C ARG A 53 22.28 30.58 -43.83
N ARG A 56 19.13 32.34 -46.50
CA ARG A 56 17.97 31.50 -46.20
C ARG A 56 17.24 31.98 -44.95
N LEU A 57 15.99 31.56 -44.80
CA LEU A 57 15.19 31.92 -43.64
C LEU A 57 15.16 30.77 -42.63
N GLY A 58 14.44 29.71 -42.95
CA GLY A 58 14.40 28.54 -42.09
C GLY A 58 13.14 27.71 -42.23
N GLY A 59 13.05 26.67 -41.40
CA GLY A 59 11.88 25.80 -41.38
C GLY A 59 11.27 25.68 -40.00
N VAL A 60 10.29 24.81 -39.86
CA VAL A 60 9.58 24.62 -38.60
C VAL A 60 10.53 24.19 -37.49
N GLU A 61 11.42 23.25 -37.81
CA GLU A 61 12.42 22.77 -36.86
C GLU A 61 13.30 23.92 -36.36
N ASP A 62 13.62 24.85 -37.23
CA ASP A 62 14.39 26.02 -36.83
C ASP A 62 13.61 26.84 -35.81
N MET A 63 12.32 27.00 -36.04
CA MET A 63 11.49 27.77 -35.11
C MET A 63 11.35 27.06 -33.77
N LEU A 64 11.09 25.77 -33.81
CA LEU A 64 10.95 24.99 -32.58
C LEU A 64 12.25 25.05 -31.76
N ARG A 65 13.38 24.97 -32.45
CA ARG A 65 14.67 24.98 -31.78
C ARG A 65 14.98 26.38 -31.26
N GLU A 66 14.79 27.39 -32.11
CA GLU A 66 15.11 28.77 -31.75
C GLU A 66 14.42 29.25 -30.48
N PHE A 67 13.13 28.96 -30.34
CA PHE A 67 12.40 29.37 -29.15
C PHE A 67 12.20 28.24 -28.14
N ALA A 68 12.85 27.12 -28.39
CA ALA A 68 12.72 25.95 -27.53
C ALA A 68 11.25 25.62 -27.27
N LEU A 69 10.49 25.48 -28.36
CA LEU A 69 9.05 25.21 -28.27
C LEU A 69 8.73 23.71 -28.23
N SER A 70 7.77 23.34 -27.40
CA SER A 70 7.15 22.03 -27.49
C SER A 70 6.36 21.94 -28.80
N THR A 71 5.97 20.72 -29.19
CA THR A 71 5.13 20.55 -30.36
C THR A 71 3.79 21.27 -30.17
N LYS A 72 3.26 21.25 -28.95
CA LYS A 72 1.99 21.92 -28.67
C LYS A 72 2.12 23.44 -28.86
N GLU A 73 3.25 23.99 -28.44
CA GLU A 73 3.49 25.42 -28.54
C GLU A 73 3.69 25.84 -29.99
N GLY A 74 4.43 25.02 -30.73
CA GLY A 74 4.61 25.25 -32.15
C GLY A 74 3.26 25.25 -32.84
N LEU A 75 2.42 24.27 -32.51
CA LEU A 75 1.11 24.15 -33.13
C LEU A 75 0.25 25.37 -32.84
N ALA A 76 0.24 25.81 -31.59
CA ALA A 76 -0.60 26.95 -31.21
C ALA A 76 -0.18 28.23 -31.93
N LEU A 77 1.13 28.42 -32.11
CA LEU A 77 1.61 29.64 -32.75
C LEU A 77 1.35 29.62 -34.26
N MET A 78 1.46 28.44 -34.86
CA MET A 78 1.16 28.28 -36.29
C MET A 78 -0.31 28.50 -36.58
N VAL A 79 -1.17 28.08 -35.66
CA VAL A 79 -2.60 28.29 -35.78
C VAL A 79 -2.90 29.78 -35.67
N LEU A 80 -2.33 30.42 -34.66
CA LEU A 80 -2.50 31.86 -34.49
C LEU A 80 -1.97 32.59 -35.73
N ALA A 81 -0.82 32.13 -36.24
CA ALA A 81 -0.22 32.71 -37.43
C ALA A 81 -1.18 32.69 -38.62
N GLU A 82 -1.82 31.55 -38.88
CA GLU A 82 -2.74 31.46 -40.02
C GLU A 82 -3.93 32.40 -39.87
N ALA A 83 -4.54 32.44 -38.69
CA ALA A 83 -5.61 33.38 -38.42
C ALA A 83 -5.16 34.79 -38.70
N LEU A 84 -3.97 35.16 -38.21
CA LEU A 84 -3.44 36.51 -38.43
C LEU A 84 -3.14 36.81 -39.91
N LEU A 85 -2.72 35.80 -40.66
CA LEU A 85 -2.44 35.97 -42.08
C LEU A 85 -3.71 36.19 -42.89
N ARG A 86 -4.84 35.76 -42.36
CA ARG A 86 -6.07 35.83 -43.13
C ARG A 86 -6.88 37.08 -42.80
N VAL A 87 -6.35 37.94 -41.93
CA VAL A 87 -6.98 39.22 -41.64
C VAL A 87 -6.74 40.18 -42.81
N PRO A 88 -7.82 40.82 -43.29
CA PRO A 88 -7.81 41.63 -44.52
C PRO A 88 -6.70 42.68 -44.54
N ASP A 89 -6.52 43.37 -43.42
CA ASP A 89 -5.59 44.49 -43.33
C ASP A 89 -4.37 44.08 -42.51
N ALA A 90 -3.20 44.00 -43.16
CA ALA A 90 -1.98 43.61 -42.48
C ALA A 90 -1.70 44.52 -41.28
N ARG A 91 -2.03 45.80 -41.39
CA ARG A 91 -1.85 46.74 -40.30
C ARG A 91 -2.71 46.32 -39.11
N THR A 92 -3.84 45.70 -39.41
CA THR A 92 -4.71 45.17 -38.37
C THR A 92 -4.00 44.06 -37.58
N ALA A 93 -3.37 43.14 -38.31
CA ALA A 93 -2.63 42.06 -37.67
C ALA A 93 -1.50 42.64 -36.82
N ASP A 94 -0.73 43.55 -37.42
CA ASP A 94 0.39 44.21 -36.75
C ASP A 94 -0.01 44.79 -35.40
N GLN A 95 -1.14 45.49 -35.39
CA GLN A 95 -1.63 46.14 -34.18
C GLN A 95 -2.01 45.10 -33.13
N PHE A 96 -2.66 44.03 -33.58
CA PHE A 96 -3.04 42.97 -32.68
C PHE A 96 -1.78 42.39 -32.04
N ILE A 97 -0.81 42.05 -32.88
CA ILE A 97 0.44 41.44 -32.42
C ILE A 97 1.17 42.28 -31.38
N GLU A 98 1.30 43.58 -31.62
CA GLU A 98 2.00 44.46 -30.69
C GLU A 98 1.16 44.84 -29.47
N ASP A 99 -0.13 45.09 -29.66
CA ASP A 99 -0.96 45.67 -28.61
C ASP A 99 -1.68 44.66 -27.74
N LYS A 100 -2.13 43.56 -28.34
CA LYS A 100 -3.02 42.62 -27.65
C LYS A 100 -2.34 41.30 -27.30
N LEU A 101 -1.72 40.69 -28.31
CA LEU A 101 -1.04 39.42 -28.13
C LEU A 101 0.02 39.52 -27.03
N GLY A 102 0.01 38.57 -26.11
CA GLY A 102 1.00 38.54 -25.05
C GLY A 102 0.71 39.48 -23.91
N GLU A 103 -0.25 40.38 -24.11
CA GLU A 103 -0.65 41.31 -23.06
C GLU A 103 -1.67 40.69 -22.12
N GLY A 104 -2.46 39.76 -22.65
CA GLY A 104 -3.56 39.16 -21.93
C GLY A 104 -4.47 38.42 -22.88
N ASP A 105 -5.68 38.09 -22.42
CA ASP A 105 -6.61 37.34 -23.25
C ASP A 105 -5.94 36.12 -23.88
N PHE A 106 -5.07 35.49 -23.10
CA PHE A 106 -4.25 34.39 -23.60
C PHE A 106 -5.09 33.21 -24.11
N ILE A 107 -6.02 32.74 -23.28
CA ILE A 107 -6.85 31.58 -23.63
C ILE A 107 -7.83 31.95 -24.73
N HIS A 108 -8.37 33.17 -24.65
CA HIS A 108 -9.25 33.72 -25.67
C HIS A 108 -8.58 33.71 -27.06
N HIS A 109 -7.33 34.18 -27.13
CA HIS A 109 -6.62 34.18 -28.41
C HIS A 109 -6.41 32.77 -28.94
N GLU A 110 -5.99 31.86 -28.07
CA GLU A 110 -5.78 30.47 -28.47
C GLU A 110 -7.10 29.83 -28.92
N THR A 111 -8.17 30.09 -28.17
CA THR A 111 -9.48 29.51 -28.50
C THR A 111 -10.03 30.08 -29.81
N LYS A 112 -10.03 31.39 -29.94
CA LYS A 112 -10.54 32.04 -31.16
C LYS A 112 -9.77 31.64 -32.40
N SER A 113 -8.44 31.68 -32.33
CA SER A 113 -7.62 31.35 -33.51
C SER A 113 -7.84 29.91 -33.96
N THR A 114 -8.06 29.01 -33.01
CA THR A 114 -8.31 27.61 -33.36
C THR A 114 -9.72 27.41 -33.92
N ALA A 115 -10.71 28.05 -33.31
CA ALA A 115 -12.10 28.02 -33.81
C ALA A 115 -12.17 28.56 -35.24
N PHE A 116 -11.34 29.57 -35.51
CA PHE A 116 -11.27 30.16 -36.84
C PHE A 116 -11.12 29.11 -37.94
N LEU A 117 -10.40 28.04 -37.65
CA LEU A 117 -10.13 27.00 -38.65
C LEU A 117 -11.37 26.25 -39.08
N VAL A 118 -12.38 26.17 -38.23
CA VAL A 118 -13.64 25.55 -38.64
C VAL A 118 -14.76 26.57 -38.81
N ASN A 119 -14.65 27.69 -38.10
CA ASN A 119 -15.70 28.69 -38.06
C ASN A 119 -15.08 30.06 -38.28
N ALA A 120 -14.90 30.41 -39.55
CA ALA A 120 -14.22 31.65 -39.91
C ALA A 120 -14.79 32.88 -39.21
N SER A 121 -16.12 32.96 -39.13
CA SER A 121 -16.76 34.13 -38.54
C SER A 121 -16.48 34.29 -37.05
N ALA A 122 -16.02 33.23 -36.40
CA ALA A 122 -15.74 33.27 -34.96
C ALA A 122 -14.63 34.27 -34.61
N TRP A 123 -13.65 34.40 -35.49
CA TRP A 123 -12.51 35.30 -35.26
C TRP A 123 -12.72 36.64 -35.98
N ALA A 124 -12.78 37.72 -35.20
CA ALA A 124 -13.05 39.04 -35.76
C ALA A 124 -12.02 40.07 -35.29
N ALA A 129 -12.99 43.71 -31.15
CA ALA A 129 -12.08 44.49 -30.32
C ALA A 129 -12.44 44.39 -28.85
N ARG A 130 -11.61 43.66 -28.10
CA ARG A 130 -11.77 43.54 -26.65
C ARG A 130 -10.93 44.60 -25.92
N VAL A 131 -11.00 44.58 -24.59
CA VAL A 131 -10.17 45.47 -23.77
C VAL A 131 -9.43 44.64 -22.72
N ILE A 132 -8.11 44.58 -22.83
CA ILE A 132 -7.30 43.72 -21.97
C ILE A 132 -6.86 44.41 -20.67
N GLN A 133 -7.42 43.96 -19.55
CA GLN A 133 -7.03 44.45 -18.23
C GLN A 133 -5.63 43.97 -17.89
N PRO A 134 -4.84 44.83 -17.23
CA PRO A 134 -3.46 44.51 -16.86
C PRO A 134 -3.39 43.51 -15.71
N GLY A 135 -2.25 42.84 -15.57
CA GLY A 135 -2.02 41.94 -14.45
C GLY A 135 -2.68 40.58 -14.56
N GLU A 136 -3.15 40.23 -15.76
CA GLU A 136 -3.80 38.95 -15.96
C GLU A 136 -2.83 37.79 -15.77
N THR A 137 -3.26 36.79 -15.00
CA THR A 137 -2.47 35.58 -14.83
C THR A 137 -2.21 34.93 -16.18
N PRO A 138 -0.94 34.76 -16.53
CA PRO A 138 -0.59 34.13 -17.81
C PRO A 138 -0.92 32.64 -17.82
N ASP A 139 -2.04 32.28 -18.42
CA ASP A 139 -2.42 30.88 -18.54
C ASP A 139 -2.69 30.53 -19.99
N GLY A 140 -2.98 29.26 -20.24
CA GLY A 140 -3.15 28.79 -21.60
C GLY A 140 -1.80 28.49 -22.21
N THR A 141 -1.80 27.94 -23.43
CA THR A 141 -0.55 27.61 -24.10
C THR A 141 0.26 28.86 -24.37
N ILE A 142 -0.44 29.93 -24.74
CA ILE A 142 0.19 31.21 -25.05
C ILE A 142 0.66 31.91 -23.78
N GLY A 143 -0.18 31.91 -22.74
CA GLY A 143 0.19 32.54 -21.49
C GLY A 143 1.38 31.85 -20.86
N ARG A 144 1.42 30.53 -20.93
CA ARG A 144 2.55 29.79 -20.38
C ARG A 144 3.82 30.12 -21.17
N LEU A 145 3.66 30.26 -22.49
CA LEU A 145 4.76 30.66 -23.36
C LEU A 145 5.25 32.06 -23.00
N VAL A 146 4.32 32.95 -22.70
CA VAL A 146 4.65 34.33 -22.37
C VAL A 146 5.42 34.40 -21.05
N LYS A 147 4.97 33.63 -20.07
CA LYS A 147 5.63 33.56 -18.78
C LYS A 147 7.08 33.07 -18.95
N ARG A 148 7.28 32.12 -19.86
CA ARG A 148 8.59 31.50 -20.03
C ARG A 148 9.56 32.33 -20.86
N LEU A 149 9.07 32.84 -22.00
CA LEU A 149 9.92 33.56 -22.95
C LEU A 149 9.81 35.09 -22.82
N GLY A 150 8.66 35.57 -22.33
CA GLY A 150 8.37 36.99 -22.34
C GLY A 150 7.48 37.30 -23.53
N ALA A 151 6.62 38.31 -23.41
CA ALA A 151 5.70 38.65 -24.49
C ALA A 151 6.41 39.03 -25.80
N PRO A 152 7.49 39.83 -25.73
CA PRO A 152 8.16 40.20 -26.98
C PRO A 152 8.68 39.01 -27.79
N ALA A 153 9.24 38.00 -27.14
CA ALA A 153 9.73 36.83 -27.86
C ALA A 153 8.58 36.05 -28.49
N VAL A 154 7.43 36.02 -27.81
CA VAL A 154 6.27 35.32 -28.35
C VAL A 154 5.77 36.01 -29.62
N ARG A 155 5.79 37.35 -29.63
CA ARG A 155 5.42 38.10 -30.83
C ARG A 155 6.39 37.77 -31.95
N THR A 156 7.68 37.78 -31.64
CA THR A 156 8.70 37.43 -32.63
C THR A 156 8.51 36.00 -33.15
N ALA A 157 8.27 35.06 -32.24
CA ALA A 157 8.00 33.68 -32.65
C ALA A 157 6.74 33.58 -33.52
N THR A 158 5.71 34.35 -33.17
CA THR A 158 4.46 34.35 -33.94
C THR A 158 4.67 34.91 -35.35
N ARG A 159 5.48 35.96 -35.46
CA ARG A 159 5.81 36.53 -36.78
C ARG A 159 6.55 35.52 -37.65
N GLN A 160 7.45 34.76 -37.04
CA GLN A 160 8.15 33.70 -37.76
C GLN A 160 7.19 32.61 -38.22
N ALA A 161 6.25 32.25 -37.34
CA ALA A 161 5.24 31.25 -37.71
C ALA A 161 4.45 31.76 -38.91
N MET A 162 4.23 33.07 -38.95
CA MET A 162 3.49 33.68 -40.05
C MET A 162 4.22 33.53 -41.38
N ARG A 163 5.54 33.71 -41.40
CA ARG A 163 6.26 33.51 -42.65
C ARG A 163 6.29 32.04 -43.04
N LEU A 164 6.30 31.14 -42.05
CA LEU A 164 6.31 29.73 -42.37
C LEU A 164 4.95 29.30 -42.97
N MET A 165 3.87 29.74 -42.34
CA MET A 165 2.54 29.39 -42.80
C MET A 165 2.27 29.99 -44.18
N GLY A 166 2.76 31.20 -44.39
CA GLY A 166 2.50 31.89 -45.64
C GLY A 166 3.36 31.36 -46.77
N ASN A 167 4.55 30.87 -46.45
CA ASN A 167 5.48 30.42 -47.49
C ASN A 167 5.38 28.94 -47.82
N HIS A 168 5.00 28.13 -46.84
CA HIS A 168 5.12 26.67 -46.99
C HIS A 168 3.79 25.93 -47.02
N PHE A 169 2.70 26.67 -46.88
CA PHE A 169 1.39 26.07 -46.98
C PHE A 169 0.57 26.84 -48.00
N VAL A 170 -0.29 26.14 -48.74
CA VAL A 170 -1.24 26.77 -49.64
C VAL A 170 -2.65 26.54 -49.09
N LEU A 171 -3.16 27.55 -48.40
CA LEU A 171 -4.36 27.40 -47.57
C LEU A 171 -5.47 28.36 -47.93
N GLY A 172 -6.72 27.98 -47.64
CA GLY A 172 -7.86 28.84 -47.82
C GLY A 172 -9.04 28.33 -47.01
N GLU A 173 -10.09 29.15 -46.90
CA GLU A 173 -11.29 28.71 -46.19
C GLU A 173 -11.97 27.57 -46.93
N THR A 174 -11.84 27.58 -48.25
CA THR A 174 -12.36 26.52 -49.09
C THR A 174 -11.25 26.09 -50.04
N ILE A 175 -11.43 24.97 -50.74
CA ILE A 175 -10.40 24.50 -51.65
C ILE A 175 -10.19 25.53 -52.77
N GLU A 176 -11.29 26.12 -53.26
CA GLU A 176 -11.21 27.11 -54.34
C GLU A 176 -10.28 28.26 -53.97
N GLN A 177 -10.34 28.70 -52.72
CA GLN A 177 -9.54 29.83 -52.28
C GLN A 177 -8.08 29.43 -52.23
N ALA A 178 -7.81 28.24 -51.69
CA ALA A 178 -6.46 27.70 -51.63
C ALA A 178 -5.86 27.61 -53.02
N LEU A 179 -6.61 27.02 -53.95
CA LEU A 179 -6.16 26.81 -55.32
C LEU A 179 -5.88 28.12 -56.04
N GLU A 180 -6.77 29.10 -55.85
CA GLU A 180 -6.54 30.42 -56.46
C GLU A 180 -5.26 31.04 -55.89
N ARG A 181 -5.06 30.88 -54.60
CA ARG A 181 -3.89 31.46 -53.95
C ARG A 181 -2.60 30.78 -54.41
N GLY A 182 -2.69 29.51 -54.77
CA GLY A 182 -1.51 28.75 -55.13
C GLY A 182 -1.15 28.81 -56.60
N LYS A 183 -1.95 29.51 -57.40
CA LYS A 183 -1.70 29.58 -58.84
C LYS A 183 -0.41 30.31 -59.20
N PRO A 184 0.19 29.94 -60.35
CA PRO A 184 1.37 30.57 -60.95
C PRO A 184 1.03 31.84 -61.72
N ARG A 185 2.03 32.47 -62.34
CA ARG A 185 1.86 33.74 -63.05
C ARG A 185 0.81 33.71 -64.18
N SER A 186 1.20 33.16 -65.34
CA SER A 186 0.30 33.11 -66.49
C SER A 186 0.85 32.21 -67.58
N GLY A 187 -0.04 31.45 -68.23
CA GLY A 187 0.37 30.47 -69.22
C GLY A 187 1.56 29.67 -68.72
N GLN A 188 1.63 29.52 -67.40
CA GLN A 188 2.79 28.90 -66.77
C GLN A 188 2.46 27.62 -66.01
N LYS A 189 3.50 26.86 -65.66
CA LYS A 189 3.35 25.62 -64.93
C LYS A 189 3.65 25.81 -63.45
N THR A 190 2.91 25.10 -62.61
CA THR A 190 3.17 25.12 -61.16
C THR A 190 4.49 24.41 -60.90
N ARG A 191 5.33 25.04 -60.07
CA ARG A 191 6.63 24.45 -59.72
C ARG A 191 6.50 23.41 -58.62
N TYR A 192 5.27 23.08 -58.25
CA TYR A 192 5.03 22.18 -57.13
C TYR A 192 3.94 21.16 -57.40
N SER A 193 4.10 19.98 -56.85
CA SER A 193 3.02 19.01 -56.82
C SER A 193 2.23 19.21 -55.53
N PHE A 194 1.03 18.65 -55.46
CA PHE A 194 0.10 18.96 -54.38
C PHE A 194 0.01 17.81 -53.39
N ASP A 195 0.40 18.09 -52.16
CA ASP A 195 0.13 17.19 -51.05
C ASP A 195 -1.16 17.69 -50.40
N MET A 196 -2.28 17.09 -50.78
CA MET A 196 -3.58 17.56 -50.32
C MET A 196 -3.79 17.30 -48.82
N LEU A 197 -4.29 18.31 -48.12
CA LEU A 197 -4.47 18.21 -46.66
C LEU A 197 -5.39 17.09 -46.17
N GLY A 198 -6.43 16.78 -46.93
CA GLY A 198 -7.47 15.90 -46.43
C GLY A 198 -7.09 14.51 -45.96
N GLU A 199 -7.72 14.07 -44.87
CA GLU A 199 -7.57 12.70 -44.40
C GLU A 199 -8.78 12.29 -43.53
N GLY A 200 -9.03 10.99 -43.44
CA GLY A 200 -10.06 10.46 -42.56
C GLY A 200 -11.40 11.17 -42.60
N ALA A 201 -12.14 10.99 -43.69
CA ALA A 201 -13.54 11.43 -43.70
C ALA A 201 -14.27 10.78 -42.52
N ARG A 202 -14.99 11.59 -41.76
CA ARG A 202 -15.83 11.10 -40.68
C ARG A 202 -17.28 10.93 -41.14
N THR A 203 -17.65 11.65 -42.21
CA THR A 203 -19.03 11.65 -42.68
C THR A 203 -19.06 11.41 -44.17
N ALA A 204 -20.23 11.05 -44.68
CA ALA A 204 -20.44 10.88 -46.11
C ALA A 204 -20.18 12.21 -46.83
N ALA A 205 -20.66 13.29 -46.24
CA ALA A 205 -20.41 14.60 -46.82
C ALA A 205 -18.91 14.94 -46.86
N ASP A 206 -18.14 14.53 -45.84
CA ASP A 206 -16.69 14.76 -45.86
C ASP A 206 -16.07 14.08 -47.07
N ALA A 207 -16.42 12.82 -47.27
CA ALA A 207 -15.88 12.03 -48.38
C ALA A 207 -16.16 12.66 -49.75
N ARG A 208 -17.33 13.27 -49.91
CA ARG A 208 -17.70 13.95 -51.16
C ARG A 208 -16.90 15.24 -51.32
N ARG A 209 -16.76 15.97 -50.22
CA ARG A 209 -16.01 17.23 -50.23
C ARG A 209 -14.57 16.97 -50.64
N TYR A 210 -13.96 15.95 -50.05
CA TYR A 210 -12.57 15.63 -50.36
C TYR A 210 -12.43 15.17 -51.81
N PHE A 211 -13.36 14.34 -52.26
CA PHE A 211 -13.39 13.95 -53.67
C PHE A 211 -13.43 15.19 -54.57
N ASP A 212 -14.34 16.10 -54.27
CA ASP A 212 -14.49 17.33 -55.06
C ASP A 212 -13.21 18.17 -55.01
N ALA A 213 -12.62 18.30 -53.84
CA ALA A 213 -11.37 19.04 -53.70
C ALA A 213 -10.25 18.46 -54.57
N TYR A 214 -10.09 17.14 -54.54
CA TYR A 214 -9.10 16.49 -55.39
C TYR A 214 -9.41 16.78 -56.85
N ALA A 215 -10.67 16.60 -57.23
CA ALA A 215 -11.11 16.81 -58.60
C ALA A 215 -10.77 18.23 -59.03
N SER A 216 -11.08 19.19 -58.18
CA SER A 216 -10.75 20.59 -58.44
C SER A 216 -9.24 20.82 -58.53
N ALA A 217 -8.48 20.15 -57.67
CA ALA A 217 -7.02 20.33 -57.66
C ALA A 217 -6.40 19.79 -58.95
N ILE A 218 -6.87 18.64 -59.38
CA ILE A 218 -6.44 18.02 -60.63
C ILE A 218 -6.66 18.96 -61.83
N GLU A 219 -7.80 19.63 -61.90
CA GLU A 219 -8.04 20.60 -62.96
C GLU A 219 -7.09 21.79 -62.88
N THR A 220 -6.92 22.33 -61.68
CA THR A 220 -5.99 23.44 -61.49
C THR A 220 -4.57 23.06 -61.91
N ILE A 221 -4.08 21.94 -61.37
CA ILE A 221 -2.75 21.45 -61.71
C ILE A 221 -2.66 21.21 -63.21
N GLY A 222 -3.71 20.60 -63.76
CA GLY A 222 -3.76 20.26 -65.17
C GLY A 222 -3.55 21.45 -66.08
N LYS A 223 -4.35 22.50 -65.88
CA LYS A 223 -4.29 23.68 -66.73
C LYS A 223 -2.94 24.39 -66.66
N ALA A 224 -2.13 24.03 -65.67
CA ALA A 224 -0.80 24.61 -65.52
C ALA A 224 0.27 23.51 -65.42
N ALA A 225 0.23 22.55 -66.33
CA ALA A 225 1.10 21.38 -66.24
C ALA A 225 2.36 21.42 -67.12
N GLY A 226 2.42 22.38 -68.04
CA GLY A 226 3.54 22.42 -68.98
C GLY A 226 3.33 21.45 -70.12
N ASN A 227 4.30 21.39 -71.03
CA ASN A 227 4.17 20.59 -72.25
C ASN A 227 5.05 19.33 -72.26
N HIS A 228 5.88 19.16 -71.24
CA HIS A 228 6.78 18.03 -71.17
C HIS A 228 6.06 16.75 -70.79
N ALA A 229 6.70 15.61 -71.07
CA ALA A 229 6.15 14.31 -70.74
C ALA A 229 6.48 13.94 -69.29
N LEU A 230 5.77 12.96 -68.74
CA LEU A 230 6.18 12.33 -67.49
C LEU A 230 7.62 11.87 -67.66
N PRO A 231 8.43 11.98 -66.60
CA PRO A 231 8.03 12.30 -65.22
C PRO A 231 7.98 13.80 -64.98
N ASP A 232 8.21 14.60 -66.01
CA ASP A 232 8.35 16.04 -65.82
C ASP A 232 7.00 16.76 -65.89
N ARG A 233 6.01 16.22 -65.18
CA ARG A 233 4.72 16.87 -65.01
C ARG A 233 4.36 16.80 -63.52
N PRO A 234 3.43 17.65 -63.07
CA PRO A 234 3.12 17.74 -61.64
C PRO A 234 2.32 16.54 -61.15
N GLY A 235 2.31 16.35 -59.84
CA GLY A 235 1.58 15.27 -59.22
C GLY A 235 0.57 15.73 -58.18
N ILE A 236 -0.32 14.82 -57.81
CA ILE A 236 -1.22 15.05 -56.70
C ILE A 236 -1.18 13.83 -55.79
N SER A 237 -1.21 14.07 -54.48
CA SER A 237 -1.27 13.00 -53.49
C SER A 237 -2.66 12.88 -52.92
N VAL A 238 -3.12 11.64 -52.78
CA VAL A 238 -4.48 11.33 -52.36
C VAL A 238 -4.48 10.30 -51.23
N LYS A 239 -5.39 10.45 -50.28
CA LYS A 239 -5.53 9.50 -49.18
C LYS A 239 -6.86 8.75 -49.22
N LEU A 240 -6.78 7.42 -49.22
CA LEU A 240 -8.00 6.61 -49.25
C LEU A 240 -8.93 6.94 -48.08
N SER A 241 -8.38 7.24 -46.91
CA SER A 241 -9.24 7.50 -45.75
C SER A 241 -10.06 8.78 -45.93
N ALA A 242 -9.57 9.67 -46.80
CA ALA A 242 -10.31 10.89 -47.10
C ALA A 242 -11.53 10.62 -47.98
N LEU A 243 -11.48 9.52 -48.73
CA LEU A 243 -12.51 9.21 -49.73
C LEU A 243 -13.58 8.24 -49.26
N HIS A 244 -13.44 7.74 -48.04
CA HIS A 244 -14.43 6.82 -47.48
C HIS A 244 -14.48 6.97 -45.94
N PRO A 245 -15.69 7.06 -45.38
CA PRO A 245 -15.95 7.37 -43.96
C PRO A 245 -15.76 6.19 -43.01
N ARG A 246 -15.75 4.96 -43.53
CA ARG A 246 -15.36 3.81 -42.71
C ARG A 246 -14.33 3.01 -43.46
N PHE A 247 -13.15 3.62 -43.67
CA PHE A 247 -12.05 2.95 -44.35
C PHE A 247 -11.32 2.06 -43.36
N GLU A 248 -11.74 0.79 -43.30
CA GLU A 248 -11.29 -0.13 -42.28
C GLU A 248 -11.55 -1.57 -42.73
N ALA A 249 -10.71 -2.49 -42.26
CA ALA A 249 -10.82 -3.90 -42.61
C ALA A 249 -12.23 -4.49 -42.45
N ILE A 250 -12.88 -4.24 -41.32
CA ILE A 250 -14.18 -4.87 -41.07
C ILE A 250 -15.27 -4.35 -42.01
N SER A 251 -15.05 -3.20 -42.62
CA SER A 251 -15.99 -2.68 -43.60
C SER A 251 -15.49 -2.91 -45.03
N ARG A 252 -14.59 -3.88 -45.20
CA ARG A 252 -14.01 -4.13 -46.52
C ARG A 252 -15.06 -4.32 -47.63
N ALA A 253 -16.14 -5.03 -47.33
CA ALA A 253 -17.15 -5.29 -48.36
C ALA A 253 -17.71 -4.00 -48.97
N ARG A 254 -18.15 -3.08 -48.12
CA ARG A 254 -18.71 -1.83 -48.64
C ARG A 254 -17.63 -0.92 -49.24
N VAL A 255 -16.43 -0.97 -48.68
CA VAL A 255 -15.30 -0.18 -49.20
C VAL A 255 -14.99 -0.53 -50.67
N MET A 256 -14.91 -1.82 -50.97
CA MET A 256 -14.56 -2.25 -52.33
C MET A 256 -15.61 -1.83 -53.34
N VAL A 257 -16.84 -1.70 -52.87
CA VAL A 257 -17.96 -1.38 -53.74
C VAL A 257 -18.15 0.15 -53.89
N GLU A 258 -17.80 0.90 -52.85
CA GLU A 258 -18.02 2.35 -52.84
C GLU A 258 -16.78 3.17 -53.17
N LEU A 259 -15.64 2.78 -52.63
CA LEU A 259 -14.42 3.57 -52.75
C LEU A 259 -13.76 3.48 -54.14
N VAL A 260 -13.66 2.27 -54.67
CA VAL A 260 -13.01 2.05 -55.96
C VAL A 260 -13.52 2.95 -57.10
N PRO A 261 -14.84 3.04 -57.28
CA PRO A 261 -15.30 3.91 -58.39
C PRO A 261 -14.89 5.35 -58.15
N GLN A 262 -14.84 5.77 -56.89
CA GLN A 262 -14.42 7.13 -56.57
C GLN A 262 -12.96 7.36 -56.93
N LEU A 263 -12.08 6.45 -56.50
CA LEU A 263 -10.66 6.56 -56.78
C LEU A 263 -10.41 6.45 -58.28
N LEU A 264 -11.21 5.63 -58.94
CA LEU A 264 -11.09 5.48 -60.39
C LEU A 264 -11.42 6.79 -61.10
N ASP A 265 -12.52 7.42 -60.70
CA ASP A 265 -12.93 8.70 -61.28
C ASP A 265 -11.81 9.73 -61.17
N LEU A 266 -11.21 9.82 -59.98
CA LEU A 266 -10.11 10.76 -59.78
C LEU A 266 -8.87 10.41 -60.63
N ALA A 267 -8.53 9.12 -60.70
CA ALA A 267 -7.40 8.67 -61.54
C ALA A 267 -7.61 9.01 -63.01
N GLN A 268 -8.84 8.83 -63.48
CA GLN A 268 -9.19 9.15 -64.86
C GLN A 268 -9.02 10.65 -65.14
N ARG A 269 -9.40 11.47 -64.17
CA ARG A 269 -9.27 12.91 -64.32
C ARG A 269 -7.80 13.32 -64.36
N ALA A 270 -6.98 12.64 -63.57
CA ALA A 270 -5.54 12.86 -63.56
C ALA A 270 -4.92 12.39 -64.86
N LYS A 271 -5.35 11.21 -65.32
CA LYS A 271 -4.87 10.66 -66.58
C LYS A 271 -5.11 11.63 -67.73
N ALA A 272 -6.29 12.24 -67.77
CA ALA A 272 -6.64 13.17 -68.83
C ALA A 272 -5.69 14.37 -68.91
N HIS A 273 -5.03 14.70 -67.80
CA HIS A 273 -4.00 15.74 -67.84
C HIS A 273 -2.61 15.13 -67.80
N ASP A 274 -2.56 13.80 -67.92
CA ASP A 274 -1.31 13.05 -67.88
C ASP A 274 -0.47 13.41 -66.66
N LEU A 275 -1.10 13.36 -65.48
CA LEU A 275 -0.43 13.72 -64.24
C LEU A 275 0.12 12.49 -63.50
N ASN A 276 1.03 12.74 -62.58
CA ASN A 276 1.42 11.75 -61.60
C ASN A 276 0.32 11.72 -60.52
N PHE A 277 -0.20 10.52 -60.24
CA PHE A 277 -1.30 10.35 -59.30
C PHE A 277 -0.88 9.34 -58.22
N THR A 278 -0.67 9.81 -56.99
CA THR A 278 -0.10 8.96 -55.95
C THR A 278 -1.06 8.73 -54.78
N VAL A 279 -1.34 7.46 -54.49
CA VAL A 279 -2.09 7.09 -53.30
C VAL A 279 -1.17 6.99 -52.09
N ASP A 280 -1.37 7.87 -51.11
CA ASP A 280 -0.52 7.90 -49.93
C ASP A 280 -0.66 6.60 -49.14
N ALA A 281 0.35 6.30 -48.33
CA ALA A 281 0.30 5.16 -47.43
C ALA A 281 -0.01 5.66 -46.03
N GLU A 282 -0.93 4.97 -45.35
CA GLU A 282 -1.38 5.41 -44.03
C GLU A 282 -1.03 4.37 -42.96
N GLU A 283 -1.93 4.13 -42.01
CA GLU A 283 -1.59 3.22 -40.90
C GLU A 283 -1.41 1.78 -41.36
N ALA A 284 -0.65 1.02 -40.59
CA ALA A 284 -0.35 -0.36 -40.93
C ALA A 284 -1.59 -1.24 -41.02
N ASP A 285 -2.61 -0.94 -40.22
CA ASP A 285 -3.81 -1.77 -40.23
C ASP A 285 -4.67 -1.50 -41.46
N ARG A 286 -4.29 -0.51 -42.25
CA ARG A 286 -4.98 -0.21 -43.50
C ARG A 286 -4.19 -0.63 -44.74
N LEU A 287 -2.98 -1.18 -44.54
CA LEU A 287 -2.13 -1.55 -45.67
C LEU A 287 -2.82 -2.53 -46.64
N GLU A 288 -3.27 -3.66 -46.11
CA GLU A 288 -3.90 -4.69 -46.92
C GLU A 288 -5.14 -4.19 -47.66
N LEU A 289 -5.98 -3.44 -46.94
CA LEU A 289 -7.19 -2.90 -47.54
C LEU A 289 -6.85 -1.92 -48.64
N SER A 290 -5.84 -1.09 -48.40
CA SER A 290 -5.44 -0.09 -49.40
C SER A 290 -4.96 -0.76 -50.68
N LEU A 291 -4.18 -1.82 -50.55
CA LEU A 291 -3.68 -2.56 -51.70
C LEU A 291 -4.83 -3.23 -52.48
N ASP A 292 -5.84 -3.69 -51.77
CA ASP A 292 -7.04 -4.25 -52.41
C ASP A 292 -7.72 -3.19 -53.26
N VAL A 293 -7.91 -2.02 -52.67
CA VAL A 293 -8.56 -0.92 -53.37
C VAL A 293 -7.73 -0.48 -54.56
N ILE A 294 -6.42 -0.32 -54.33
CA ILE A 294 -5.51 0.14 -55.38
C ILE A 294 -5.45 -0.83 -56.57
N ALA A 295 -5.45 -2.13 -56.27
CA ALA A 295 -5.38 -3.14 -57.31
C ALA A 295 -6.65 -3.15 -58.16
N ALA A 296 -7.80 -3.05 -57.52
CA ALA A 296 -9.06 -3.07 -58.26
C ALA A 296 -9.20 -1.81 -59.12
N THR A 297 -8.71 -0.69 -58.60
CA THR A 297 -8.73 0.54 -59.37
C THR A 297 -7.81 0.43 -60.58
N LEU A 298 -6.59 -0.03 -60.34
CA LEU A 298 -5.58 -0.09 -61.39
C LEU A 298 -6.02 -1.03 -62.51
N ALA A 299 -6.83 -2.02 -62.15
CA ALA A 299 -7.25 -3.03 -63.13
C ALA A 299 -8.19 -2.47 -64.20
N ASP A 300 -8.84 -1.34 -63.91
CA ASP A 300 -9.81 -0.78 -64.85
C ASP A 300 -9.15 -0.39 -66.18
N PRO A 301 -9.69 -0.91 -67.29
CA PRO A 301 -9.14 -0.68 -68.63
C PRO A 301 -8.98 0.80 -68.97
N SER A 302 -9.76 1.65 -68.31
CA SER A 302 -9.71 3.09 -68.59
C SER A 302 -8.37 3.72 -68.20
N LEU A 303 -7.55 3.00 -67.44
CA LEU A 303 -6.26 3.53 -67.00
C LEU A 303 -5.09 3.08 -67.87
N LYS A 304 -5.40 2.33 -68.94
CA LYS A 304 -4.38 1.95 -69.92
C LYS A 304 -3.79 3.18 -70.59
N GLY A 305 -2.54 3.06 -71.03
CA GLY A 305 -1.90 4.11 -71.81
C GLY A 305 -1.56 5.35 -70.99
N TRP A 306 -1.30 5.17 -69.70
CA TRP A 306 -0.96 6.28 -68.82
C TRP A 306 0.02 5.79 -67.76
N ASP A 307 1.11 6.52 -67.59
CA ASP A 307 2.22 6.08 -66.76
C ASP A 307 2.33 6.81 -65.40
N GLY A 308 1.28 7.53 -65.03
CA GLY A 308 1.34 8.37 -63.84
C GLY A 308 0.78 7.80 -62.56
N PHE A 309 0.06 6.69 -62.65
CA PHE A 309 -0.56 6.09 -61.47
C PHE A 309 0.49 5.48 -60.56
N GLY A 310 0.26 5.56 -59.25
CA GLY A 310 1.20 5.03 -58.30
C GLY A 310 0.75 5.11 -56.85
N LEU A 311 1.66 4.73 -55.95
CA LEU A 311 1.37 4.67 -54.53
C LEU A 311 2.65 4.84 -53.74
N ALA A 312 2.48 5.18 -52.45
CA ALA A 312 3.60 5.26 -51.53
C ALA A 312 3.75 3.93 -50.80
N ILE A 313 4.98 3.57 -50.48
CA ILE A 313 5.31 2.38 -49.70
C ILE A 313 6.25 2.78 -48.56
N GLN A 314 5.88 2.40 -47.33
CA GLN A 314 6.62 2.80 -46.15
C GLN A 314 7.68 1.76 -45.75
N ALA A 315 8.94 2.15 -45.87
CA ALA A 315 10.05 1.26 -45.57
C ALA A 315 10.19 0.97 -44.08
N TYR A 316 9.55 1.75 -43.22
CA TYR A 316 9.67 1.47 -41.80
C TYR A 316 8.84 0.24 -41.40
N GLN A 317 8.07 -0.28 -42.34
CA GLN A 317 7.29 -1.50 -42.12
C GLN A 317 8.09 -2.72 -42.57
N LYS A 318 8.03 -3.78 -41.76
CA LYS A 318 8.70 -5.02 -42.10
C LYS A 318 8.14 -5.61 -43.40
N ARG A 319 6.89 -5.29 -43.71
CA ARG A 319 6.24 -5.81 -44.92
C ARG A 319 6.63 -5.05 -46.20
N ALA A 320 7.46 -4.02 -46.07
CA ALA A 320 7.74 -3.12 -47.20
C ALA A 320 8.24 -3.85 -48.44
N SER A 321 9.22 -4.74 -48.28
CA SER A 321 9.79 -5.45 -49.43
C SER A 321 8.74 -6.29 -50.16
N ALA A 322 7.82 -6.88 -49.40
CA ALA A 322 6.76 -7.70 -49.97
C ALA A 322 5.73 -6.85 -50.71
N VAL A 323 5.48 -5.64 -50.22
CA VAL A 323 4.59 -4.71 -50.91
C VAL A 323 5.16 -4.37 -52.29
N ILE A 324 6.48 -4.20 -52.34
CA ILE A 324 7.15 -3.90 -53.60
C ILE A 324 6.99 -5.05 -54.59
N ASP A 325 7.15 -6.28 -54.11
CA ASP A 325 6.92 -7.46 -54.96
C ASP A 325 5.50 -7.46 -55.51
N TYR A 326 4.54 -7.14 -54.64
CA TYR A 326 3.13 -7.13 -55.00
C TYR A 326 2.83 -6.05 -56.03
N VAL A 327 3.39 -4.87 -55.82
CA VAL A 327 3.19 -3.76 -56.74
C VAL A 327 3.77 -4.07 -58.11
N ASP A 328 4.96 -4.69 -58.13
CA ASP A 328 5.58 -5.06 -59.40
C ASP A 328 4.74 -6.08 -60.16
N ALA A 329 4.26 -7.10 -59.46
CA ALA A 329 3.41 -8.12 -60.07
C ALA A 329 2.14 -7.51 -60.61
N LEU A 330 1.60 -6.54 -59.88
CA LEU A 330 0.43 -5.81 -60.29
C LEU A 330 0.72 -5.10 -61.62
N ALA A 331 1.88 -4.45 -61.67
CA ALA A 331 2.28 -3.71 -62.87
C ALA A 331 2.43 -4.62 -64.07
N ARG A 332 3.09 -5.76 -63.89
CA ARG A 332 3.31 -6.70 -64.98
C ARG A 332 1.99 -7.32 -65.44
N ALA A 333 1.14 -7.66 -64.47
CA ALA A 333 -0.11 -8.34 -64.77
C ALA A 333 -1.05 -7.47 -65.61
N HIS A 334 -1.03 -6.17 -65.37
CA HIS A 334 -1.90 -5.27 -66.14
C HIS A 334 -1.10 -4.53 -67.21
N ASP A 335 0.16 -4.92 -67.38
CA ASP A 335 1.09 -4.27 -68.30
C ASP A 335 1.04 -2.74 -68.19
N ARG A 336 1.32 -2.23 -67.00
CA ARG A 336 1.34 -0.80 -66.78
C ARG A 336 2.72 -0.36 -66.30
N LYS A 337 3.01 0.92 -66.51
CA LYS A 337 4.13 1.58 -65.86
C LYS A 337 3.59 2.32 -64.65
N LEU A 338 4.29 2.23 -63.53
CA LEU A 338 3.87 2.88 -62.31
C LEU A 338 4.97 3.78 -61.76
N MET A 339 4.55 4.86 -61.12
CA MET A 339 5.47 5.70 -60.36
C MET A 339 5.25 5.39 -58.89
N VAL A 340 6.31 4.96 -58.22
CA VAL A 340 6.21 4.41 -56.87
C VAL A 340 7.06 5.21 -55.90
N ARG A 341 6.41 5.79 -54.90
CA ARG A 341 7.09 6.60 -53.90
C ARG A 341 7.54 5.77 -52.71
N LEU A 342 8.83 5.80 -52.42
CA LEU A 342 9.37 5.14 -51.25
C LEU A 342 9.60 6.18 -50.15
N VAL A 343 9.00 5.93 -48.98
CA VAL A 343 9.15 6.80 -47.83
C VAL A 343 9.54 5.92 -46.65
N LYS A 344 9.99 6.55 -45.57
CA LYS A 344 10.22 5.81 -44.35
C LYS A 344 8.89 5.54 -43.64
N GLY A 345 8.20 6.60 -43.20
CA GLY A 345 6.89 6.42 -42.61
C GLY A 345 6.49 7.46 -41.58
N ALA A 346 5.25 7.93 -41.66
CA ALA A 346 4.82 9.08 -40.85
C ALA A 346 4.05 8.77 -39.58
N TYR A 347 3.83 7.49 -39.27
CA TYR A 347 2.92 7.12 -38.19
C TYR A 347 3.58 6.22 -37.13
N TRP A 348 4.89 6.32 -36.97
CA TRP A 348 5.62 5.37 -36.11
C TRP A 348 5.07 5.31 -34.70
N ASP A 349 4.96 6.45 -34.04
CA ASP A 349 4.48 6.47 -32.66
C ASP A 349 3.08 5.87 -32.55
N THR A 350 2.27 6.09 -33.57
CA THR A 350 0.92 5.53 -33.59
C THR A 350 0.97 4.01 -33.68
N GLU A 351 1.85 3.47 -34.52
CA GLU A 351 1.94 2.02 -34.66
C GLU A 351 2.38 1.36 -33.35
N ILE A 352 3.31 2.01 -32.63
CA ILE A 352 3.77 1.45 -31.37
C ILE A 352 2.61 1.41 -30.38
N LYS A 353 1.93 2.54 -30.23
CA LYS A 353 0.85 2.64 -29.26
C LYS A 353 -0.24 1.63 -29.58
N ARG A 354 -0.65 1.57 -30.84
CA ARG A 354 -1.73 0.68 -31.24
C ARG A 354 -1.43 -0.77 -30.94
N ALA A 355 -0.22 -1.21 -31.29
CA ALA A 355 0.13 -2.61 -31.13
C ALA A 355 0.14 -2.97 -29.63
N GLN A 356 0.57 -2.04 -28.80
CA GLN A 356 0.52 -2.23 -27.35
C GLN A 356 -0.92 -2.30 -26.84
N GLU A 357 -1.75 -1.34 -27.23
CA GLU A 357 -3.14 -1.32 -26.83
C GLU A 357 -3.86 -2.59 -27.26
N ARG A 358 -3.53 -3.05 -28.47
CA ARG A 358 -4.23 -4.17 -29.09
C ARG A 358 -3.64 -5.52 -28.70
N GLY A 359 -2.61 -5.49 -27.86
CA GLY A 359 -1.95 -6.70 -27.40
C GLY A 359 -1.53 -7.61 -28.53
N LEU A 360 -0.88 -7.03 -29.55
CA LEU A 360 -0.44 -7.78 -30.72
C LEU A 360 0.80 -8.61 -30.40
N ASP A 361 1.12 -9.56 -31.26
CA ASP A 361 2.29 -10.40 -31.01
C ASP A 361 3.61 -9.73 -31.41
N GLY A 362 3.53 -8.48 -31.84
CA GLY A 362 4.71 -7.73 -32.21
C GLY A 362 4.36 -6.43 -32.92
N TYR A 363 5.38 -5.70 -33.39
CA TYR A 363 5.21 -4.43 -34.09
C TYR A 363 5.39 -4.58 -35.60
N PRO A 364 4.50 -3.95 -36.38
CA PRO A 364 4.60 -4.02 -37.85
C PRO A 364 5.72 -3.12 -38.39
N VAL A 365 6.24 -2.25 -37.52
CA VAL A 365 7.32 -1.35 -37.89
C VAL A 365 8.57 -1.74 -37.13
N PHE A 366 9.73 -1.38 -37.68
CA PHE A 366 10.98 -1.51 -36.92
C PHE A 366 10.92 -0.58 -35.71
N THR A 367 11.69 -0.89 -34.68
CA THR A 367 11.69 -0.05 -33.48
C THR A 367 13.02 0.65 -33.25
N ARG A 368 14.02 0.33 -34.06
CA ARG A 368 15.24 1.13 -34.08
C ARG A 368 15.34 1.90 -35.39
N LYS A 369 15.65 3.19 -35.28
CA LYS A 369 15.66 4.09 -36.43
C LYS A 369 16.63 3.59 -37.51
N ALA A 370 17.77 3.07 -37.08
CA ALA A 370 18.79 2.56 -38.01
C ALA A 370 18.26 1.39 -38.83
N MET A 371 17.33 0.62 -38.27
CA MET A 371 16.71 -0.48 -39.02
C MET A 371 15.79 0.05 -40.12
N THR A 372 15.10 1.16 -39.84
CA THR A 372 14.29 1.79 -40.87
C THR A 372 15.20 2.30 -41.98
N ASP A 373 16.31 2.91 -41.58
CA ASP A 373 17.26 3.45 -42.55
C ASP A 373 17.87 2.34 -43.40
N LEU A 374 18.21 1.21 -42.78
CA LEU A 374 18.69 0.05 -43.49
C LEU A 374 17.65 -0.48 -44.48
N ASN A 375 16.43 -0.65 -44.01
CA ASN A 375 15.38 -1.19 -44.87
C ASN A 375 15.05 -0.25 -46.03
N TYR A 376 15.16 1.05 -45.79
CA TYR A 376 14.90 2.03 -46.84
C TYR A 376 15.89 1.88 -47.99
N VAL A 377 17.17 1.79 -47.66
CA VAL A 377 18.20 1.63 -48.69
C VAL A 377 18.04 0.29 -49.41
N ALA A 378 17.75 -0.76 -48.64
CA ALA A 378 17.49 -2.07 -49.24
C ALA A 378 16.29 -2.02 -50.21
N CYS A 379 15.23 -1.33 -49.82
CA CYS A 379 14.05 -1.19 -50.67
C CYS A 379 14.34 -0.32 -51.89
N ALA A 380 15.19 0.67 -51.71
CA ALA A 380 15.55 1.57 -52.80
C ALA A 380 16.29 0.76 -53.86
N SER A 381 17.20 -0.09 -53.41
CA SER A 381 17.98 -0.93 -54.32
C SER A 381 17.01 -1.80 -55.12
N LYS A 382 16.04 -2.38 -54.44
CA LYS A 382 15.02 -3.22 -55.05
C LYS A 382 14.26 -2.46 -56.14
N LEU A 383 13.79 -1.25 -55.79
CA LEU A 383 13.02 -0.47 -56.75
C LEU A 383 13.84 -0.05 -57.97
N LEU A 384 15.10 0.29 -57.75
CA LEU A 384 15.96 0.73 -58.85
C LEU A 384 16.09 -0.36 -59.90
N ALA A 385 16.12 -1.61 -59.45
CA ALA A 385 16.30 -2.75 -60.36
C ALA A 385 14.98 -3.10 -61.06
N LEU A 386 13.90 -2.41 -60.69
CA LEU A 386 12.59 -2.62 -61.32
C LEU A 386 12.31 -1.58 -62.42
N ARG A 387 13.23 -0.64 -62.60
CA ARG A 387 13.21 0.24 -63.76
C ARG A 387 13.34 -0.64 -65.01
N PRO A 388 12.72 -0.24 -66.13
CA PRO A 388 12.00 1.00 -66.37
C PRO A 388 10.49 0.93 -66.11
N ARG A 389 9.95 -0.26 -65.87
CA ARG A 389 8.51 -0.37 -65.64
C ARG A 389 8.11 0.45 -64.42
N ILE A 390 8.89 0.32 -63.35
CA ILE A 390 8.66 1.10 -62.14
C ILE A 390 9.56 2.34 -62.15
N PHE A 391 8.95 3.51 -61.97
CA PHE A 391 9.70 4.75 -61.81
C PHE A 391 9.71 5.11 -60.32
N PRO A 392 10.85 4.86 -59.65
CA PRO A 392 10.94 5.08 -58.20
C PRO A 392 11.05 6.56 -57.86
N GLN A 393 10.43 6.94 -56.74
CA GLN A 393 10.47 8.31 -56.25
C GLN A 393 10.86 8.23 -54.78
N PHE A 394 12.06 8.70 -54.45
CA PHE A 394 12.58 8.56 -53.10
C PHE A 394 12.34 9.84 -52.32
N ALA A 395 11.30 9.83 -51.50
CA ALA A 395 10.96 10.96 -50.67
C ALA A 395 11.72 10.88 -49.36
N THR A 396 12.62 11.83 -49.13
CA THR A 396 13.41 11.85 -47.92
C THR A 396 14.13 13.19 -47.83
N HIS A 397 14.35 13.67 -46.61
CA HIS A 397 15.16 14.87 -46.43
C HIS A 397 16.47 14.54 -45.71
N ASN A 398 16.84 13.26 -45.72
CA ASN A 398 18.06 12.79 -45.08
C ASN A 398 19.21 12.77 -46.08
N ALA A 399 20.27 13.56 -45.82
CA ALA A 399 21.41 13.70 -46.76
C ALA A 399 22.16 12.40 -47.01
N LEU A 400 22.31 11.59 -45.96
CA LEU A 400 22.98 10.30 -46.09
C LEU A 400 22.11 9.34 -46.93
N THR A 401 20.81 9.34 -46.69
CA THR A 401 19.91 8.49 -47.46
C THR A 401 19.98 8.89 -48.93
N VAL A 402 19.91 10.18 -49.20
CA VAL A 402 19.99 10.68 -50.57
C VAL A 402 21.30 10.25 -51.23
N ALA A 403 22.42 10.53 -50.57
CA ALA A 403 23.74 10.21 -51.13
C ALA A 403 23.89 8.72 -51.40
N THR A 404 23.28 7.91 -50.54
CA THR A 404 23.43 6.46 -50.63
C THR A 404 22.57 5.91 -51.78
N VAL A 405 21.36 6.44 -51.94
CA VAL A 405 20.50 6.02 -53.04
C VAL A 405 21.10 6.44 -54.38
N LEU A 406 21.69 7.62 -54.43
CA LEU A 406 22.33 8.10 -55.64
C LEU A 406 23.46 7.15 -56.07
N GLU A 407 24.32 6.77 -55.13
CA GLU A 407 25.43 5.87 -55.44
C GLU A 407 24.93 4.53 -56.00
N MET A 408 23.86 4.01 -55.42
CA MET A 408 23.32 2.73 -55.86
C MET A 408 22.66 2.83 -57.23
N ALA A 409 22.19 4.03 -57.58
CA ALA A 409 21.58 4.24 -58.89
C ALA A 409 22.61 4.09 -60.01
N GLU A 410 23.86 4.42 -59.71
CA GLU A 410 24.93 4.37 -60.70
C GLU A 410 24.67 5.33 -61.85
N GLY A 411 23.56 6.06 -61.76
CA GLY A 411 23.16 7.03 -62.77
C GLY A 411 22.15 8.01 -62.17
N SER A 412 21.45 8.73 -63.04
CA SER A 412 20.50 9.74 -62.58
C SER A 412 19.17 9.61 -63.31
N SER A 413 19.07 8.60 -64.18
CA SER A 413 17.90 8.44 -65.03
C SER A 413 16.89 7.41 -64.50
N GLY A 414 15.62 7.69 -64.72
CA GLY A 414 14.57 6.71 -64.46
C GLY A 414 14.09 6.69 -63.02
N PHE A 415 14.48 7.71 -62.25
CA PHE A 415 13.97 7.88 -60.89
C PHE A 415 14.03 9.36 -60.50
N GLU A 416 13.40 9.70 -59.38
CA GLU A 416 13.50 11.06 -58.85
C GLU A 416 13.61 11.00 -57.33
N PHE A 417 13.98 12.12 -56.73
CA PHE A 417 13.84 12.30 -55.30
C PHE A 417 12.61 13.17 -55.06
N GLN A 418 12.11 13.19 -53.83
CA GLN A 418 11.01 14.09 -53.47
C GLN A 418 11.24 14.75 -52.12
N ARG A 419 10.57 15.87 -51.92
CA ARG A 419 10.66 16.60 -50.68
C ARG A 419 9.39 17.42 -50.47
N LEU A 420 9.18 17.85 -49.23
CA LEU A 420 8.05 18.69 -48.89
C LEU A 420 8.48 20.15 -48.81
N HIS A 421 7.73 21.04 -49.44
CA HIS A 421 8.02 22.46 -49.37
C HIS A 421 8.33 22.84 -47.92
N GLY A 422 9.41 23.59 -47.69
CA GLY A 422 9.80 23.95 -46.35
C GLY A 422 10.77 22.98 -45.69
N MET A 423 11.15 21.92 -46.42
CA MET A 423 12.17 20.99 -45.94
C MET A 423 13.06 20.53 -47.09
N GLY A 424 14.30 20.15 -46.78
CA GLY A 424 15.21 19.64 -47.78
C GLY A 424 15.65 20.62 -48.85
N GLU A 425 15.35 21.89 -48.69
CA GLU A 425 15.66 22.86 -49.73
C GLU A 425 17.16 22.98 -50.04
N ALA A 426 17.95 23.31 -49.02
CA ALA A 426 19.38 23.45 -49.20
C ALA A 426 19.97 22.13 -49.70
N LEU A 427 19.51 21.03 -49.14
CA LEU A 427 19.96 19.70 -49.54
C LEU A 427 19.84 19.51 -51.06
N TYR A 428 18.61 19.59 -51.57
CA TYR A 428 18.38 19.27 -52.98
C TYR A 428 18.92 20.30 -53.97
N GLU A 429 18.98 21.57 -53.57
CA GLU A 429 19.63 22.60 -54.38
C GLU A 429 21.10 22.24 -54.59
N GLN A 430 21.77 21.83 -53.52
CA GLN A 430 23.17 21.43 -53.60
C GLN A 430 23.31 20.15 -54.43
N LEU A 431 22.40 19.22 -54.24
CA LEU A 431 22.42 17.98 -55.01
C LEU A 431 22.32 18.29 -56.51
N ALA A 432 21.49 19.27 -56.84
CA ALA A 432 21.29 19.65 -58.23
C ALA A 432 22.54 20.31 -58.77
N LYS A 433 23.19 21.12 -57.94
CA LYS A 433 24.45 21.76 -58.32
C LYS A 433 25.50 20.72 -58.66
N ASP A 434 25.54 19.62 -57.91
CA ASP A 434 26.59 18.63 -58.07
C ASP A 434 26.21 17.54 -59.08
N HIS A 435 24.93 17.49 -59.43
CA HIS A 435 24.45 16.47 -60.37
C HIS A 435 23.34 17.02 -61.24
N ALA A 436 23.73 17.53 -62.41
CA ALA A 436 22.81 18.22 -63.31
C ALA A 436 21.65 17.35 -63.80
N ASP A 437 21.86 16.04 -63.86
CA ASP A 437 20.84 15.13 -64.38
C ASP A 437 19.81 14.74 -63.32
N ILE A 438 20.03 15.16 -62.08
CA ILE A 438 19.16 14.75 -60.98
C ILE A 438 17.83 15.47 -60.99
N ALA A 439 16.76 14.72 -60.76
CA ALA A 439 15.43 15.29 -60.65
C ALA A 439 14.89 15.15 -59.24
N TYR A 440 14.23 16.20 -58.75
CA TYR A 440 13.47 16.11 -57.52
C TYR A 440 12.15 16.87 -57.60
N ARG A 441 11.12 16.26 -57.04
CA ARG A 441 9.77 16.81 -57.04
C ARG A 441 9.54 17.50 -55.69
N THR A 442 8.96 18.69 -55.73
CA THR A 442 8.64 19.42 -54.52
C THR A 442 7.12 19.46 -54.35
N TYR A 443 6.63 18.99 -53.22
CA TYR A 443 5.21 19.02 -52.93
C TYR A 443 4.88 20.17 -52.00
N ALA A 444 3.74 20.80 -52.27
CA ALA A 444 3.21 21.83 -51.38
C ALA A 444 1.95 21.31 -50.69
N PRO A 445 1.83 21.55 -49.38
CA PRO A 445 0.58 21.19 -48.71
C PRO A 445 -0.51 22.11 -49.21
N VAL A 446 -1.63 21.55 -49.66
CA VAL A 446 -2.70 22.34 -50.26
C VAL A 446 -4.03 21.91 -49.68
N GLY A 447 -4.79 22.86 -49.12
CA GLY A 447 -6.14 22.57 -48.69
C GLY A 447 -6.89 23.63 -47.90
N SER A 448 -7.99 23.23 -47.30
CA SER A 448 -8.84 24.11 -46.49
C SER A 448 -8.39 24.18 -45.03
N HIS A 449 -8.71 25.30 -44.38
CA HIS A 449 -8.41 25.49 -42.97
C HIS A 449 -8.97 24.36 -42.08
N ARG A 450 -10.14 23.83 -42.44
CA ARG A 450 -10.77 22.80 -41.62
C ARG A 450 -9.98 21.50 -41.60
N ASP A 451 -8.98 21.39 -42.47
CA ASP A 451 -8.14 20.20 -42.55
C ASP A 451 -6.70 20.45 -42.11
N LEU A 452 -6.43 21.67 -41.67
CA LEU A 452 -5.06 22.03 -41.27
C LEU A 452 -4.59 21.35 -39.98
N LEU A 453 -5.39 21.45 -38.90
CA LEU A 453 -4.97 20.95 -37.59
C LEU A 453 -4.49 19.51 -37.61
N ALA A 454 -5.32 18.62 -38.18
CA ALA A 454 -4.97 17.20 -38.27
C ALA A 454 -3.63 17.01 -38.96
N TYR A 455 -3.37 17.80 -39.99
CA TYR A 455 -2.13 17.72 -40.75
C TYR A 455 -0.95 18.31 -39.99
N LEU A 456 -1.15 19.46 -39.34
CA LEU A 456 -0.07 20.13 -38.61
C LEU A 456 0.53 19.24 -37.53
N VAL A 457 -0.35 18.54 -36.82
CA VAL A 457 0.06 17.64 -35.74
C VAL A 457 1.08 16.63 -36.23
N ARG A 458 0.70 15.87 -37.26
CA ARG A 458 1.58 14.86 -37.80
C ARG A 458 2.91 15.49 -38.22
N ARG A 459 2.83 16.64 -38.89
CA ARG A 459 4.01 17.35 -39.37
C ARG A 459 4.96 17.73 -38.24
N LEU A 460 4.40 18.19 -37.12
CA LEU A 460 5.20 18.70 -36.00
C LEU A 460 5.87 17.59 -35.21
N LEU A 461 5.27 16.41 -35.18
CA LEU A 461 5.86 15.28 -34.47
C LEU A 461 7.24 14.97 -35.03
N GLU A 462 7.38 15.12 -36.35
CA GLU A 462 8.60 14.72 -37.03
C GLU A 462 9.68 15.81 -37.01
N ASN A 463 9.26 17.07 -37.12
CA ASN A 463 10.21 18.18 -37.03
C ASN A 463 10.71 18.39 -35.61
N GLY A 464 9.96 17.93 -34.64
CA GLY A 464 10.34 18.06 -33.24
C GLY A 464 10.95 16.79 -32.66
N ALA A 465 11.15 15.78 -33.50
CA ALA A 465 11.74 14.52 -33.07
C ALA A 465 13.27 14.62 -32.98
N ASN A 466 13.82 14.20 -31.85
CA ASN A 466 15.27 14.22 -31.66
C ASN A 466 16.00 13.35 -32.68
N SER A 467 15.37 12.24 -33.05
CA SER A 467 15.98 11.28 -33.96
C SER A 467 15.95 11.74 -35.43
N SER A 468 15.18 12.79 -35.72
CA SER A 468 15.03 13.23 -37.09
C SER A 468 16.32 13.87 -37.62
N PHE A 469 16.63 13.55 -38.87
CA PHE A 469 17.84 14.05 -39.51
C PHE A 469 17.80 15.57 -39.62
N VAL A 470 16.65 16.09 -40.01
CA VAL A 470 16.51 17.53 -40.22
C VAL A 470 16.75 18.30 -38.94
N ALA A 471 16.28 17.76 -37.83
CA ALA A 471 16.45 18.40 -36.52
C ALA A 471 17.93 18.42 -36.14
N GLN A 472 18.57 17.26 -36.21
CA GLN A 472 19.97 17.14 -35.85
C GLN A 472 20.89 17.99 -36.74
N ALA A 473 20.64 17.97 -38.04
CA ALA A 473 21.43 18.78 -38.94
C ALA A 473 21.36 20.25 -38.55
N ALA A 474 20.21 20.64 -37.99
CA ALA A 474 19.99 22.04 -37.60
C ALA A 474 20.58 22.35 -36.22
N ASP A 475 21.10 21.32 -35.56
CA ASP A 475 21.68 21.49 -34.23
C ASP A 475 23.20 21.39 -34.36
N TYR A 476 23.88 22.54 -34.29
CA TYR A 476 25.31 22.57 -34.55
C TYR A 476 26.17 21.86 -33.51
N ARG A 477 25.54 21.35 -32.46
CA ARG A 477 26.26 20.51 -31.51
C ARG A 477 26.57 19.16 -32.14
N VAL A 478 25.76 18.79 -33.13
CA VAL A 478 25.95 17.50 -33.79
C VAL A 478 26.95 17.64 -34.93
N PRO A 479 28.10 16.98 -34.80
CA PRO A 479 29.17 17.08 -35.82
C PRO A 479 28.74 16.43 -37.12
N VAL A 480 29.21 16.95 -38.24
CA VAL A 480 28.90 16.38 -39.54
C VAL A 480 29.15 14.86 -39.58
N PRO A 481 30.30 14.40 -39.08
CA PRO A 481 30.56 12.96 -39.15
C PRO A 481 29.49 12.12 -38.45
N ALA A 482 28.84 12.69 -37.44
CA ALA A 482 27.79 11.98 -36.71
C ALA A 482 26.55 11.73 -37.58
N LEU A 483 26.24 12.68 -38.45
CA LEU A 483 25.10 12.54 -39.35
C LEU A 483 25.42 11.50 -40.42
N LEU A 484 26.68 11.10 -40.50
CA LEU A 484 27.17 10.25 -41.58
C LEU A 484 27.40 8.80 -41.16
N GLN A 485 27.10 8.50 -39.90
CA GLN A 485 27.23 7.13 -39.41
C GLN A 485 26.36 6.21 -40.26
N ARG A 486 26.95 5.12 -40.75
CA ARG A 486 26.16 4.15 -41.50
C ARG A 486 25.22 3.37 -40.57
N PRO A 487 23.99 3.12 -41.03
CA PRO A 487 22.97 2.42 -40.23
C PRO A 487 23.46 1.05 -39.75
N ALA A 488 24.11 0.30 -40.63
CA ALA A 488 24.66 -1.00 -40.25
C ALA A 488 25.61 -0.90 -39.06
N ASP A 489 26.34 0.21 -38.97
CA ASP A 489 27.31 0.38 -37.89
C ASP A 489 26.64 0.76 -36.58
N ALA A 490 25.39 1.20 -36.65
CA ALA A 490 24.61 1.53 -35.47
C ALA A 490 23.99 0.27 -34.89
N ILE A 491 23.61 -0.64 -35.77
CA ILE A 491 22.99 -1.91 -35.39
C ILE A 491 24.04 -2.96 -34.99
N VAL A 492 25.09 -3.06 -35.81
CA VAL A 492 26.19 -4.01 -35.61
C VAL A 492 25.82 -5.50 -35.63
N ARG A 493 24.82 -5.87 -34.84
CA ARG A 493 24.46 -7.29 -34.69
C ARG A 493 22.95 -7.50 -34.84
N PRO A 494 22.57 -8.54 -35.60
CA PRO A 494 21.17 -8.90 -35.83
C PRO A 494 20.31 -8.88 -34.57
N GLN A 495 20.80 -9.52 -33.50
CA GLN A 495 20.04 -9.63 -32.26
C GLN A 495 19.82 -8.26 -31.61
N ALA A 496 20.54 -7.25 -32.08
CA ALA A 496 20.38 -5.89 -31.58
C ALA A 496 19.38 -5.09 -32.41
N ALA A 497 18.67 -5.76 -33.31
CA ALA A 497 17.79 -5.07 -34.25
C ALA A 497 16.66 -4.32 -33.54
N ALA A 498 15.94 -5.02 -32.67
CA ALA A 498 14.83 -4.42 -31.92
C ALA A 498 15.33 -3.41 -30.89
N HIS A 499 14.53 -2.40 -30.59
CA HIS A 499 14.89 -1.43 -29.56
C HIS A 499 14.82 -2.08 -28.19
N PRO A 500 15.90 -1.97 -27.41
CA PRO A 500 16.08 -2.64 -26.11
C PRO A 500 15.16 -2.09 -25.04
N ARG A 501 14.61 -0.90 -25.25
CA ARG A 501 13.75 -0.29 -24.24
C ARG A 501 12.29 -0.17 -24.66
N ILE A 502 11.90 -0.93 -25.67
CA ILE A 502 10.49 -1.01 -26.06
C ILE A 502 10.03 -2.46 -25.98
N PRO A 503 9.25 -2.78 -24.95
CA PRO A 503 8.84 -4.18 -24.77
C PRO A 503 7.78 -4.56 -25.81
N LEU A 504 7.74 -5.82 -26.18
CA LEU A 504 6.63 -6.35 -26.98
C LEU A 504 5.34 -6.18 -26.18
N PRO A 505 4.20 -6.09 -26.87
CA PRO A 505 2.94 -5.88 -26.15
C PRO A 505 2.68 -6.94 -25.06
N CYS A 506 3.07 -8.19 -25.29
CA CYS A 506 2.81 -9.23 -24.30
C CYS A 506 3.60 -8.99 -23.01
N ASP A 507 4.65 -8.18 -23.09
CA ASP A 507 5.51 -7.88 -21.96
C ASP A 507 5.29 -6.49 -21.39
N LEU A 508 4.18 -5.86 -21.77
CA LEU A 508 3.90 -4.50 -21.37
C LEU A 508 3.97 -4.30 -19.85
N PHE A 509 3.58 -5.33 -19.10
CA PHE A 509 3.50 -5.19 -17.65
C PHE A 509 4.55 -6.00 -16.91
N ALA A 510 5.43 -6.66 -17.64
CA ALA A 510 6.52 -7.43 -17.01
C ALA A 510 7.33 -6.48 -16.13
N PRO A 511 7.83 -7.01 -15.00
CA PRO A 511 7.74 -8.40 -14.62
C PRO A 511 6.52 -8.68 -13.72
N GLU A 512 5.65 -7.69 -13.55
CA GLU A 512 4.46 -7.87 -12.71
C GLU A 512 3.60 -9.04 -13.18
N ARG A 513 3.08 -8.95 -14.40
CA ARG A 513 2.22 -10.00 -14.93
C ARG A 513 2.31 -10.05 -16.44
N ARG A 514 1.81 -11.12 -17.04
CA ARG A 514 1.68 -11.18 -18.50
C ARG A 514 0.46 -10.39 -18.96
N ASN A 515 0.50 -9.96 -20.21
CA ASN A 515 -0.59 -9.21 -20.81
C ASN A 515 -1.44 -10.20 -21.62
N SER A 516 -2.74 -9.96 -21.71
CA SER A 516 -3.58 -10.82 -22.54
C SER A 516 -3.30 -10.56 -24.01
N ARG A 517 -3.63 -11.51 -24.86
CA ARG A 517 -3.39 -11.37 -26.31
C ARG A 517 -4.59 -10.81 -27.04
N GLY A 518 -4.33 -9.96 -28.02
CA GLY A 518 -5.38 -9.42 -28.88
C GLY A 518 -5.21 -9.90 -30.30
N VAL A 519 -5.91 -9.25 -31.23
CA VAL A 519 -5.89 -9.62 -32.63
C VAL A 519 -5.88 -8.36 -33.47
N GLU A 520 -5.06 -8.32 -34.51
CA GLU A 520 -5.07 -7.21 -35.46
C GLU A 520 -6.08 -7.49 -36.57
N PHE A 521 -7.20 -6.77 -36.54
CA PHE A 521 -8.27 -6.96 -37.51
C PHE A 521 -7.81 -6.54 -38.91
N GLY A 522 -6.77 -5.71 -38.97
CA GLY A 522 -6.23 -5.23 -40.23
C GLY A 522 -5.30 -6.21 -40.90
N ALA A 523 -5.11 -7.37 -40.28
CA ALA A 523 -4.35 -8.46 -40.88
C ALA A 523 -5.32 -9.56 -41.23
N ARG A 524 -5.65 -9.69 -42.52
CA ARG A 524 -6.75 -10.55 -42.94
C ARG A 524 -6.60 -12.01 -42.49
N THR A 525 -5.37 -12.50 -42.41
CA THR A 525 -5.15 -13.86 -41.93
C THR A 525 -5.60 -14.00 -40.49
N ALA A 526 -5.27 -13.00 -39.66
CA ALA A 526 -5.63 -13.01 -38.24
C ALA A 526 -7.13 -12.84 -38.03
N LEU A 527 -7.74 -11.90 -38.75
CA LEU A 527 -9.17 -11.67 -38.63
C LEU A 527 -9.99 -12.85 -39.17
N ASP A 528 -9.57 -13.40 -40.31
CA ASP A 528 -10.27 -14.53 -40.91
C ASP A 528 -10.22 -15.76 -40.00
N GLN A 529 -9.08 -15.97 -39.36
CA GLN A 529 -8.92 -17.13 -38.47
C GLN A 529 -9.77 -16.98 -37.23
N LEU A 530 -9.75 -15.79 -36.65
CA LEU A 530 -10.59 -15.47 -35.49
C LEU A 530 -12.06 -15.69 -35.80
N LEU A 531 -12.51 -15.21 -36.95
CA LEU A 531 -13.91 -15.34 -37.36
C LEU A 531 -14.29 -16.81 -37.50
N THR A 532 -13.41 -17.57 -38.13
CA THR A 532 -13.59 -19.00 -38.31
C THR A 532 -13.68 -19.73 -36.97
N ASP A 533 -12.73 -19.44 -36.08
CA ASP A 533 -12.68 -20.08 -34.77
C ASP A 533 -13.96 -19.83 -34.00
N VAL A 534 -14.42 -18.58 -33.97
CA VAL A 534 -15.64 -18.23 -33.26
C VAL A 534 -16.84 -18.92 -33.91
N LYS A 535 -16.86 -18.94 -35.24
CA LYS A 535 -17.95 -19.59 -35.96
C LYS A 535 -18.00 -21.08 -35.65
N ALA A 536 -16.84 -21.69 -35.47
CA ALA A 536 -16.76 -23.11 -35.16
C ALA A 536 -17.36 -23.46 -33.81
N GLU A 537 -17.36 -22.49 -32.89
CA GLU A 537 -17.91 -22.71 -31.55
C GLU A 537 -19.43 -22.62 -31.57
N THR A 538 -20.07 -23.70 -31.16
CA THR A 538 -21.53 -23.83 -31.26
C THR A 538 -22.21 -23.62 -29.91
N GLY A 539 -23.49 -23.24 -29.96
CA GLY A 539 -24.26 -23.01 -28.76
C GLY A 539 -25.75 -22.88 -29.06
N ASP A 540 -26.50 -23.91 -28.70
CA ASP A 540 -27.95 -23.92 -28.94
C ASP A 540 -28.64 -22.96 -27.97
N LEU A 541 -27.98 -22.67 -26.86
CA LEU A 541 -28.52 -21.79 -25.83
C LEU A 541 -29.65 -22.45 -25.03
N LYS A 542 -29.32 -23.55 -24.36
CA LYS A 542 -30.29 -24.24 -23.51
C LYS A 542 -30.62 -23.39 -22.29
N PRO A 543 -31.92 -23.35 -21.92
CA PRO A 543 -32.34 -22.60 -20.73
C PRO A 543 -31.68 -23.13 -19.46
N ILE A 544 -31.34 -22.21 -18.56
CA ILE A 544 -30.71 -22.57 -17.30
C ILE A 544 -31.67 -22.37 -16.13
N ALA A 545 -32.12 -23.49 -15.57
CA ALA A 545 -33.12 -23.47 -14.50
C ALA A 545 -32.75 -22.54 -13.35
N ASP A 546 -33.71 -21.71 -12.94
CA ASP A 546 -33.55 -20.81 -11.80
C ASP A 546 -33.41 -21.61 -10.50
N ALA A 547 -32.79 -20.98 -9.51
CA ALA A 547 -32.69 -21.57 -8.19
C ALA A 547 -33.90 -21.17 -7.33
N THR A 548 -34.28 -22.04 -6.41
CA THR A 548 -35.31 -21.73 -5.43
C THR A 548 -34.65 -21.09 -4.21
N PRO A 549 -35.43 -20.35 -3.41
CA PRO A 549 -34.88 -19.71 -2.21
C PRO A 549 -34.22 -20.70 -1.27
N ASP A 550 -34.69 -21.94 -1.29
CA ASP A 550 -34.08 -23.00 -0.50
C ASP A 550 -32.69 -23.35 -1.02
N GLN A 551 -32.57 -23.51 -2.33
CA GLN A 551 -31.30 -23.83 -2.95
C GLN A 551 -30.27 -22.74 -2.71
N ALA A 552 -30.74 -21.49 -2.72
CA ALA A 552 -29.87 -20.35 -2.47
C ALA A 552 -29.33 -20.39 -1.04
N HIS A 553 -30.18 -20.71 -0.08
CA HIS A 553 -29.72 -20.82 1.30
C HIS A 553 -28.78 -22.00 1.49
N ALA A 554 -29.05 -23.10 0.80
CA ALA A 554 -28.15 -24.25 0.82
C ALA A 554 -26.79 -23.88 0.24
N ALA A 555 -26.80 -23.02 -0.77
CA ALA A 555 -25.56 -22.57 -1.39
C ALA A 555 -24.71 -21.79 -0.39
N VAL A 556 -25.34 -20.88 0.35
CA VAL A 556 -24.63 -20.09 1.35
C VAL A 556 -24.07 -20.99 2.45
N ALA A 557 -24.89 -21.94 2.92
CA ALA A 557 -24.44 -22.86 3.95
C ALA A 557 -23.24 -23.65 3.46
N ALA A 558 -23.31 -24.12 2.21
CA ALA A 558 -22.22 -24.89 1.63
C ALA A 558 -20.95 -24.03 1.46
N ALA A 559 -21.13 -22.81 0.97
CA ALA A 559 -20.01 -21.87 0.86
C ALA A 559 -19.41 -21.60 2.23
N ARG A 560 -20.28 -21.43 3.22
CA ARG A 560 -19.84 -21.17 4.60
C ARG A 560 -18.95 -22.28 5.14
N ALA A 561 -19.31 -23.53 4.85
CA ALA A 561 -18.51 -24.67 5.28
C ALA A 561 -17.15 -24.71 4.59
N GLY A 562 -17.11 -24.24 3.35
CA GLY A 562 -15.89 -24.32 2.56
C GLY A 562 -14.92 -23.18 2.85
N PHE A 563 -15.39 -22.18 3.57
CA PHE A 563 -14.61 -20.98 3.85
C PHE A 563 -13.36 -21.28 4.69
N ALA A 564 -13.53 -22.11 5.73
CA ALA A 564 -12.42 -22.47 6.63
C ALA A 564 -11.17 -22.96 5.88
N GLY A 565 -11.36 -23.94 4.99
CA GLY A 565 -10.25 -24.47 4.22
C GLY A 565 -9.70 -23.52 3.15
N TRP A 566 -10.58 -22.81 2.46
CA TRP A 566 -10.12 -21.91 1.40
C TRP A 566 -9.32 -20.75 1.99
N SER A 567 -9.86 -20.16 3.05
CA SER A 567 -9.21 -19.03 3.69
C SER A 567 -7.82 -19.41 4.16
N ARG A 568 -7.62 -20.67 4.53
CA ARG A 568 -6.34 -21.13 5.05
C ARG A 568 -5.44 -21.72 3.97
N THR A 569 -5.93 -21.78 2.74
CA THR A 569 -5.07 -22.14 1.62
C THR A 569 -4.05 -21.03 1.35
N PRO A 570 -2.76 -21.39 1.23
CA PRO A 570 -1.70 -20.38 0.99
C PRO A 570 -2.03 -19.45 -0.18
N ALA A 571 -1.69 -18.17 -0.02
CA ALA A 571 -1.99 -17.16 -1.04
C ALA A 571 -1.40 -17.50 -2.41
N GLY A 572 -0.20 -18.07 -2.41
CA GLY A 572 0.45 -18.46 -3.66
C GLY A 572 -0.37 -19.50 -4.41
N ILE A 573 -1.02 -20.37 -3.67
CA ILE A 573 -1.86 -21.40 -4.28
C ILE A 573 -3.17 -20.81 -4.81
N ARG A 574 -3.74 -19.84 -4.10
CA ARG A 574 -4.92 -19.16 -4.60
C ARG A 574 -4.57 -18.37 -5.86
N ALA A 575 -3.44 -17.68 -5.83
CA ALA A 575 -2.99 -16.89 -6.96
C ALA A 575 -2.75 -17.77 -8.19
N ALA A 576 -2.20 -18.96 -7.95
CA ALA A 576 -1.92 -19.89 -9.04
C ALA A 576 -3.22 -20.34 -9.71
N ALA A 577 -4.29 -20.44 -8.93
CA ALA A 577 -5.58 -20.82 -9.49
C ALA A 577 -6.10 -19.72 -10.43
N LEU A 578 -6.05 -18.48 -9.98
CA LEU A 578 -6.43 -17.35 -10.82
C LEU A 578 -5.63 -17.32 -12.13
N GLU A 579 -4.31 -17.54 -12.02
CA GLU A 579 -3.43 -17.48 -13.18
C GLU A 579 -3.68 -18.62 -14.16
N GLN A 580 -4.07 -19.78 -13.64
CA GLN A 580 -4.43 -20.90 -14.51
C GLN A 580 -5.77 -20.61 -15.19
N ALA A 581 -6.64 -19.89 -14.50
CA ALA A 581 -7.92 -19.48 -15.07
C ALA A 581 -7.70 -18.53 -16.25
N ALA A 582 -6.83 -17.55 -16.06
CA ALA A 582 -6.44 -16.67 -17.15
C ALA A 582 -5.93 -17.48 -18.34
N HIS A 583 -5.06 -18.44 -18.07
CA HIS A 583 -4.53 -19.30 -19.12
C HIS A 583 -5.65 -20.02 -19.90
N LEU A 584 -6.62 -20.56 -19.18
CA LEU A 584 -7.69 -21.33 -19.80
C LEU A 584 -8.61 -20.41 -20.61
N LEU A 585 -8.85 -19.21 -20.10
CA LEU A 585 -9.67 -18.22 -20.78
C LEU A 585 -9.14 -17.89 -22.18
N GLU A 586 -7.86 -17.54 -22.26
CA GLU A 586 -7.26 -17.16 -23.52
C GLU A 586 -7.16 -18.37 -24.44
N SER A 587 -6.85 -19.51 -23.83
CA SER A 587 -6.78 -20.77 -24.55
C SER A 587 -8.12 -21.11 -25.21
N ARG A 588 -9.22 -20.69 -24.56
CA ARG A 588 -10.56 -20.98 -25.06
C ARG A 588 -11.30 -19.71 -25.49
N SER A 589 -10.55 -18.69 -25.88
CA SER A 589 -11.11 -17.39 -26.23
C SER A 589 -12.24 -17.47 -27.25
N ALA A 590 -12.10 -18.34 -28.24
CA ALA A 590 -13.10 -18.44 -29.30
C ALA A 590 -14.45 -18.87 -28.72
N HIS A 591 -14.42 -19.86 -27.84
CA HIS A 591 -15.60 -20.35 -27.16
C HIS A 591 -16.29 -19.25 -26.36
N PHE A 592 -15.51 -18.52 -25.57
CA PHE A 592 -16.08 -17.45 -24.74
C PHE A 592 -16.49 -16.23 -25.57
N ILE A 593 -15.74 -15.93 -26.62
CA ILE A 593 -16.13 -14.85 -27.52
C ILE A 593 -17.46 -15.22 -28.18
N ALA A 594 -17.60 -16.49 -28.54
CA ALA A 594 -18.85 -16.96 -29.16
C ALA A 594 -20.03 -16.75 -28.22
N LEU A 595 -19.82 -17.08 -26.95
CA LEU A 595 -20.85 -16.90 -25.93
C LEU A 595 -21.21 -15.42 -25.74
N LEU A 596 -20.20 -14.57 -25.70
CA LEU A 596 -20.39 -13.14 -25.54
C LEU A 596 -21.22 -12.56 -26.69
N GLN A 597 -21.02 -13.10 -27.88
CA GLN A 597 -21.77 -12.63 -29.03
C GLN A 597 -23.21 -13.15 -29.01
N ARG A 598 -23.38 -14.44 -28.70
CA ARG A 598 -24.69 -15.07 -28.71
C ARG A 598 -25.56 -14.64 -27.53
N GLU A 599 -25.05 -14.82 -26.31
CA GLU A 599 -25.81 -14.48 -25.11
C GLU A 599 -25.72 -12.98 -24.80
N GLY A 600 -24.57 -12.38 -25.07
CA GLY A 600 -24.36 -10.99 -24.75
C GLY A 600 -24.72 -10.01 -25.87
N GLY A 601 -24.80 -10.51 -27.09
CA GLY A 601 -25.09 -9.67 -28.23
C GLY A 601 -23.98 -8.69 -28.58
N LYS A 602 -22.75 -9.05 -28.21
CA LYS A 602 -21.62 -8.15 -28.41
C LYS A 602 -20.97 -8.31 -29.78
N THR A 603 -20.54 -7.20 -30.38
CA THR A 603 -19.75 -7.25 -31.61
C THR A 603 -18.40 -7.92 -31.33
N LEU A 604 -17.70 -8.30 -32.40
CA LEU A 604 -16.48 -9.08 -32.26
C LEU A 604 -15.41 -8.39 -31.42
N ASP A 605 -15.20 -7.10 -31.64
CA ASP A 605 -14.16 -6.38 -30.92
C ASP A 605 -14.51 -6.18 -29.44
N ASP A 606 -15.79 -6.02 -29.15
CA ASP A 606 -16.24 -5.88 -27.76
C ASP A 606 -16.11 -7.19 -27.01
N ALA A 607 -16.39 -8.29 -27.70
CA ALA A 607 -16.28 -9.61 -27.10
C ALA A 607 -14.82 -9.94 -26.81
N LEU A 608 -13.97 -9.79 -27.81
CA LEU A 608 -12.54 -10.03 -27.63
C LEU A 608 -11.98 -9.17 -26.50
N SER A 609 -12.36 -7.90 -26.49
CA SER A 609 -11.93 -6.98 -25.44
C SER A 609 -12.39 -7.46 -24.05
N GLU A 610 -13.61 -7.96 -23.94
CA GLU A 610 -14.09 -8.45 -22.65
C GLU A 610 -13.34 -9.72 -22.24
N LEU A 611 -13.11 -10.61 -23.19
CA LEU A 611 -12.31 -11.81 -22.92
C LEU A 611 -10.94 -11.41 -22.36
N ARG A 612 -10.25 -10.49 -23.04
CA ARG A 612 -8.96 -10.00 -22.55
C ARG A 612 -9.07 -9.46 -21.12
N GLU A 613 -10.09 -8.64 -20.87
CA GLU A 613 -10.30 -8.02 -19.56
C GLU A 613 -10.49 -9.08 -18.46
N ALA A 614 -11.24 -10.13 -18.78
CA ALA A 614 -11.47 -11.20 -17.82
C ALA A 614 -10.15 -11.84 -17.41
N ALA A 615 -9.31 -12.16 -18.39
CA ALA A 615 -8.00 -12.75 -18.12
C ALA A 615 -7.09 -11.77 -17.40
N ASP A 616 -7.18 -10.49 -17.76
CA ASP A 616 -6.40 -9.45 -17.07
C ASP A 616 -6.79 -9.38 -15.59
N PHE A 617 -8.08 -9.46 -15.31
CA PHE A 617 -8.54 -9.43 -13.92
C PHE A 617 -7.87 -10.55 -13.11
N CYS A 618 -7.86 -11.75 -13.68
CA CYS A 618 -7.29 -12.91 -13.00
C CYS A 618 -5.81 -12.72 -12.69
N ARG A 619 -5.04 -12.26 -13.68
CA ARG A 619 -3.60 -12.12 -13.50
C ARG A 619 -3.26 -10.97 -12.58
N TYR A 620 -4.01 -9.87 -12.69
CA TYR A 620 -3.77 -8.71 -11.86
C TYR A 620 -4.14 -8.95 -10.39
N TYR A 621 -5.32 -9.53 -10.14
CA TYR A 621 -5.68 -9.86 -8.78
C TYR A 621 -4.73 -10.94 -8.21
N ALA A 622 -4.27 -11.84 -9.06
CA ALA A 622 -3.31 -12.84 -8.60
C ALA A 622 -2.04 -12.13 -8.13
N ALA A 623 -1.59 -11.17 -8.92
CA ALA A 623 -0.36 -10.44 -8.63
C ALA A 623 -0.48 -9.57 -7.39
N GLN A 624 -1.57 -8.80 -7.29
CA GLN A 624 -1.81 -7.99 -6.11
C GLN A 624 -2.05 -8.89 -4.91
N GLY A 625 -2.69 -10.03 -5.15
CA GLY A 625 -2.95 -11.00 -4.10
C GLY A 625 -1.69 -11.47 -3.39
N ARG A 626 -0.63 -11.76 -4.16
CA ARG A 626 0.62 -12.22 -3.55
C ARG A 626 1.27 -11.11 -2.74
N LYS A 627 1.21 -9.89 -3.26
CA LYS A 627 1.80 -8.76 -2.56
C LYS A 627 1.09 -8.53 -1.24
N LEU A 628 -0.23 -8.60 -1.26
CA LEU A 628 -1.03 -8.28 -0.09
C LEU A 628 -1.14 -9.43 0.91
N PHE A 629 -1.38 -10.64 0.42
CA PHE A 629 -1.69 -11.76 1.29
C PHE A 629 -0.54 -12.77 1.40
N GLY A 630 0.56 -12.49 0.71
CA GLY A 630 1.67 -13.42 0.61
C GLY A 630 2.43 -13.61 1.91
N SER A 631 2.60 -12.52 2.65
CA SER A 631 3.22 -12.60 3.97
C SER A 631 2.75 -11.47 4.85
N GLU A 632 2.94 -11.64 6.16
CA GLU A 632 2.53 -10.64 7.13
C GLU A 632 3.42 -9.41 7.02
N THR A 633 2.98 -8.32 7.63
CA THR A 633 3.78 -7.10 7.68
C THR A 633 4.29 -6.93 9.10
N ALA A 634 5.61 -6.81 9.24
CA ALA A 634 6.23 -6.58 10.54
C ALA A 634 6.03 -5.13 10.95
N MET A 635 5.52 -4.90 12.16
CA MET A 635 5.36 -3.55 12.67
C MET A 635 6.53 -3.21 13.57
N PRO A 636 6.98 -1.94 13.54
CA PRO A 636 8.06 -1.54 14.45
C PRO A 636 7.53 -1.50 15.88
N GLY A 637 8.36 -1.90 16.82
CA GLY A 637 7.96 -1.88 18.22
C GLY A 637 9.17 -1.96 19.13
N PRO A 638 8.91 -2.21 20.42
CA PRO A 638 10.01 -2.28 21.38
C PRO A 638 10.74 -3.60 21.24
N THR A 639 11.93 -3.69 21.81
CA THR A 639 12.65 -4.96 21.87
C THR A 639 11.85 -5.94 22.74
N GLY A 640 12.09 -7.24 22.55
CA GLY A 640 11.42 -8.24 23.37
C GLY A 640 9.95 -8.43 23.02
N GLU A 641 9.55 -7.94 21.85
CA GLU A 641 8.17 -8.08 21.41
C GLU A 641 8.07 -8.12 19.89
N SER A 642 7.25 -9.02 19.37
CA SER A 642 6.97 -9.03 17.93
C SER A 642 5.55 -8.56 17.66
N ASN A 643 5.38 -7.82 16.57
CA ASN A 643 4.08 -7.33 16.14
C ASN A 643 3.90 -7.55 14.65
N ALA A 644 2.92 -8.34 14.28
CA ALA A 644 2.72 -8.70 12.89
C ALA A 644 1.28 -8.47 12.44
N LEU A 645 1.13 -7.79 11.31
CA LEU A 645 -0.18 -7.51 10.73
C LEU A 645 -0.47 -8.46 9.57
N THR A 646 -1.62 -9.10 9.60
CA THR A 646 -2.02 -10.01 8.53
C THR A 646 -3.41 -9.63 8.01
N MET A 647 -3.76 -10.19 6.85
CA MET A 647 -5.06 -9.96 6.23
C MET A 647 -5.71 -11.30 5.95
N ARG A 648 -6.89 -11.52 6.50
CA ARG A 648 -7.53 -12.81 6.37
C ARG A 648 -8.84 -12.64 5.62
N GLY A 649 -9.31 -13.72 4.98
CA GLY A 649 -10.61 -13.68 4.34
C GLY A 649 -11.67 -13.32 5.37
N ARG A 650 -12.81 -12.80 4.92
CA ARG A 650 -13.86 -12.36 5.84
C ARG A 650 -14.87 -13.46 6.11
N GLY A 651 -15.14 -14.28 5.10
CA GLY A 651 -16.18 -15.29 5.19
C GLY A 651 -16.77 -15.58 3.82
N VAL A 652 -18.10 -15.63 3.74
CA VAL A 652 -18.78 -15.87 2.47
C VAL A 652 -19.16 -14.56 1.80
N PHE A 653 -18.62 -14.32 0.61
CA PHE A 653 -19.05 -13.16 -0.16
C PHE A 653 -20.15 -13.54 -1.13
N VAL A 654 -21.14 -12.67 -1.22
CA VAL A 654 -22.16 -12.74 -2.26
C VAL A 654 -21.73 -11.82 -3.39
N ALA A 655 -21.60 -12.37 -4.60
CA ALA A 655 -21.23 -11.59 -5.77
C ALA A 655 -22.41 -11.48 -6.72
N ILE A 656 -22.80 -10.25 -7.03
CA ILE A 656 -23.94 -10.01 -7.91
C ILE A 656 -23.48 -9.16 -9.10
N SER A 657 -23.71 -9.64 -10.31
CA SER A 657 -23.15 -9.03 -11.51
C SER A 657 -24.21 -8.67 -12.54
N PRO A 658 -23.88 -7.72 -13.46
CA PRO A 658 -24.79 -7.25 -14.50
C PRO A 658 -24.65 -8.02 -15.80
N TRP A 659 -25.51 -7.70 -16.77
CA TRP A 659 -25.54 -8.39 -18.05
C TRP A 659 -24.60 -7.80 -19.10
N ASN A 660 -24.12 -6.58 -18.86
CA ASN A 660 -23.39 -5.86 -19.91
C ASN A 660 -21.91 -6.25 -20.05
N PHE A 661 -21.34 -6.74 -18.95
CA PHE A 661 -20.03 -7.41 -18.98
C PHE A 661 -20.16 -8.72 -18.22
N PRO A 662 -20.86 -9.69 -18.84
CA PRO A 662 -21.34 -10.93 -18.22
C PRO A 662 -20.19 -11.85 -17.86
N LEU A 663 -19.03 -11.62 -18.46
CA LEU A 663 -17.87 -12.45 -18.18
C LEU A 663 -16.84 -11.75 -17.31
N ALA A 664 -16.41 -10.55 -17.73
CA ALA A 664 -15.28 -9.89 -17.07
C ALA A 664 -15.61 -9.33 -15.69
N ILE A 665 -16.75 -8.67 -15.58
CA ILE A 665 -17.16 -8.13 -14.29
C ILE A 665 -17.57 -9.26 -13.37
N PHE A 666 -18.22 -10.26 -13.95
CA PHE A 666 -18.54 -11.47 -13.21
C PHE A 666 -17.29 -12.06 -12.58
N LEU A 667 -16.26 -12.31 -13.39
CA LEU A 667 -15.03 -12.92 -12.94
C LEU A 667 -14.17 -11.98 -12.10
N GLY A 668 -14.18 -10.69 -12.44
CA GLY A 668 -13.44 -9.71 -11.66
C GLY A 668 -13.85 -9.75 -10.20
N GLN A 669 -15.16 -9.63 -9.95
CA GLN A 669 -15.69 -9.62 -8.60
C GLN A 669 -15.43 -10.94 -7.90
N VAL A 670 -15.64 -12.04 -8.62
CA VAL A 670 -15.53 -13.37 -8.04
C VAL A 670 -14.08 -13.72 -7.64
N THR A 671 -13.15 -13.52 -8.57
CA THR A 671 -11.74 -13.84 -8.32
C THR A 671 -11.12 -12.92 -7.27
N ALA A 672 -11.60 -11.68 -7.19
CA ALA A 672 -11.12 -10.78 -6.13
C ALA A 672 -11.47 -11.35 -4.76
N ALA A 673 -12.74 -11.68 -4.56
CA ALA A 673 -13.23 -12.25 -3.30
C ALA A 673 -12.49 -13.54 -2.96
N LEU A 674 -12.39 -14.44 -3.95
CA LEU A 674 -11.63 -15.68 -3.81
C LEU A 674 -10.18 -15.42 -3.45
N MET A 675 -9.54 -14.48 -4.15
CA MET A 675 -8.11 -14.21 -3.90
C MET A 675 -7.89 -13.75 -2.47
N ALA A 676 -8.83 -13.00 -1.92
CA ALA A 676 -8.71 -12.49 -0.56
C ALA A 676 -8.93 -13.56 0.50
N GLY A 677 -9.36 -14.75 0.07
CA GLY A 677 -9.53 -15.87 0.97
C GLY A 677 -10.97 -16.12 1.38
N ASN A 678 -11.90 -15.51 0.66
CA ASN A 678 -13.32 -15.73 0.90
C ASN A 678 -13.87 -16.83 0.02
N SER A 679 -14.89 -17.54 0.51
CA SER A 679 -15.68 -18.36 -0.37
C SER A 679 -16.74 -17.46 -1.01
N VAL A 680 -17.33 -17.90 -2.11
CA VAL A 680 -18.24 -17.04 -2.85
C VAL A 680 -19.51 -17.74 -3.32
N VAL A 681 -20.63 -17.06 -3.14
CA VAL A 681 -21.86 -17.42 -3.83
C VAL A 681 -22.15 -16.32 -4.84
N ALA A 682 -22.16 -16.70 -6.12
CA ALA A 682 -22.31 -15.73 -7.21
C ALA A 682 -23.66 -15.86 -7.89
N LYS A 683 -24.35 -14.73 -8.05
CA LYS A 683 -25.60 -14.71 -8.81
C LYS A 683 -25.46 -13.77 -10.01
N PRO A 684 -25.47 -14.34 -11.22
CA PRO A 684 -25.31 -13.54 -12.44
C PRO A 684 -26.62 -12.88 -12.82
N ALA A 685 -26.56 -11.89 -13.71
CA ALA A 685 -27.75 -11.28 -14.25
C ALA A 685 -28.62 -12.34 -14.92
N GLU A 686 -29.93 -12.19 -14.77
CA GLU A 686 -30.87 -13.15 -15.33
C GLU A 686 -30.67 -13.37 -16.82
N GLN A 687 -30.24 -12.33 -17.53
CA GLN A 687 -30.06 -12.41 -18.99
C GLN A 687 -28.86 -13.25 -19.42
N THR A 688 -27.86 -13.39 -18.54
CA THR A 688 -26.59 -13.96 -18.96
C THR A 688 -26.03 -15.05 -18.02
N PRO A 689 -26.86 -16.06 -17.69
CA PRO A 689 -26.43 -17.13 -16.80
C PRO A 689 -25.49 -18.13 -17.46
N ARG A 690 -25.60 -18.32 -18.78
CA ARG A 690 -24.82 -19.36 -19.45
C ARG A 690 -23.32 -19.11 -19.37
N ILE A 691 -22.89 -17.92 -19.77
CA ILE A 691 -21.47 -17.60 -19.71
C ILE A 691 -20.96 -17.65 -18.27
N ALA A 692 -21.80 -17.23 -17.33
CA ALA A 692 -21.45 -17.27 -15.91
C ALA A 692 -21.20 -18.71 -15.46
N ARG A 693 -22.09 -19.62 -15.87
CA ARG A 693 -21.90 -21.04 -15.54
C ARG A 693 -20.62 -21.59 -16.17
N GLU A 694 -20.35 -21.18 -17.41
CA GLU A 694 -19.11 -21.60 -18.08
C GLU A 694 -17.89 -21.08 -17.33
N ALA A 695 -17.95 -19.84 -16.88
CA ALA A 695 -16.85 -19.22 -16.15
C ALA A 695 -16.58 -19.96 -14.84
N VAL A 696 -17.63 -20.22 -14.08
CA VAL A 696 -17.51 -20.94 -12.82
C VAL A 696 -16.88 -22.32 -13.03
N ALA A 697 -17.37 -23.06 -14.02
CA ALA A 697 -16.81 -24.38 -14.31
C ALA A 697 -15.34 -24.25 -14.67
N LEU A 698 -15.00 -23.17 -15.35
CA LEU A 698 -13.61 -22.92 -15.73
C LEU A 698 -12.75 -22.64 -14.50
N LEU A 699 -13.29 -21.86 -13.56
CA LEU A 699 -12.57 -21.56 -12.33
C LEU A 699 -12.32 -22.82 -11.51
N HIS A 700 -13.35 -23.67 -11.42
CA HIS A 700 -13.21 -24.95 -10.72
C HIS A 700 -12.10 -25.77 -11.36
N GLU A 701 -12.09 -25.82 -12.69
CA GLU A 701 -11.07 -26.57 -13.42
C GLU A 701 -9.69 -25.96 -13.20
N ALA A 702 -9.65 -24.66 -12.95
CA ALA A 702 -8.39 -23.95 -12.76
C ALA A 702 -7.80 -24.15 -11.35
N GLY A 703 -8.60 -24.67 -10.44
CA GLY A 703 -8.10 -24.95 -9.11
C GLY A 703 -8.92 -24.40 -7.97
N ILE A 704 -10.01 -23.70 -8.28
CA ILE A 704 -10.93 -23.25 -7.23
C ILE A 704 -11.77 -24.43 -6.75
N PRO A 705 -11.68 -24.75 -5.45
CA PRO A 705 -12.47 -25.86 -4.89
C PRO A 705 -13.97 -25.69 -5.07
N LYS A 706 -14.66 -26.79 -5.32
CA LYS A 706 -16.12 -26.78 -5.45
C LYS A 706 -16.77 -26.19 -4.19
N SER A 707 -16.11 -26.34 -3.05
CA SER A 707 -16.65 -25.86 -1.79
C SER A 707 -16.42 -24.36 -1.56
N ALA A 708 -15.65 -23.73 -2.44
CA ALA A 708 -15.32 -22.32 -2.29
C ALA A 708 -16.14 -21.41 -3.20
N LEU A 709 -16.82 -22.00 -4.18
CA LEU A 709 -17.51 -21.21 -5.20
C LEU A 709 -18.80 -21.87 -5.70
N TYR A 710 -19.93 -21.18 -5.49
CA TYR A 710 -21.22 -21.68 -5.94
C TYR A 710 -21.96 -20.68 -6.82
N LEU A 711 -22.56 -21.18 -7.89
CA LEU A 711 -23.39 -20.35 -8.76
C LEU A 711 -24.86 -20.54 -8.42
N VAL A 712 -25.56 -19.44 -8.16
CA VAL A 712 -27.00 -19.47 -7.97
C VAL A 712 -27.65 -18.53 -8.98
N THR A 713 -28.49 -19.08 -9.84
CA THR A 713 -29.17 -18.25 -10.84
C THR A 713 -30.60 -17.89 -10.45
N GLY A 714 -31.10 -16.81 -11.03
CA GLY A 714 -32.44 -16.34 -10.76
C GLY A 714 -32.56 -14.85 -10.96
N ASP A 715 -33.68 -14.29 -10.50
CA ASP A 715 -33.94 -12.86 -10.65
C ASP A 715 -33.43 -12.06 -9.46
N GLY A 716 -33.93 -10.84 -9.33
CA GLY A 716 -33.54 -9.96 -8.23
C GLY A 716 -34.04 -10.45 -6.89
N ARG A 717 -35.00 -11.38 -6.91
CA ARG A 717 -35.53 -11.96 -5.68
C ARG A 717 -34.56 -12.99 -5.10
N ILE A 718 -33.95 -13.77 -5.99
CA ILE A 718 -32.93 -14.74 -5.58
C ILE A 718 -31.71 -13.98 -5.08
N GLY A 719 -31.37 -12.90 -5.79
CA GLY A 719 -30.30 -12.03 -5.36
C GLY A 719 -30.59 -11.45 -3.98
N ALA A 720 -31.86 -11.12 -3.74
CA ALA A 720 -32.28 -10.58 -2.45
C ALA A 720 -32.16 -11.61 -1.33
N ALA A 721 -32.55 -12.85 -1.62
CA ALA A 721 -32.42 -13.91 -0.63
C ALA A 721 -30.97 -14.08 -0.19
N LEU A 722 -30.05 -13.99 -1.15
CA LEU A 722 -28.63 -14.12 -0.85
C LEU A 722 -28.15 -12.98 0.05
N THR A 723 -28.48 -11.75 -0.30
CA THR A 723 -28.01 -10.58 0.45
C THR A 723 -28.63 -10.49 1.84
N ALA A 724 -29.79 -11.11 2.01
CA ALA A 724 -30.49 -11.05 3.28
C ALA A 724 -30.02 -12.14 4.24
N HIS A 725 -29.35 -13.15 3.72
CA HIS A 725 -28.86 -14.25 4.55
C HIS A 725 -27.97 -13.78 5.69
N PRO A 726 -28.27 -14.19 6.92
CA PRO A 726 -27.56 -13.75 8.13
C PRO A 726 -26.08 -14.14 8.20
N ASP A 727 -25.69 -15.18 7.46
CA ASP A 727 -24.34 -15.72 7.58
C ASP A 727 -23.31 -15.18 6.57
N ILE A 728 -23.71 -14.25 5.72
CA ILE A 728 -22.77 -13.75 4.72
C ILE A 728 -21.85 -12.66 5.29
N ALA A 729 -20.64 -12.57 4.76
CA ALA A 729 -19.61 -11.69 5.31
C ALA A 729 -19.42 -10.40 4.48
N GLY A 730 -20.14 -10.29 3.39
CA GLY A 730 -20.01 -9.12 2.55
C GLY A 730 -20.64 -9.31 1.19
N VAL A 731 -20.82 -8.19 0.49
CA VAL A 731 -21.47 -8.19 -0.82
C VAL A 731 -20.69 -7.32 -1.81
N VAL A 732 -20.36 -7.90 -2.95
CA VAL A 732 -19.76 -7.15 -4.06
C VAL A 732 -20.80 -7.09 -5.17
N PHE A 733 -21.23 -5.87 -5.51
CA PHE A 733 -22.34 -5.66 -6.43
C PHE A 733 -22.01 -4.69 -7.55
N THR A 734 -22.44 -5.04 -8.76
CA THR A 734 -22.38 -4.08 -9.86
C THR A 734 -23.73 -4.08 -10.57
N GLY A 735 -24.36 -2.92 -10.63
CA GLY A 735 -25.69 -2.82 -11.19
C GLY A 735 -26.31 -1.45 -10.98
N SER A 736 -27.64 -1.41 -10.91
CA SER A 736 -28.34 -0.14 -10.84
C SER A 736 -28.20 0.52 -9.48
N THR A 737 -28.05 1.84 -9.48
CA THR A 737 -27.96 2.60 -8.25
C THR A 737 -29.11 2.27 -7.31
N GLU A 738 -30.29 2.02 -7.89
CA GLU A 738 -31.49 1.74 -7.11
C GLU A 738 -31.41 0.40 -6.39
N VAL A 739 -30.94 -0.62 -7.10
CA VAL A 739 -30.81 -1.94 -6.49
C VAL A 739 -29.73 -1.94 -5.39
N ALA A 740 -28.67 -1.17 -5.58
CA ALA A 740 -27.62 -1.09 -4.57
C ALA A 740 -28.17 -0.57 -3.23
N ARG A 741 -28.98 0.48 -3.29
CA ARG A 741 -29.58 1.04 -2.08
C ARG A 741 -30.48 0.02 -1.38
N SER A 742 -31.19 -0.77 -2.18
CA SER A 742 -32.04 -1.82 -1.65
C SER A 742 -31.21 -2.87 -0.91
N ILE A 743 -30.10 -3.28 -1.53
CA ILE A 743 -29.18 -4.22 -0.90
C ILE A 743 -28.60 -3.63 0.38
N ASN A 744 -28.16 -2.38 0.30
CA ASN A 744 -27.60 -1.70 1.46
C ASN A 744 -28.58 -1.67 2.63
N ARG A 745 -29.85 -1.40 2.34
CA ARG A 745 -30.88 -1.38 3.37
C ARG A 745 -31.09 -2.75 3.98
N ALA A 746 -31.14 -3.79 3.15
CA ALA A 746 -31.29 -5.15 3.65
C ALA A 746 -30.12 -5.53 4.56
N LEU A 747 -28.91 -5.12 4.19
CA LEU A 747 -27.75 -5.39 5.04
C LEU A 747 -27.86 -4.63 6.36
N ALA A 748 -28.16 -3.34 6.31
CA ALA A 748 -28.22 -2.52 7.50
C ALA A 748 -29.32 -2.97 8.47
N ALA A 749 -30.35 -3.61 7.93
CA ALA A 749 -31.47 -4.09 8.73
C ALA A 749 -31.05 -5.19 9.70
N LYS A 750 -30.11 -6.04 9.29
CA LYS A 750 -29.72 -7.18 10.12
C LYS A 750 -29.19 -6.74 11.47
N ASP A 751 -29.29 -7.63 12.46
CA ASP A 751 -28.75 -7.37 13.79
C ASP A 751 -27.30 -7.83 13.91
N GLY A 752 -26.83 -8.56 12.91
CA GLY A 752 -25.47 -9.10 12.94
C GLY A 752 -24.40 -8.05 12.66
N PRO A 753 -23.19 -8.51 12.32
CA PRO A 753 -22.08 -7.63 11.95
C PRO A 753 -22.47 -6.69 10.80
N ILE A 754 -21.91 -5.49 10.82
CA ILE A 754 -21.98 -4.58 9.68
C ILE A 754 -20.92 -5.04 8.69
N VAL A 755 -21.36 -5.59 7.57
CA VAL A 755 -20.44 -6.14 6.58
C VAL A 755 -20.18 -5.13 5.47
N PRO A 756 -19.09 -5.32 4.70
CA PRO A 756 -18.76 -4.38 3.63
C PRO A 756 -19.71 -4.52 2.45
N LEU A 757 -20.09 -3.39 1.86
CA LEU A 757 -20.78 -3.39 0.57
C LEU A 757 -19.93 -2.64 -0.44
N ILE A 758 -19.49 -3.34 -1.48
CA ILE A 758 -18.84 -2.71 -2.60
C ILE A 758 -19.87 -2.63 -3.70
N ALA A 759 -20.24 -1.42 -4.09
CA ALA A 759 -21.32 -1.23 -5.06
C ALA A 759 -20.91 -0.26 -6.14
N GLU A 760 -20.85 -0.74 -7.36
CA GLU A 760 -20.49 0.08 -8.50
C GLU A 760 -21.74 0.23 -9.34
N THR A 761 -22.16 1.47 -9.52
CA THR A 761 -23.46 1.74 -10.12
C THR A 761 -23.31 2.67 -11.33
N GLY A 762 -24.42 3.25 -11.78
CA GLY A 762 -24.41 3.94 -13.06
C GLY A 762 -23.69 5.29 -13.07
N GLY A 763 -23.99 6.08 -14.11
CA GLY A 763 -23.53 7.43 -14.19
C GLY A 763 -24.29 8.20 -15.26
N ILE A 764 -24.23 9.52 -15.19
CA ILE A 764 -24.63 10.38 -16.28
C ILE A 764 -23.34 11.06 -16.73
N ASN A 765 -22.61 10.37 -17.60
CA ASN A 765 -21.24 10.75 -17.93
C ASN A 765 -21.18 11.87 -18.96
N ALA A 766 -20.43 12.92 -18.64
CA ALA A 766 -20.30 14.09 -19.49
C ALA A 766 -18.96 14.11 -20.20
N MET A 767 -18.91 14.86 -21.29
CA MET A 767 -17.65 15.25 -21.91
C MET A 767 -17.65 16.75 -22.11
N ILE A 768 -16.52 17.40 -21.86
CA ILE A 768 -16.37 18.81 -22.15
C ILE A 768 -15.37 18.98 -23.28
N ALA A 769 -15.83 19.59 -24.38
CA ALA A 769 -14.96 19.87 -25.52
C ALA A 769 -14.94 21.37 -25.81
N ASP A 770 -13.75 21.98 -25.79
CA ASP A 770 -13.63 23.41 -26.12
C ASP A 770 -13.14 23.60 -27.55
N ALA A 771 -13.00 24.86 -27.97
CA ALA A 771 -12.73 25.16 -29.38
C ALA A 771 -11.28 24.90 -29.81
N THR A 772 -10.41 24.53 -28.87
CA THR A 772 -9.07 24.11 -29.24
C THR A 772 -9.01 22.61 -29.54
N ALA A 773 -10.11 21.90 -29.32
CA ALA A 773 -10.12 20.47 -29.60
C ALA A 773 -10.24 20.24 -31.09
N LEU A 774 -9.58 19.21 -31.59
CA LEU A 774 -9.72 18.83 -33.00
C LEU A 774 -11.08 18.18 -33.25
N PRO A 775 -11.94 18.83 -34.03
CA PRO A 775 -13.30 18.31 -34.22
C PRO A 775 -13.35 16.84 -34.69
N GLU A 776 -12.44 16.42 -35.56
CA GLU A 776 -12.44 15.04 -36.05
C GLU A 776 -12.17 14.01 -34.95
N GLN A 777 -11.33 14.38 -33.99
CA GLN A 777 -11.02 13.47 -32.89
C GLN A 777 -12.14 13.48 -31.86
N VAL A 778 -12.72 14.66 -31.63
CA VAL A 778 -13.90 14.75 -30.78
C VAL A 778 -14.99 13.85 -31.34
N ALA A 779 -15.19 13.91 -32.64
CA ALA A 779 -16.28 13.14 -33.25
C ALA A 779 -16.02 11.65 -33.09
N ASP A 780 -14.78 11.22 -33.37
CA ASP A 780 -14.40 9.83 -33.17
C ASP A 780 -14.69 9.39 -31.73
N ASP A 781 -14.19 10.16 -30.77
CA ASP A 781 -14.25 9.77 -29.38
C ASP A 781 -15.66 9.86 -28.81
N VAL A 782 -16.47 10.77 -29.36
CA VAL A 782 -17.86 10.90 -28.93
C VAL A 782 -18.66 9.74 -29.48
N VAL A 783 -18.44 9.42 -30.75
CA VAL A 783 -19.15 8.31 -31.38
C VAL A 783 -18.86 6.99 -30.66
N THR A 784 -17.58 6.77 -30.35
CA THR A 784 -17.15 5.58 -29.63
C THR A 784 -17.74 5.53 -28.22
N SER A 785 -17.53 6.59 -27.47
CA SER A 785 -17.98 6.66 -26.07
C SER A 785 -19.49 6.53 -25.90
N ALA A 786 -20.27 7.03 -26.84
CA ALA A 786 -21.72 7.07 -26.65
C ALA A 786 -22.47 5.91 -27.33
N PHE A 787 -21.92 5.40 -28.41
CA PHE A 787 -22.67 4.46 -29.26
C PHE A 787 -22.06 3.07 -29.33
N ARG A 788 -20.77 2.94 -29.02
CA ARG A 788 -20.12 1.63 -28.94
C ARG A 788 -20.87 0.74 -27.96
N SER A 789 -21.03 -0.53 -28.33
CA SER A 789 -21.79 -1.48 -27.52
C SER A 789 -23.22 -1.00 -27.30
N ALA A 790 -23.77 -0.29 -28.29
CA ALA A 790 -25.11 0.27 -28.19
C ALA A 790 -25.29 1.11 -26.94
N GLY A 791 -24.21 1.75 -26.50
CA GLY A 791 -24.26 2.59 -25.32
C GLY A 791 -24.52 1.82 -24.04
N GLN A 792 -24.26 0.51 -24.06
CA GLN A 792 -24.53 -0.34 -22.90
C GLN A 792 -23.27 -0.53 -22.04
N ARG A 793 -22.53 0.55 -21.86
CA ARG A 793 -21.41 0.56 -20.94
C ARG A 793 -21.71 1.61 -19.88
N CYS A 794 -21.28 1.34 -18.65
CA CYS A 794 -21.51 2.25 -17.54
CA CYS A 794 -21.55 2.29 -17.58
C CYS A 794 -20.70 3.52 -17.72
N SER A 795 -19.57 3.39 -18.41
CA SER A 795 -18.66 4.51 -18.66
C SER A 795 -19.10 5.40 -19.83
N ALA A 796 -20.16 4.99 -20.52
CA ALA A 796 -20.55 5.61 -21.78
C ALA A 796 -20.88 7.08 -21.64
N LEU A 797 -20.53 7.84 -22.69
CA LEU A 797 -20.85 9.25 -22.78
C LEU A 797 -22.35 9.45 -22.95
N ARG A 798 -22.94 10.27 -22.07
CA ARG A 798 -24.37 10.56 -22.13
C ARG A 798 -24.63 12.04 -22.42
N LEU A 799 -23.68 12.89 -22.04
CA LEU A 799 -23.88 14.32 -22.15
C LEU A 799 -22.64 15.07 -22.66
N LEU A 800 -22.71 15.57 -23.89
CA LEU A 800 -21.60 16.33 -24.45
C LEU A 800 -21.82 17.83 -24.28
N PHE A 801 -20.86 18.50 -23.63
CA PHE A 801 -20.82 19.96 -23.59
C PHE A 801 -19.81 20.42 -24.65
N VAL A 802 -20.23 21.31 -25.54
CA VAL A 802 -19.37 21.79 -26.61
C VAL A 802 -19.46 23.31 -26.74
N GLN A 803 -18.32 23.98 -26.86
CA GLN A 803 -18.32 25.44 -26.91
C GLN A 803 -19.04 25.91 -28.16
N GLU A 804 -19.79 27.00 -28.02
CA GLU A 804 -20.71 27.42 -29.09
C GLU A 804 -20.03 27.70 -30.42
N ASP A 805 -18.80 28.23 -30.37
CA ASP A 805 -18.07 28.55 -31.61
C ASP A 805 -17.79 27.34 -32.50
N VAL A 806 -17.79 26.14 -31.92
CA VAL A 806 -17.51 24.96 -32.73
C VAL A 806 -18.66 23.95 -32.70
N ALA A 807 -19.77 24.32 -32.07
CA ALA A 807 -20.85 23.38 -31.80
C ALA A 807 -21.46 22.82 -33.08
N ASP A 808 -21.69 23.69 -34.07
CA ASP A 808 -22.38 23.30 -35.29
C ASP A 808 -21.57 22.26 -36.07
N ARG A 809 -20.27 22.51 -36.19
CA ARG A 809 -19.39 21.59 -36.89
C ARG A 809 -19.23 20.28 -36.11
N MET A 810 -18.97 20.38 -34.83
CA MET A 810 -18.80 19.17 -34.02
C MET A 810 -20.07 18.30 -33.99
N ILE A 811 -21.22 18.94 -33.82
CA ILE A 811 -22.49 18.21 -33.79
C ILE A 811 -22.77 17.54 -35.13
N GLU A 812 -22.58 18.30 -36.20
CA GLU A 812 -22.75 17.79 -37.55
C GLU A 812 -21.81 16.60 -37.86
N MET A 813 -20.59 16.66 -37.33
CA MET A 813 -19.62 15.60 -37.60
C MET A 813 -19.96 14.32 -36.82
N VAL A 814 -20.37 14.48 -35.57
CA VAL A 814 -20.82 13.34 -34.77
C VAL A 814 -22.04 12.67 -35.43
N ALA A 815 -22.99 13.47 -35.88
CA ALA A 815 -24.18 12.93 -36.52
C ALA A 815 -23.86 12.18 -37.81
N GLY A 816 -23.01 12.78 -38.64
CA GLY A 816 -22.59 12.17 -39.88
C GLY A 816 -21.81 10.89 -39.65
N ALA A 817 -20.98 10.90 -38.62
CA ALA A 817 -20.24 9.71 -38.23
C ALA A 817 -21.18 8.61 -37.72
N ALA A 818 -22.16 9.00 -36.92
CA ALA A 818 -23.09 8.04 -36.37
C ALA A 818 -23.91 7.37 -37.47
N ARG A 819 -24.20 8.12 -38.52
CA ARG A 819 -24.96 7.58 -39.64
C ARG A 819 -24.19 6.46 -40.34
N GLU A 820 -22.87 6.45 -40.21
CA GLU A 820 -22.05 5.45 -40.89
C GLU A 820 -21.90 4.14 -40.11
N LEU A 821 -22.44 4.08 -38.91
CA LEU A 821 -22.36 2.86 -38.11
C LEU A 821 -23.34 1.80 -38.61
N LYS A 822 -22.82 0.60 -38.88
CA LYS A 822 -23.69 -0.50 -39.24
C LYS A 822 -24.33 -1.11 -37.99
N ILE A 823 -25.66 -1.15 -37.98
CA ILE A 823 -26.44 -1.72 -36.89
C ILE A 823 -26.97 -3.04 -37.39
N GLY A 824 -26.83 -4.10 -36.60
CA GLY A 824 -27.34 -5.39 -37.02
C GLY A 824 -26.79 -6.56 -36.24
N ASP A 825 -26.86 -7.75 -36.84
CA ASP A 825 -26.36 -8.98 -36.21
C ASP A 825 -24.92 -8.82 -35.78
N PRO A 826 -24.66 -8.93 -34.47
CA PRO A 826 -23.31 -8.78 -33.88
C PRO A 826 -22.32 -9.80 -34.41
N SER A 827 -22.79 -10.88 -35.01
CA SER A 827 -21.90 -11.90 -35.54
C SER A 827 -21.35 -11.54 -36.93
N ASP A 828 -22.03 -10.64 -37.63
CA ASP A 828 -21.48 -10.09 -38.86
C ASP A 828 -20.31 -9.16 -38.51
N VAL A 829 -19.16 -9.41 -39.13
CA VAL A 829 -17.94 -8.66 -38.83
C VAL A 829 -18.06 -7.18 -39.15
N ALA A 830 -19.02 -6.82 -40.01
CA ALA A 830 -19.19 -5.44 -40.45
C ALA A 830 -20.03 -4.62 -39.47
N THR A 831 -20.63 -5.29 -38.50
CA THR A 831 -21.54 -4.62 -37.57
C THR A 831 -20.79 -3.76 -36.55
N HIS A 832 -21.30 -2.55 -36.33
CA HIS A 832 -20.70 -1.63 -35.38
C HIS A 832 -21.55 -1.59 -34.12
N VAL A 833 -22.86 -1.70 -34.30
CA VAL A 833 -23.78 -1.61 -33.18
C VAL A 833 -24.73 -2.79 -33.18
N GLY A 834 -24.62 -3.63 -32.15
CA GLY A 834 -25.48 -4.79 -32.02
C GLY A 834 -26.77 -4.45 -31.31
N PRO A 835 -27.58 -5.46 -30.98
CA PRO A 835 -28.87 -5.21 -30.35
C PRO A 835 -28.71 -4.86 -28.89
N VAL A 836 -29.71 -4.19 -28.32
CA VAL A 836 -29.74 -4.02 -26.88
C VAL A 836 -30.16 -5.35 -26.23
N ILE A 837 -29.95 -5.47 -24.93
CA ILE A 837 -30.01 -6.77 -24.26
C ILE A 837 -31.38 -7.48 -24.31
N ASP A 838 -32.46 -6.75 -24.10
CA ASP A 838 -33.79 -7.35 -24.11
C ASP A 838 -34.92 -6.37 -24.47
N VAL A 839 -36.12 -6.93 -24.63
CA VAL A 839 -37.31 -6.15 -24.98
C VAL A 839 -37.55 -5.03 -23.98
N GLU A 840 -37.30 -5.31 -22.70
CA GLU A 840 -37.52 -4.31 -21.65
C GLU A 840 -36.58 -3.12 -21.82
N ALA A 841 -35.34 -3.40 -22.22
CA ALA A 841 -34.37 -2.34 -22.42
C ALA A 841 -34.81 -1.44 -23.57
N LYS A 842 -35.18 -2.06 -24.70
CA LYS A 842 -35.59 -1.30 -25.87
C LYS A 842 -36.80 -0.41 -25.58
N GLN A 843 -37.78 -0.94 -24.84
CA GLN A 843 -38.98 -0.17 -24.51
C GLN A 843 -38.67 1.08 -23.69
N ARG A 844 -37.79 0.91 -22.70
CA ARG A 844 -37.39 2.03 -21.85
C ARG A 844 -36.64 3.07 -22.69
N LEU A 845 -35.76 2.60 -23.57
CA LEU A 845 -35.02 3.50 -24.45
C LEU A 845 -35.97 4.22 -25.41
N ASP A 846 -36.90 3.47 -25.99
CA ASP A 846 -37.83 4.05 -26.95
C ASP A 846 -38.71 5.12 -26.28
N ALA A 847 -39.03 4.90 -25.01
CA ALA A 847 -39.84 5.85 -24.26
C ALA A 847 -39.09 7.16 -24.05
N HIS A 848 -37.81 7.06 -23.68
CA HIS A 848 -36.97 8.24 -23.52
C HIS A 848 -36.79 9.00 -24.84
N ILE A 849 -36.61 8.25 -25.92
CA ILE A 849 -36.47 8.84 -27.24
C ILE A 849 -37.74 9.61 -27.63
N ALA A 850 -38.90 8.99 -27.40
CA ALA A 850 -40.17 9.65 -27.70
C ALA A 850 -40.30 10.96 -26.92
N ARG A 851 -39.97 10.90 -25.63
CA ARG A 851 -40.02 12.08 -24.77
C ARG A 851 -39.07 13.18 -25.23
N MET A 852 -37.85 12.79 -25.59
CA MET A 852 -36.83 13.74 -26.01
C MET A 852 -37.22 14.42 -27.31
N LYS A 853 -37.85 13.68 -28.21
CA LYS A 853 -38.31 14.27 -29.46
C LYS A 853 -39.27 15.45 -29.25
N THR A 854 -40.06 15.40 -28.17
CA THR A 854 -40.99 16.49 -27.90
C THR A 854 -40.42 17.56 -26.97
N GLU A 855 -39.24 17.30 -26.41
CA GLU A 855 -38.61 18.23 -25.46
C GLU A 855 -37.31 18.88 -25.93
N ALA A 856 -36.66 18.30 -26.93
CA ALA A 856 -35.34 18.78 -27.34
C ALA A 856 -35.11 18.61 -28.84
N ARG A 857 -34.12 19.33 -29.38
CA ARG A 857 -33.83 19.26 -30.81
C ARG A 857 -33.30 17.89 -31.19
N LEU A 858 -33.86 17.30 -32.24
CA LEU A 858 -33.33 16.06 -32.77
C LEU A 858 -32.27 16.34 -33.82
N HIS A 859 -31.03 15.96 -33.56
CA HIS A 859 -29.99 16.12 -34.56
C HIS A 859 -29.86 14.86 -35.41
N PHE A 860 -30.16 13.70 -34.82
CA PHE A 860 -30.04 12.45 -35.56
C PHE A 860 -30.84 11.33 -34.93
N ALA A 861 -31.58 10.62 -35.77
CA ALA A 861 -32.28 9.42 -35.35
C ALA A 861 -32.00 8.35 -36.39
N GLY A 862 -31.06 7.45 -36.10
CA GLY A 862 -30.62 6.47 -37.06
C GLY A 862 -31.70 5.44 -37.40
N PRO A 863 -31.50 4.70 -38.50
CA PRO A 863 -32.38 3.62 -38.94
C PRO A 863 -32.01 2.32 -38.26
N ALA A 864 -32.98 1.66 -37.64
CA ALA A 864 -32.72 0.43 -36.91
C ALA A 864 -33.42 -0.73 -37.60
N PRO A 865 -32.77 -1.91 -37.60
CA PRO A 865 -33.36 -3.13 -38.15
C PRO A 865 -34.49 -3.61 -37.25
N GLU A 866 -35.44 -4.36 -37.80
CA GLU A 866 -36.46 -4.97 -36.97
C GLU A 866 -35.81 -5.79 -35.86
N GLY A 867 -36.42 -5.79 -34.69
CA GLY A 867 -35.92 -6.58 -33.57
C GLY A 867 -35.47 -5.72 -32.40
N CYS A 868 -34.73 -6.33 -31.48
CA CYS A 868 -34.27 -5.64 -30.28
C CYS A 868 -33.13 -4.67 -30.59
N PHE A 869 -33.36 -3.77 -31.54
CA PHE A 869 -32.35 -2.78 -31.90
C PHE A 869 -32.79 -1.37 -31.57
N VAL A 870 -31.84 -0.57 -31.09
CA VAL A 870 -32.04 0.87 -30.96
C VAL A 870 -30.85 1.58 -31.61
N ALA A 871 -31.12 2.44 -32.59
CA ALA A 871 -30.06 3.14 -33.31
C ALA A 871 -29.53 4.33 -32.52
N PRO A 872 -28.33 4.81 -32.86
CA PRO A 872 -27.80 6.03 -32.25
C PRO A 872 -28.77 7.21 -32.42
N HIS A 873 -28.92 7.97 -31.35
CA HIS A 873 -29.75 9.16 -31.38
C HIS A 873 -28.95 10.31 -30.79
N ILE A 874 -29.12 11.50 -31.34
CA ILE A 874 -28.49 12.67 -30.78
C ILE A 874 -29.54 13.75 -30.55
N PHE A 875 -29.69 14.16 -29.30
CA PHE A 875 -30.57 15.26 -28.96
C PHE A 875 -29.73 16.39 -28.40
N GLU A 876 -30.15 17.62 -28.69
CA GLU A 876 -29.55 18.78 -28.06
C GLU A 876 -30.51 19.36 -27.05
N LEU A 877 -30.03 19.54 -25.83
CA LEU A 877 -30.80 20.09 -24.73
C LEU A 877 -30.55 21.59 -24.66
N THR A 878 -31.54 22.32 -24.17
CA THR A 878 -31.36 23.73 -23.85
C THR A 878 -30.45 23.86 -22.64
N GLU A 879 -30.69 23.01 -21.64
CA GLU A 879 -29.83 22.96 -20.47
C GLU A 879 -29.66 21.53 -19.96
N ALA A 880 -28.55 21.28 -19.26
CA ALA A 880 -28.19 19.95 -18.81
C ALA A 880 -29.26 19.39 -17.86
N GLY A 881 -29.90 20.29 -17.12
CA GLY A 881 -30.94 19.91 -16.18
C GLY A 881 -32.06 19.08 -16.80
N GLN A 882 -32.19 19.14 -18.13
CA GLN A 882 -33.21 18.35 -18.80
C GLN A 882 -32.89 16.86 -18.79
N LEU A 883 -31.61 16.52 -18.61
CA LEU A 883 -31.21 15.12 -18.49
C LEU A 883 -31.09 14.74 -17.02
N THR A 884 -31.99 13.89 -16.55
CA THR A 884 -32.05 13.57 -15.13
C THR A 884 -31.84 12.09 -14.79
N GLU A 885 -31.70 11.24 -15.80
CA GLU A 885 -31.50 9.83 -15.55
C GLU A 885 -30.40 9.26 -16.42
N GLU A 886 -29.82 8.16 -15.96
CA GLU A 886 -28.95 7.37 -16.82
C GLU A 886 -29.84 6.58 -17.79
N VAL A 887 -29.70 6.86 -19.08
CA VAL A 887 -30.44 6.11 -20.09
C VAL A 887 -29.46 5.16 -20.78
N PHE A 888 -29.65 3.86 -20.57
CA PHE A 888 -28.63 2.87 -20.87
C PHE A 888 -28.66 2.40 -22.32
N GLY A 889 -28.40 3.31 -23.25
CA GLY A 889 -28.44 2.98 -24.66
C GLY A 889 -27.68 3.97 -25.52
N PRO A 890 -27.78 3.83 -26.84
CA PRO A 890 -27.04 4.63 -27.82
C PRO A 890 -27.63 6.03 -27.97
N ILE A 891 -27.72 6.79 -26.88
CA ILE A 891 -28.43 8.06 -26.93
C ILE A 891 -27.59 9.20 -26.37
N LEU A 892 -27.09 10.03 -27.29
CA LEU A 892 -26.25 11.17 -26.90
C LEU A 892 -27.09 12.43 -26.69
N HIS A 893 -26.82 13.13 -25.60
CA HIS A 893 -27.42 14.43 -25.35
C HIS A 893 -26.32 15.48 -25.45
N VAL A 894 -26.63 16.62 -26.07
CA VAL A 894 -25.65 17.69 -26.27
C VAL A 894 -26.13 19.05 -25.75
N VAL A 895 -25.24 19.76 -25.07
CA VAL A 895 -25.50 21.12 -24.65
C VAL A 895 -24.36 22.00 -25.15
N ARG A 896 -24.67 23.10 -25.84
CA ARG A 896 -23.62 24.04 -26.23
C ARG A 896 -23.49 25.13 -25.18
N TYR A 897 -22.30 25.69 -25.01
CA TYR A 897 -22.07 26.67 -23.95
C TYR A 897 -21.11 27.78 -24.37
N ARG A 898 -21.23 28.92 -23.70
CA ARG A 898 -20.31 30.04 -23.89
C ARG A 898 -19.09 29.84 -23.00
N PRO A 899 -17.89 30.14 -23.54
CA PRO A 899 -16.62 29.91 -22.85
C PRO A 899 -16.57 30.54 -21.47
N GLU A 900 -17.25 31.68 -21.31
CA GLU A 900 -17.27 32.37 -20.03
C GLU A 900 -18.18 31.67 -19.01
N ASN A 901 -18.91 30.65 -19.46
CA ASN A 901 -19.85 29.93 -18.61
C ASN A 901 -19.43 28.51 -18.21
N LEU A 902 -18.15 28.20 -18.30
CA LEU A 902 -17.69 26.87 -17.91
C LEU A 902 -18.13 26.54 -16.48
N GLU A 903 -18.14 27.53 -15.60
CA GLU A 903 -18.58 27.32 -14.22
C GLU A 903 -19.97 26.69 -14.21
N ARG A 904 -20.87 27.26 -15.00
CA ARG A 904 -22.23 26.75 -15.15
C ARG A 904 -22.21 25.28 -15.57
N VAL A 905 -21.31 24.95 -16.49
CA VAL A 905 -21.18 23.58 -16.99
C VAL A 905 -20.74 22.64 -15.87
N LEU A 906 -19.78 23.08 -15.08
CA LEU A 906 -19.25 22.30 -13.97
C LEU A 906 -20.29 22.11 -12.88
N ARG A 907 -21.08 23.15 -12.59
CA ARG A 907 -22.19 23.02 -11.66
C ARG A 907 -23.22 22.01 -12.19
N ALA A 908 -23.53 22.10 -13.49
CA ALA A 908 -24.45 21.15 -14.11
C ALA A 908 -23.98 19.71 -13.93
N ILE A 909 -22.68 19.48 -14.00
CA ILE A 909 -22.14 18.14 -13.85
C ILE A 909 -22.22 17.71 -12.38
N GLU A 910 -21.88 18.61 -11.47
CA GLU A 910 -21.90 18.32 -10.04
C GLU A 910 -23.31 18.01 -9.55
N ARG A 911 -24.30 18.58 -10.24
CA ARG A 911 -25.68 18.59 -9.80
C ARG A 911 -26.34 17.21 -9.84
N THR A 912 -25.93 16.36 -10.77
CA THR A 912 -26.60 15.08 -10.93
C THR A 912 -26.33 14.15 -9.74
N GLY A 913 -25.18 14.33 -9.11
CA GLY A 913 -24.79 13.46 -8.01
C GLY A 913 -23.96 12.27 -8.45
N TYR A 914 -23.97 11.98 -9.74
CA TYR A 914 -23.16 10.89 -10.28
C TYR A 914 -21.70 11.31 -10.44
N GLY A 915 -20.81 10.34 -10.64
CA GLY A 915 -19.39 10.66 -10.79
C GLY A 915 -18.56 9.48 -11.25
N LEU A 916 -18.90 8.93 -12.41
CA LEU A 916 -18.21 7.75 -12.92
C LEU A 916 -17.10 8.13 -13.92
N THR A 917 -17.47 8.50 -15.13
CA THR A 917 -16.47 8.97 -16.10
C THR A 917 -16.70 10.41 -16.57
N LEU A 918 -15.61 11.07 -16.92
CA LEU A 918 -15.68 12.40 -17.52
C LEU A 918 -14.65 12.52 -18.64
N GLY A 919 -15.09 13.02 -19.79
CA GLY A 919 -14.19 13.26 -20.89
C GLY A 919 -13.85 14.74 -21.02
N VAL A 920 -12.59 15.04 -21.31
CA VAL A 920 -12.17 16.41 -21.56
C VAL A 920 -11.33 16.48 -22.83
N HIS A 921 -11.80 17.29 -23.79
CA HIS A 921 -11.07 17.50 -25.04
C HIS A 921 -10.64 18.95 -25.13
N SER A 922 -9.33 19.16 -25.10
CA SER A 922 -8.77 20.51 -25.07
C SER A 922 -7.28 20.46 -25.26
N ARG A 923 -6.75 21.50 -25.92
CA ARG A 923 -5.32 21.68 -26.08
C ARG A 923 -4.77 22.34 -24.82
N ILE A 924 -5.65 22.99 -24.05
CA ILE A 924 -5.25 23.90 -22.98
C ILE A 924 -5.02 23.22 -21.63
N ASP A 925 -3.77 22.97 -21.30
CA ASP A 925 -3.41 22.33 -20.03
C ASP A 925 -4.06 22.99 -18.81
N ASP A 926 -4.07 24.32 -18.77
CA ASP A 926 -4.68 25.01 -17.62
C ASP A 926 -6.19 24.75 -17.50
N SER A 927 -6.86 24.62 -18.64
CA SER A 927 -8.29 24.32 -18.64
C SER A 927 -8.54 22.89 -18.18
N ILE A 928 -7.81 21.95 -18.76
CA ILE A 928 -7.87 20.55 -18.36
C ILE A 928 -7.63 20.41 -16.86
N GLU A 929 -6.61 21.09 -16.36
CA GLU A 929 -6.24 20.96 -14.96
C GLU A 929 -7.27 21.62 -14.04
N ALA A 930 -7.87 22.72 -14.47
CA ALA A 930 -8.92 23.36 -13.68
C ALA A 930 -10.15 22.46 -13.58
N ILE A 931 -10.49 21.80 -14.68
CA ILE A 931 -11.61 20.85 -14.66
C ILE A 931 -11.35 19.68 -13.70
N ILE A 932 -10.15 19.09 -13.79
CA ILE A 932 -9.78 17.98 -12.91
C ILE A 932 -9.86 18.38 -11.44
N ASP A 933 -9.32 19.55 -11.13
CA ASP A 933 -9.32 20.07 -9.77
C ASP A 933 -10.73 20.16 -9.22
N ARG A 934 -11.66 20.57 -10.07
CA ARG A 934 -13.02 20.88 -9.66
C ARG A 934 -13.91 19.65 -9.44
N VAL A 935 -13.80 18.66 -10.33
CA VAL A 935 -14.70 17.51 -10.30
C VAL A 935 -14.18 16.35 -9.45
N GLN A 936 -15.09 15.50 -8.99
CA GLN A 936 -14.73 14.38 -8.13
C GLN A 936 -14.90 13.03 -8.82
N VAL A 937 -15.21 13.08 -10.11
CA VAL A 937 -15.43 11.89 -10.93
C VAL A 937 -14.31 10.85 -10.80
N GLY A 938 -14.66 9.57 -10.85
CA GLY A 938 -13.69 8.51 -10.65
C GLY A 938 -12.67 8.33 -11.76
N ASN A 939 -13.10 8.48 -13.01
CA ASN A 939 -12.23 8.28 -14.15
C ASN A 939 -12.34 9.44 -15.13
N ILE A 940 -11.24 10.16 -15.29
CA ILE A 940 -11.17 11.30 -16.21
C ILE A 940 -10.30 10.93 -17.39
N TYR A 941 -10.85 11.09 -18.59
CA TYR A 941 -10.14 10.78 -19.82
C TYR A 941 -9.93 12.05 -20.63
N VAL A 942 -8.69 12.34 -20.97
CA VAL A 942 -8.33 13.57 -21.65
C VAL A 942 -7.88 13.31 -23.08
N ASN A 943 -8.60 13.90 -24.03
CA ASN A 943 -8.21 13.82 -25.44
C ASN A 943 -8.20 12.39 -25.97
N ARG A 944 -9.11 11.58 -25.43
CA ARG A 944 -9.35 10.22 -25.91
C ARG A 944 -10.78 9.81 -25.56
N ASN A 945 -11.20 8.63 -25.99
CA ASN A 945 -12.55 8.19 -25.64
C ASN A 945 -12.65 7.85 -24.14
N MET A 946 -13.86 7.67 -23.64
CA MET A 946 -14.12 7.51 -22.21
C MET A 946 -14.33 6.05 -21.78
N ILE A 947 -14.08 5.11 -22.67
CA ILE A 947 -14.46 3.72 -22.41
C ILE A 947 -13.29 2.73 -22.47
N GLY A 948 -13.56 1.51 -22.03
CA GLY A 948 -12.59 0.42 -22.14
C GLY A 948 -11.44 0.49 -21.16
N ALA A 949 -11.74 0.87 -19.91
CA ALA A 949 -10.74 0.92 -18.87
C ALA A 949 -9.95 -0.38 -18.83
N VAL A 950 -8.63 -0.27 -18.73
CA VAL A 950 -7.76 -1.42 -18.76
C VAL A 950 -7.31 -1.80 -17.35
N VAL A 951 -7.48 -3.07 -16.99
CA VAL A 951 -7.12 -3.56 -15.65
C VAL A 951 -5.66 -3.25 -15.31
N GLY A 952 -5.46 -2.63 -14.15
CA GLY A 952 -4.13 -2.29 -13.69
C GLY A 952 -3.59 -1.02 -14.32
N VAL A 953 -4.32 -0.48 -15.30
CA VAL A 953 -3.89 0.74 -15.99
C VAL A 953 -4.84 1.89 -15.67
N GLN A 954 -6.13 1.69 -15.93
CA GLN A 954 -7.16 2.61 -15.45
C GLN A 954 -8.01 1.93 -14.37
N PRO A 955 -7.56 1.97 -13.11
CA PRO A 955 -8.45 1.49 -12.04
C PRO A 955 -9.78 2.19 -12.21
N PHE A 956 -10.86 1.41 -12.27
CA PHE A 956 -12.12 1.93 -12.71
C PHE A 956 -13.18 1.92 -11.61
N GLY A 957 -13.94 3.01 -11.50
CA GLY A 957 -14.99 3.11 -10.51
C GLY A 957 -15.19 4.53 -10.04
N GLY A 958 -16.43 4.87 -9.73
CA GLY A 958 -16.77 6.25 -9.41
C GLY A 958 -17.24 6.44 -8.00
N ASN A 959 -17.71 7.64 -7.70
CA ASN A 959 -18.21 7.96 -6.38
C ASN A 959 -19.55 8.67 -6.46
N GLY A 960 -19.99 9.26 -5.36
CA GLY A 960 -21.34 9.80 -5.29
C GLY A 960 -22.30 8.68 -5.63
N LEU A 961 -23.30 8.98 -6.46
CA LEU A 961 -24.30 7.99 -6.85
C LEU A 961 -23.73 6.91 -7.79
N SER A 962 -22.46 7.06 -8.18
CA SER A 962 -21.84 6.11 -9.10
C SER A 962 -21.08 4.94 -8.45
N GLY A 963 -20.89 4.97 -7.13
CA GLY A 963 -20.21 3.86 -6.48
C GLY A 963 -19.63 4.14 -5.11
N THR A 964 -19.20 3.08 -4.44
CA THR A 964 -18.64 3.20 -3.09
C THR A 964 -17.11 3.20 -3.11
N GLY A 965 -16.52 2.59 -4.14
CA GLY A 965 -15.12 2.21 -4.08
C GLY A 965 -15.00 0.93 -3.26
N PRO A 966 -13.81 0.32 -3.21
CA PRO A 966 -12.62 0.78 -3.94
C PRO A 966 -12.76 0.47 -5.43
N LYS A 967 -11.82 0.98 -6.23
CA LYS A 967 -11.85 0.83 -7.67
C LYS A 967 -11.45 -0.58 -8.09
N ALA A 968 -12.30 -1.24 -8.87
CA ALA A 968 -11.94 -2.51 -9.50
C ALA A 968 -10.71 -2.34 -10.37
N GLY A 969 -9.86 -3.35 -10.40
CA GLY A 969 -8.67 -3.34 -11.23
C GLY A 969 -7.63 -2.32 -10.80
N GLY A 970 -7.67 -1.96 -9.52
CA GLY A 970 -6.70 -1.05 -8.94
C GLY A 970 -6.12 -1.60 -7.64
N PRO A 971 -5.13 -0.91 -7.08
CA PRO A 971 -4.35 -1.44 -5.95
C PRO A 971 -5.07 -1.38 -4.60
N HIS A 972 -6.26 -0.81 -4.54
CA HIS A 972 -6.97 -0.70 -3.26
C HIS A 972 -8.17 -1.64 -3.17
N TYR A 973 -8.31 -2.50 -4.16
CA TYR A 973 -9.51 -3.36 -4.28
C TYR A 973 -9.53 -4.55 -3.33
N LEU A 974 -8.46 -5.34 -3.35
CA LEU A 974 -8.44 -6.62 -2.64
C LEU A 974 -8.59 -6.48 -1.12
N ALA A 975 -7.96 -5.45 -0.56
CA ALA A 975 -7.97 -5.22 0.88
C ALA A 975 -9.39 -5.15 1.43
N ARG A 976 -10.29 -4.58 0.65
CA ARG A 976 -11.69 -4.45 1.08
C ARG A 976 -12.36 -5.81 1.29
N PHE A 977 -11.87 -6.85 0.63
CA PHE A 977 -12.46 -8.19 0.74
C PHE A 977 -11.91 -8.96 1.94
N ALA A 978 -10.96 -8.34 2.65
CA ALA A 978 -10.30 -9.03 3.76
C ALA A 978 -10.45 -8.27 5.07
N THR A 979 -10.05 -8.91 6.16
CA THR A 979 -10.06 -8.28 7.46
C THR A 979 -8.65 -8.33 8.06
N GLU A 980 -8.29 -7.30 8.81
CA GLU A 980 -6.97 -7.24 9.43
C GLU A 980 -6.88 -8.02 10.74
N GLN A 981 -5.69 -8.53 11.03
CA GLN A 981 -5.43 -9.16 12.32
C GLN A 981 -4.01 -8.85 12.78
N THR A 982 -3.89 -8.29 13.97
CA THR A 982 -2.60 -8.02 14.57
C THR A 982 -2.28 -9.09 15.61
N VAL A 983 -1.10 -9.68 15.49
CA VAL A 983 -0.61 -10.62 16.49
C VAL A 983 0.60 -10.03 17.20
N THR A 984 0.49 -9.90 18.51
CA THR A 984 1.55 -9.33 19.33
C THR A 984 2.05 -10.35 20.34
N ILE A 985 3.32 -10.73 20.22
CA ILE A 985 3.91 -11.74 21.09
C ILE A 985 5.00 -11.15 21.97
N ASN A 986 4.86 -11.27 23.28
CA ASN A 986 5.94 -10.94 24.19
C ASN A 986 7.04 -11.98 24.07
N THR A 987 8.14 -11.61 23.41
CA THR A 987 9.20 -12.58 23.12
C THR A 987 10.33 -12.58 24.15
N ALA A 988 10.22 -11.73 25.17
CA ALA A 988 11.30 -11.55 26.14
C ALA A 988 11.91 -12.83 26.74
N ALA A 989 11.08 -13.85 26.97
CA ALA A 989 11.59 -15.09 27.58
C ALA A 989 12.62 -15.81 26.71
N ALA A 990 12.58 -15.56 25.40
CA ALA A 990 13.51 -16.19 24.47
C ALA A 990 14.88 -15.52 24.50
N GLY A 991 14.92 -14.24 24.85
CA GLY A 991 16.16 -13.49 24.94
C GLY A 991 16.68 -13.04 23.59
N PRO B 4 27.54 12.92 61.74
CA PRO B 4 27.45 12.92 60.27
C PRO B 4 26.00 12.96 59.80
N ASN B 5 25.68 13.88 58.91
CA ASN B 5 24.33 14.02 58.40
C ASN B 5 23.82 12.77 57.67
N ILE B 6 22.57 12.41 57.95
CA ILE B 6 21.91 11.36 57.18
C ILE B 6 21.70 11.89 55.77
N PRO B 7 22.13 11.12 54.76
CA PRO B 7 21.95 11.53 53.36
C PRO B 7 20.48 11.71 53.03
N PRO B 8 20.14 12.71 52.20
CA PRO B 8 18.77 12.91 51.74
C PRO B 8 18.32 11.74 50.88
N PRO B 9 17.00 11.58 50.68
CA PRO B 9 16.48 10.54 49.79
C PRO B 9 17.24 10.49 48.46
N PHE B 10 17.75 9.32 48.13
CA PHE B 10 18.57 9.16 46.92
C PHE B 10 17.79 9.56 45.67
N THR B 11 18.37 10.47 44.90
CA THR B 11 17.70 10.96 43.69
C THR B 11 18.65 11.32 42.55
N ALA B 12 19.56 10.40 42.21
CA ALA B 12 20.47 10.61 41.10
C ALA B 12 19.73 10.65 39.76
N PRO B 13 20.34 11.29 38.76
CA PRO B 13 19.76 11.31 37.40
C PRO B 13 19.60 9.91 36.85
N TYR B 14 18.47 9.64 36.19
CA TYR B 14 18.09 8.29 35.83
C TYR B 14 18.89 7.72 34.65
N ALA B 15 19.01 8.49 33.58
CA ALA B 15 19.65 7.99 32.37
C ALA B 15 20.60 9.00 31.74
N PRO B 16 21.70 9.30 32.43
CA PRO B 16 22.71 10.26 31.96
C PRO B 16 23.39 9.76 30.69
N ASP B 17 24.10 10.65 30.01
CA ASP B 17 24.79 10.34 28.77
C ASP B 17 25.96 9.36 28.96
N ASP B 18 25.93 8.27 28.22
CA ASP B 18 26.96 7.24 28.31
C ASP B 18 28.35 7.80 28.01
N ALA B 19 28.43 8.60 26.94
CA ALA B 19 29.70 9.15 26.48
C ALA B 19 30.47 9.89 27.58
N GLU B 20 29.77 10.74 28.32
CA GLU B 20 30.39 11.52 29.39
C GLU B 20 30.92 10.63 30.52
N ILE B 21 30.23 9.52 30.76
CA ILE B 21 30.69 8.55 31.76
C ILE B 21 31.93 7.83 31.25
N ALA B 22 31.88 7.40 29.99
CA ALA B 22 33.01 6.75 29.35
C ALA B 22 34.21 7.70 29.29
N ALA B 23 33.93 9.00 29.22
CA ALA B 23 34.99 9.99 29.17
C ALA B 23 35.80 9.99 30.47
N ARG B 24 35.13 9.67 31.57
CA ARG B 24 35.80 9.60 32.86
C ARG B 24 36.34 8.21 33.14
N LEU B 25 35.52 7.19 32.88
CA LEU B 25 35.88 5.80 33.14
C LEU B 25 37.10 5.33 32.33
N LEU B 26 37.16 5.72 31.06
CA LEU B 26 38.23 5.22 30.18
C LEU B 26 39.63 5.56 30.68
N PRO B 27 39.92 6.85 30.92
CA PRO B 27 41.25 7.20 31.42
C PRO B 27 41.55 6.54 32.75
N ALA B 28 40.60 6.57 33.68
CA ALA B 28 40.80 6.01 35.01
C ALA B 28 41.14 4.52 34.97
N SER B 29 40.76 3.85 33.89
CA SER B 29 40.93 2.40 33.78
C SER B 29 42.38 1.98 33.55
N HIS B 30 43.26 2.95 33.30
CA HIS B 30 44.64 2.63 32.93
C HIS B 30 45.38 1.92 34.06
N LEU B 31 46.11 0.87 33.69
CA LEU B 31 46.94 0.14 34.65
C LEU B 31 48.36 -0.01 34.09
N SER B 32 49.34 -0.12 34.97
CA SER B 32 50.73 -0.24 34.54
C SER B 32 51.01 -1.60 33.90
N PRO B 33 52.04 -1.68 33.06
CA PRO B 33 52.41 -2.94 32.41
C PRO B 33 52.57 -4.11 33.39
N PRO B 34 53.19 -3.88 34.56
CA PRO B 34 53.29 -4.98 35.53
C PRO B 34 51.92 -5.39 36.05
N GLN B 35 51.05 -4.41 36.29
CA GLN B 35 49.70 -4.67 36.78
C GLN B 35 48.89 -5.51 35.79
N GLU B 36 48.99 -5.15 34.50
CA GLU B 36 48.27 -5.87 33.45
C GLU B 36 48.82 -7.28 33.26
N ALA B 37 50.11 -7.44 33.51
CA ALA B 37 50.78 -8.73 33.40
C ALA B 37 50.30 -9.69 34.48
N ARG B 38 50.20 -9.20 35.71
CA ARG B 38 49.66 -10.00 36.80
C ARG B 38 48.22 -10.40 36.47
N ILE B 39 47.44 -9.43 36.03
CA ILE B 39 46.04 -9.68 35.73
C ILE B 39 45.93 -10.73 34.63
N HIS B 40 46.72 -10.56 33.58
CA HIS B 40 46.67 -11.47 32.45
C HIS B 40 46.98 -12.91 32.85
N ARG B 41 48.03 -13.09 33.66
CA ARG B 41 48.43 -14.41 34.11
C ARG B 41 47.39 -15.09 34.99
N THR B 42 46.92 -14.36 36.01
CA THR B 42 45.87 -14.85 36.89
C THR B 42 44.64 -15.28 36.09
N ALA B 43 44.23 -14.41 35.17
CA ALA B 43 43.04 -14.66 34.35
C ALA B 43 43.21 -15.88 33.45
N THR B 44 44.36 -16.00 32.80
CA THR B 44 44.65 -17.15 31.95
C THR B 44 44.57 -18.47 32.71
N ARG B 45 45.16 -18.50 33.91
CA ARG B 45 45.10 -19.70 34.74
C ARG B 45 43.67 -20.03 35.16
N LEU B 46 42.88 -19.02 35.46
CA LEU B 46 41.50 -19.26 35.84
C LEU B 46 40.74 -19.90 34.69
N ILE B 47 40.92 -19.35 33.49
CA ILE B 47 40.23 -19.84 32.31
C ILE B 47 40.69 -21.25 31.93
N GLU B 48 41.98 -21.52 32.14
CA GLU B 48 42.53 -22.84 31.87
C GLU B 48 41.83 -23.89 32.72
N ALA B 49 41.64 -23.58 34.00
CA ALA B 49 40.95 -24.51 34.90
C ALA B 49 39.48 -24.64 34.51
N ILE B 50 38.87 -23.54 34.08
CA ILE B 50 37.49 -23.59 33.60
C ILE B 50 37.39 -24.54 32.41
N ARG B 51 38.45 -24.60 31.60
CA ARG B 51 38.42 -25.40 30.38
C ARG B 51 38.97 -26.82 30.53
N LYS B 52 39.19 -27.27 31.76
CA LYS B 52 39.58 -28.67 31.99
C LYS B 52 38.56 -29.64 31.41
N LEU B 57 32.52 -32.14 35.36
CA LEU B 57 31.22 -31.86 35.94
C LEU B 57 30.21 -31.40 34.89
N GLY B 58 29.71 -30.16 35.03
CA GLY B 58 28.79 -29.61 34.06
C GLY B 58 27.96 -28.44 34.58
N GLY B 59 27.42 -27.65 33.66
CA GLY B 59 26.57 -26.53 34.01
C GLY B 59 25.38 -26.37 33.06
N VAL B 60 24.50 -25.43 33.36
CA VAL B 60 23.35 -25.15 32.51
C VAL B 60 23.77 -24.73 31.12
N GLU B 61 24.77 -23.84 31.07
CA GLU B 61 25.33 -23.38 29.82
C GLU B 61 25.84 -24.55 28.99
N ASP B 62 26.42 -25.54 29.67
CA ASP B 62 26.93 -26.73 29.01
C ASP B 62 25.82 -27.54 28.37
N MET B 63 24.71 -27.69 29.09
CA MET B 63 23.55 -28.41 28.56
C MET B 63 22.94 -27.69 27.37
N LEU B 64 22.77 -26.37 27.50
CA LEU B 64 22.22 -25.57 26.40
C LEU B 64 23.07 -25.69 25.14
N ARG B 65 24.38 -25.66 25.33
CA ARG B 65 25.32 -25.72 24.22
C ARG B 65 25.36 -27.15 23.68
N GLU B 66 25.48 -28.12 24.59
CA GLU B 66 25.57 -29.51 24.19
C GLU B 66 24.42 -29.94 23.26
N PHE B 67 23.19 -29.56 23.59
CA PHE B 67 22.04 -29.97 22.76
C PHE B 67 21.50 -28.84 21.90
N ALA B 68 22.22 -27.73 21.87
CA ALA B 68 21.79 -26.57 21.10
C ALA B 68 20.35 -26.20 21.47
N LEU B 69 20.11 -26.03 22.76
CA LEU B 69 18.78 -25.73 23.26
C LEU B 69 18.49 -24.23 23.27
N SER B 70 17.28 -23.85 22.87
CA SER B 70 16.81 -22.49 23.11
C SER B 70 16.53 -22.34 24.61
N THR B 71 16.31 -21.11 25.04
CA THR B 71 15.99 -20.87 26.44
C THR B 71 14.69 -21.56 26.85
N LYS B 72 13.69 -21.54 25.96
CA LYS B 72 12.41 -22.19 26.24
C LYS B 72 12.59 -23.71 26.40
N GLU B 73 13.47 -24.28 25.58
CA GLU B 73 13.69 -25.73 25.59
C GLU B 73 14.42 -26.16 26.85
N GLY B 74 15.44 -25.41 27.22
CA GLY B 74 16.15 -25.67 28.46
C GLY B 74 15.18 -25.62 29.62
N LEU B 75 14.31 -24.61 29.62
CA LEU B 75 13.34 -24.44 30.69
C LEU B 75 12.38 -25.63 30.78
N ALA B 76 11.84 -26.04 29.64
CA ALA B 76 10.91 -27.17 29.62
C ALA B 76 11.55 -28.44 30.20
N LEU B 77 12.78 -28.72 29.80
CA LEU B 77 13.47 -29.92 30.27
C LEU B 77 13.82 -29.86 31.76
N MET B 78 14.20 -28.68 32.24
CA MET B 78 14.48 -28.50 33.66
C MET B 78 13.22 -28.64 34.53
N VAL B 79 12.09 -28.19 34.01
CA VAL B 79 10.81 -28.36 34.68
C VAL B 79 10.43 -29.83 34.69
N LEU B 80 10.55 -30.49 33.55
CA LEU B 80 10.26 -31.91 33.47
C LEU B 80 11.21 -32.65 34.42
N ALA B 81 12.48 -32.23 34.42
CA ALA B 81 13.48 -32.82 35.29
C ALA B 81 13.08 -32.79 36.77
N GLU B 82 12.63 -31.64 37.26
CA GLU B 82 12.23 -31.53 38.66
C GLU B 82 11.06 -32.46 39.00
N ALA B 83 10.05 -32.50 38.13
CA ALA B 83 8.94 -33.40 38.33
C ALA B 83 9.46 -34.84 38.46
N LEU B 84 10.32 -35.24 37.54
CA LEU B 84 10.89 -36.59 37.55
C LEU B 84 11.71 -36.88 38.81
N LEU B 85 12.40 -35.87 39.32
CA LEU B 85 13.21 -36.04 40.54
C LEU B 85 12.35 -36.27 41.78
N ARG B 86 11.11 -35.78 41.74
CA ARG B 86 10.25 -35.81 42.92
C ARG B 86 9.30 -37.02 42.89
N VAL B 87 9.50 -37.91 41.93
CA VAL B 87 8.80 -39.20 41.92
C VAL B 87 9.45 -40.11 42.97
N PRO B 88 8.64 -40.77 43.81
CA PRO B 88 9.12 -41.51 44.98
C PRO B 88 10.12 -42.60 44.60
N ASP B 89 9.81 -43.33 43.55
CA ASP B 89 10.63 -44.45 43.10
C ASP B 89 11.41 -44.05 41.85
N ALA B 90 12.72 -43.88 42.01
CA ALA B 90 13.60 -43.49 40.91
C ALA B 90 13.40 -44.43 39.72
N ARG B 91 13.06 -45.68 40.02
CA ARG B 91 12.81 -46.69 39.01
C ARG B 91 11.58 -46.30 38.18
N THR B 92 10.61 -45.71 38.85
CA THR B 92 9.40 -45.22 38.19
C THR B 92 9.74 -44.17 37.14
N ALA B 93 10.61 -43.24 37.52
CA ALA B 93 11.04 -42.18 36.60
C ALA B 93 11.72 -42.79 35.37
N ASP B 94 12.65 -43.72 35.62
CA ASP B 94 13.42 -44.34 34.55
C ASP B 94 12.54 -45.04 33.52
N GLN B 95 11.48 -45.69 34.00
CA GLN B 95 10.54 -46.35 33.09
C GLN B 95 9.86 -45.31 32.22
N PHE B 96 9.46 -44.21 32.84
CA PHE B 96 8.79 -43.14 32.13
C PHE B 96 9.71 -42.54 31.06
N ILE B 97 10.92 -42.21 31.46
CA ILE B 97 11.91 -41.62 30.56
C ILE B 97 12.12 -42.49 29.31
N GLU B 98 12.28 -43.79 29.52
CA GLU B 98 12.53 -44.74 28.44
C GLU B 98 11.28 -45.09 27.63
N ASP B 99 10.16 -45.30 28.32
CA ASP B 99 8.95 -45.82 27.68
C ASP B 99 8.01 -44.76 27.12
N LYS B 100 7.91 -43.63 27.81
CA LYS B 100 6.85 -42.65 27.53
C LYS B 100 7.39 -41.36 26.94
N LEU B 101 8.35 -40.75 27.63
CA LEU B 101 8.98 -39.52 27.18
C LEU B 101 9.56 -39.70 25.78
N GLY B 102 9.15 -38.82 24.86
CA GLY B 102 9.67 -38.86 23.51
C GLY B 102 8.88 -39.76 22.57
N GLU B 103 8.05 -40.61 23.14
CA GLU B 103 7.21 -41.50 22.35
C GLU B 103 5.93 -40.82 21.90
N GLY B 104 5.41 -39.95 22.75
CA GLY B 104 4.16 -39.27 22.48
C GLY B 104 3.72 -38.44 23.68
N ASP B 105 2.45 -38.11 23.75
CA ASP B 105 1.93 -37.31 24.85
C ASP B 105 2.83 -36.11 25.12
N PHE B 106 3.35 -35.52 24.05
CA PHE B 106 4.34 -34.45 24.17
C PHE B 106 3.82 -33.25 24.96
N ILE B 107 2.66 -32.74 24.56
CA ILE B 107 2.07 -31.55 25.18
C ILE B 107 1.59 -31.88 26.59
N HIS B 108 0.98 -33.06 26.73
CA HIS B 108 0.57 -33.61 28.03
C HIS B 108 1.73 -33.61 29.04
N HIS B 109 2.89 -34.13 28.63
CA HIS B 109 4.05 -34.19 29.53
C HIS B 109 4.50 -32.79 29.94
N GLU B 110 4.52 -31.89 28.97
CA GLU B 110 4.96 -30.52 29.21
C GLU B 110 3.98 -29.79 30.13
N THR B 111 2.70 -30.00 29.88
CA THR B 111 1.65 -29.37 30.67
C THR B 111 1.61 -29.91 32.09
N LYS B 112 1.67 -31.24 32.21
CA LYS B 112 1.62 -31.88 33.51
C LYS B 112 2.84 -31.54 34.38
N SER B 113 4.02 -31.57 33.79
CA SER B 113 5.24 -31.29 34.57
C SER B 113 5.25 -29.84 35.04
N THR B 114 4.72 -28.92 34.25
CA THR B 114 4.68 -27.53 34.64
C THR B 114 3.58 -27.28 35.70
N ALA B 115 2.43 -27.91 35.53
CA ALA B 115 1.36 -27.83 36.54
C ALA B 115 1.84 -28.33 37.90
N PHE B 116 2.67 -29.37 37.87
CA PHE B 116 3.23 -29.97 39.07
C PHE B 116 3.85 -28.93 40.00
N LEU B 117 4.42 -27.87 39.42
CA LEU B 117 5.07 -26.83 40.20
C LEU B 117 4.13 -26.05 41.11
N VAL B 118 2.86 -25.93 40.74
CA VAL B 118 1.91 -25.26 41.63
C VAL B 118 0.88 -26.21 42.21
N ASN B 119 0.72 -27.36 41.58
CA ASN B 119 -0.29 -28.33 41.99
C ASN B 119 0.30 -29.73 41.92
N ALA B 120 0.98 -30.14 42.99
CA ALA B 120 1.67 -31.43 43.02
C ALA B 120 0.76 -32.59 42.60
N SER B 121 -0.50 -32.52 43.05
CA SER B 121 -1.48 -33.56 42.77
C SER B 121 -1.69 -33.78 41.27
N ALA B 122 -1.53 -32.72 40.49
CA ALA B 122 -1.75 -32.80 39.04
C ALA B 122 -0.95 -33.92 38.39
N TRP B 123 0.32 -34.03 38.73
CA TRP B 123 1.20 -35.02 38.12
C TRP B 123 1.39 -36.26 39.00
N ALA B 124 1.21 -37.43 38.40
CA ALA B 124 1.38 -38.70 39.12
C ALA B 124 1.81 -39.83 38.19
N ARG B 130 -1.52 -43.16 30.92
CA ARG B 130 -2.11 -43.29 29.59
C ARG B 130 -1.31 -44.27 28.75
N VAL B 131 -1.94 -44.82 27.72
CA VAL B 131 -1.22 -45.60 26.72
C VAL B 131 -0.98 -44.72 25.50
N ILE B 132 0.25 -44.68 25.01
CA ILE B 132 0.60 -43.80 23.90
C ILE B 132 0.46 -44.48 22.54
N GLN B 133 -0.37 -43.90 21.68
CA GLN B 133 -0.58 -44.44 20.34
C GLN B 133 0.59 -44.09 19.44
N PRO B 134 0.92 -45.00 18.51
CA PRO B 134 2.04 -44.82 17.57
C PRO B 134 1.79 -43.70 16.57
N GLY B 135 2.86 -43.05 16.10
CA GLY B 135 2.77 -42.08 15.04
C GLY B 135 2.14 -40.75 15.40
N GLU B 136 2.27 -40.34 16.65
CA GLU B 136 1.74 -39.05 17.08
C GLU B 136 2.58 -37.91 16.51
N THR B 137 1.91 -36.89 15.99
CA THR B 137 2.59 -35.72 15.43
C THR B 137 3.37 -34.99 16.52
N PRO B 138 4.69 -34.90 16.33
CA PRO B 138 5.58 -34.27 17.31
C PRO B 138 5.30 -32.78 17.50
N ASP B 139 4.42 -32.44 18.45
CA ASP B 139 4.13 -31.04 18.71
C ASP B 139 4.47 -30.70 20.16
N GLY B 140 4.33 -29.43 20.52
CA GLY B 140 4.76 -28.98 21.83
C GLY B 140 6.24 -28.68 21.85
N THR B 141 6.72 -28.10 22.94
CA THR B 141 8.13 -27.82 23.10
C THR B 141 8.97 -29.09 23.04
N ILE B 142 8.43 -30.17 23.62
CA ILE B 142 9.12 -31.44 23.65
C ILE B 142 9.00 -32.16 22.32
N GLY B 143 7.81 -32.12 21.73
CA GLY B 143 7.60 -32.67 20.40
C GLY B 143 8.58 -32.10 19.38
N ARG B 144 8.71 -30.77 19.36
CA ARG B 144 9.59 -30.12 18.41
C ARG B 144 11.04 -30.50 18.69
N LEU B 145 11.39 -30.52 19.97
CA LEU B 145 12.70 -30.99 20.41
C LEU B 145 12.96 -32.41 19.92
N VAL B 146 11.98 -33.30 20.09
CA VAL B 146 12.10 -34.69 19.62
C VAL B 146 12.31 -34.76 18.10
N LYS B 147 11.61 -33.89 17.37
CA LYS B 147 11.68 -33.87 15.92
C LYS B 147 13.05 -33.42 15.45
N ARG B 148 13.62 -32.45 16.17
CA ARG B 148 14.92 -31.91 15.80
C ARG B 148 16.08 -32.82 16.20
N LEU B 149 16.04 -33.36 17.42
CA LEU B 149 17.16 -34.11 17.97
C LEU B 149 16.96 -35.62 17.97
N GLY B 150 15.70 -36.06 17.96
CA GLY B 150 15.38 -37.46 18.12
C GLY B 150 15.04 -37.76 19.57
N ALA B 151 14.17 -38.74 19.80
CA ALA B 151 13.74 -39.05 21.15
C ALA B 151 14.88 -39.46 22.08
N PRO B 152 15.81 -40.30 21.59
CA PRO B 152 16.88 -40.75 22.49
C PRO B 152 17.70 -39.58 23.06
N ALA B 153 18.03 -38.60 22.22
CA ALA B 153 18.81 -37.46 22.69
C ALA B 153 18.02 -36.63 23.70
N VAL B 154 16.71 -36.53 23.50
CA VAL B 154 15.86 -35.80 24.44
C VAL B 154 15.92 -36.44 25.83
N ARG B 155 15.85 -37.77 25.85
CA ARG B 155 15.99 -38.50 27.10
C ARG B 155 17.32 -38.19 27.78
N THR B 156 18.40 -38.18 27.01
CA THR B 156 19.73 -37.87 27.54
C THR B 156 19.80 -36.44 28.09
N ALA B 157 19.25 -35.49 27.35
CA ALA B 157 19.17 -34.10 27.80
C ALA B 157 18.36 -33.98 29.10
N THR B 158 17.27 -34.73 29.18
CA THR B 158 16.40 -34.69 30.37
C THR B 158 17.14 -35.23 31.58
N ARG B 159 17.84 -36.35 31.40
CA ARG B 159 18.66 -36.91 32.48
C ARG B 159 19.74 -35.93 32.95
N GLN B 160 20.37 -35.23 32.01
CA GLN B 160 21.33 -34.20 32.36
C GLN B 160 20.68 -33.05 33.13
N ALA B 161 19.46 -32.69 32.73
CA ALA B 161 18.74 -31.64 33.44
C ALA B 161 18.43 -32.08 34.87
N MET B 162 18.13 -33.37 35.04
CA MET B 162 17.85 -33.91 36.37
C MET B 162 19.06 -33.81 37.27
N ARG B 163 20.25 -34.04 36.70
CA ARG B 163 21.49 -33.90 37.45
C ARG B 163 21.67 -32.46 37.89
N LEU B 164 21.35 -31.53 37.00
CA LEU B 164 21.51 -30.11 37.31
C LEU B 164 20.51 -29.68 38.38
N MET B 165 19.24 -30.03 38.18
CA MET B 165 18.19 -29.63 39.11
C MET B 165 18.46 -30.19 40.51
N GLY B 166 18.95 -31.43 40.56
CA GLY B 166 19.19 -32.08 41.83
C GLY B 166 20.44 -31.58 42.53
N ASN B 167 21.44 -31.17 41.75
CA ASN B 167 22.71 -30.74 42.32
C ASN B 167 22.79 -29.26 42.65
N HIS B 168 22.09 -28.42 41.88
CA HIS B 168 22.32 -26.98 41.96
C HIS B 168 21.16 -26.18 42.54
N PHE B 169 20.09 -26.87 42.89
CA PHE B 169 18.94 -26.22 43.49
C PHE B 169 18.55 -26.97 44.74
N VAL B 170 18.05 -26.23 45.73
CA VAL B 170 17.50 -26.84 46.94
C VAL B 170 15.99 -26.55 46.95
N LEU B 171 15.20 -27.56 46.60
CA LEU B 171 13.80 -27.36 46.27
C LEU B 171 12.90 -28.29 47.07
N GLY B 172 11.67 -27.83 47.32
CA GLY B 172 10.66 -28.67 47.94
C GLY B 172 9.27 -28.12 47.63
N GLU B 173 8.25 -28.96 47.82
CA GLU B 173 6.88 -28.51 47.65
C GLU B 173 6.59 -27.32 48.57
N THR B 174 7.22 -27.33 49.74
CA THR B 174 7.12 -26.23 50.68
C THR B 174 8.51 -25.84 51.15
N ILE B 175 8.61 -24.69 51.81
CA ILE B 175 9.91 -24.23 52.30
C ILE B 175 10.47 -25.19 53.35
N GLU B 176 9.60 -25.75 54.20
CA GLU B 176 10.05 -26.71 55.20
C GLU B 176 10.75 -27.89 54.53
N GLN B 177 10.21 -28.35 53.40
CA GLN B 177 10.79 -29.48 52.70
C GLN B 177 12.13 -29.12 52.07
N ALA B 178 12.21 -27.93 51.48
CA ALA B 178 13.45 -27.46 50.89
C ALA B 178 14.55 -27.37 51.95
N LEU B 179 14.25 -26.67 53.04
CA LEU B 179 15.19 -26.51 54.16
C LEU B 179 15.67 -27.86 54.70
N GLU B 180 14.75 -28.80 54.85
CA GLU B 180 15.12 -30.12 55.33
C GLU B 180 16.13 -30.77 54.39
N ARG B 181 15.84 -30.71 53.09
CA ARG B 181 16.73 -31.27 52.07
C ARG B 181 18.09 -30.57 52.07
N GLY B 182 18.10 -29.30 52.44
CA GLY B 182 19.33 -28.52 52.41
C GLY B 182 20.23 -28.68 53.63
N LYS B 183 19.78 -29.47 54.60
CA LYS B 183 20.53 -29.64 55.85
C LYS B 183 21.85 -30.39 55.66
N PRO B 184 22.87 -30.01 56.44
CA PRO B 184 24.19 -30.65 56.45
C PRO B 184 24.20 -31.93 57.28
N ARG B 185 25.37 -32.60 57.34
CA ARG B 185 25.51 -33.93 57.95
C ARG B 185 25.01 -34.06 59.40
N SER B 186 25.68 -33.38 60.32
CA SER B 186 25.35 -33.47 61.75
C SER B 186 26.33 -32.67 62.59
N GLY B 187 25.82 -31.69 63.32
CA GLY B 187 26.68 -30.79 64.09
C GLY B 187 27.66 -30.10 63.16
N GLN B 188 27.27 -30.00 61.89
CA GLN B 188 28.13 -29.39 60.87
C GLN B 188 27.51 -28.11 60.31
N LYS B 189 28.36 -27.14 60.00
CA LYS B 189 27.90 -25.86 59.47
C LYS B 189 27.64 -25.94 57.97
N THR B 190 26.72 -25.11 57.47
CA THR B 190 26.37 -25.11 56.05
C THR B 190 27.46 -24.43 55.22
N ARG B 191 27.92 -25.12 54.18
CA ARG B 191 28.94 -24.59 53.28
C ARG B 191 28.31 -23.71 52.21
N TYR B 192 27.09 -23.24 52.45
CA TYR B 192 26.37 -22.45 51.46
C TYR B 192 25.50 -21.38 52.10
N SER B 193 25.47 -20.22 51.47
CA SER B 193 24.54 -19.18 51.84
C SER B 193 23.28 -19.39 51.01
N PHE B 194 22.21 -18.71 51.39
CA PHE B 194 20.91 -18.98 50.76
C PHE B 194 20.48 -17.86 49.81
N ASP B 195 20.39 -18.19 48.53
CA ASP B 195 19.72 -17.30 47.57
C ASP B 195 18.25 -17.74 47.48
N MET B 196 17.39 -17.08 48.26
CA MET B 196 15.99 -17.48 48.35
C MET B 196 15.23 -17.20 47.05
N LEU B 197 14.45 -18.18 46.62
CA LEU B 197 13.73 -18.11 45.34
C LEU B 197 12.65 -17.01 45.23
N GLY B 198 12.06 -16.61 46.34
CA GLY B 198 10.90 -15.73 46.30
C GLY B 198 11.12 -14.37 45.63
N GLU B 199 10.15 -13.97 44.81
CA GLU B 199 10.11 -12.61 44.26
C GLU B 199 8.68 -12.19 43.95
N GLY B 200 8.44 -10.88 43.94
CA GLY B 200 7.16 -10.32 43.55
C GLY B 200 5.93 -10.96 44.17
N ALA B 201 5.65 -10.66 45.43
CA ALA B 201 4.37 -11.06 46.00
C ALA B 201 3.24 -10.44 45.20
N ARG B 202 2.27 -11.26 44.82
CA ARG B 202 1.09 -10.76 44.13
C ARG B 202 -0.07 -10.56 45.09
N THR B 203 -0.01 -11.25 46.22
CA THR B 203 -1.11 -11.23 47.19
C THR B 203 -0.56 -11.01 48.60
N ALA B 204 -1.44 -10.55 49.49
CA ALA B 204 -1.10 -10.36 50.89
C ALA B 204 -0.54 -11.65 51.48
N ALA B 205 -1.19 -12.76 51.16
CA ALA B 205 -0.74 -14.06 51.65
C ALA B 205 0.64 -14.43 51.09
N ASP B 206 0.92 -14.07 49.83
CA ASP B 206 2.26 -14.29 49.26
C ASP B 206 3.31 -13.59 50.12
N ALA B 207 3.04 -12.34 50.47
CA ALA B 207 3.99 -11.53 51.23
C ALA B 207 4.25 -12.12 52.61
N ARG B 208 3.20 -12.66 53.23
CA ARG B 208 3.34 -13.33 54.52
C ARG B 208 4.13 -14.63 54.36
N ARG B 209 3.81 -15.38 53.33
CA ARG B 209 4.47 -16.65 53.07
C ARG B 209 5.98 -16.48 52.85
N TYR B 210 6.36 -15.46 52.07
CA TYR B 210 7.78 -15.22 51.82
C TYR B 210 8.48 -14.73 53.09
N PHE B 211 7.78 -13.94 53.89
CA PHE B 211 8.32 -13.53 55.18
C PHE B 211 8.66 -14.75 56.02
N ASP B 212 7.71 -15.66 56.15
CA ASP B 212 7.91 -16.86 56.99
C ASP B 212 9.00 -17.75 56.40
N ALA B 213 9.09 -17.80 55.08
CA ALA B 213 10.17 -18.55 54.44
C ALA B 213 11.54 -18.00 54.83
N TYR B 214 11.70 -16.68 54.70
CA TYR B 214 12.94 -16.04 55.11
C TYR B 214 13.24 -16.36 56.57
N ALA B 215 12.23 -16.17 57.43
CA ALA B 215 12.39 -16.42 58.87
C ALA B 215 12.81 -17.85 59.16
N SER B 216 12.15 -18.82 58.51
CA SER B 216 12.52 -20.22 58.69
C SER B 216 13.95 -20.44 58.22
N ALA B 217 14.27 -19.96 57.02
CA ALA B 217 15.61 -20.09 56.48
C ALA B 217 16.67 -19.51 57.42
N ILE B 218 16.37 -18.37 58.02
CA ILE B 218 17.31 -17.73 58.95
C ILE B 218 17.55 -18.61 60.16
N GLU B 219 16.51 -19.28 60.66
CA GLU B 219 16.69 -20.21 61.78
C GLU B 219 17.48 -21.44 61.37
N THR B 220 17.17 -22.00 60.21
CA THR B 220 17.92 -23.14 59.69
C THR B 220 19.40 -22.79 59.56
N ILE B 221 19.68 -21.67 58.90
CA ILE B 221 21.05 -21.20 58.69
C ILE B 221 21.75 -20.90 60.00
N GLY B 222 21.03 -20.26 60.92
CA GLY B 222 21.58 -19.83 62.18
C GLY B 222 22.00 -20.98 63.07
N LYS B 223 21.24 -22.07 63.02
CA LYS B 223 21.52 -23.24 63.84
C LYS B 223 22.66 -24.09 63.28
N ALA B 224 23.30 -23.60 62.22
CA ALA B 224 24.42 -24.31 61.64
C ALA B 224 25.40 -23.32 61.00
N ALA B 225 25.71 -22.25 61.73
CA ALA B 225 26.55 -21.18 61.19
C ALA B 225 28.01 -21.28 61.64
N GLY B 226 28.29 -22.21 62.55
CA GLY B 226 29.63 -22.34 63.08
C GLY B 226 29.89 -21.30 64.14
N ASN B 227 31.13 -21.23 64.61
CA ASN B 227 31.47 -20.34 65.72
C ASN B 227 32.47 -19.25 65.35
N HIS B 228 32.76 -19.11 64.06
CA HIS B 228 33.63 -18.02 63.61
C HIS B 228 32.84 -16.73 63.45
N ALA B 229 33.56 -15.62 63.37
CA ALA B 229 32.91 -14.31 63.25
C ALA B 229 32.73 -13.93 61.78
N LEU B 230 31.88 -12.94 61.53
CA LEU B 230 31.79 -12.34 60.20
C LEU B 230 33.20 -12.01 59.73
N PRO B 231 33.45 -12.12 58.42
CA PRO B 231 32.45 -12.48 57.42
C PRO B 231 32.35 -13.98 57.20
N ASP B 232 33.04 -14.78 58.01
CA ASP B 232 33.03 -16.23 57.85
C ASP B 232 31.80 -16.86 58.51
N ARG B 233 30.62 -16.35 58.19
CA ARG B 233 29.35 -16.94 58.62
C ARG B 233 28.42 -16.92 57.41
N PRO B 234 27.37 -17.77 57.42
CA PRO B 234 26.50 -17.89 56.25
C PRO B 234 25.63 -16.66 56.04
N GLY B 235 25.15 -16.49 54.80
CA GLY B 235 24.30 -15.36 54.47
C GLY B 235 22.96 -15.75 53.89
N ILE B 236 22.04 -14.79 53.85
CA ILE B 236 20.75 -14.98 53.23
C ILE B 236 20.43 -13.78 52.36
N SER B 237 19.90 -14.02 51.16
CA SER B 237 19.47 -12.99 50.24
C SER B 237 17.96 -12.81 50.30
N VAL B 238 17.53 -11.55 50.27
CA VAL B 238 16.13 -11.20 50.43
C VAL B 238 15.70 -10.23 49.31
N LYS B 239 14.45 -10.36 48.85
CA LYS B 239 13.92 -9.43 47.85
C LYS B 239 12.74 -8.64 48.40
N LEU B 240 12.87 -7.31 48.38
CA LEU B 240 11.79 -6.44 48.85
C LEU B 240 10.45 -6.72 48.15
N SER B 241 10.50 -7.02 46.85
CA SER B 241 9.26 -7.28 46.09
C SER B 241 8.55 -8.53 46.61
N ALA B 242 9.29 -9.41 47.28
CA ALA B 242 8.69 -10.61 47.86
C ALA B 242 7.92 -10.30 49.13
N LEU B 243 8.23 -9.17 49.76
CA LEU B 243 7.67 -8.85 51.07
C LEU B 243 6.55 -7.83 51.02
N HIS B 244 6.22 -7.36 49.83
CA HIS B 244 5.12 -6.41 49.66
C HIS B 244 4.47 -6.59 48.29
N PRO B 245 3.13 -6.70 48.26
CA PRO B 245 2.38 -6.99 47.03
C PRO B 245 2.23 -5.81 46.04
N ARG B 246 2.55 -4.60 46.50
CA ARG B 246 2.63 -3.47 45.59
C ARG B 246 3.91 -2.71 45.88
N PHE B 247 5.05 -3.32 45.58
CA PHE B 247 6.33 -2.64 45.75
C PHE B 247 6.60 -1.75 44.54
N GLU B 248 6.14 -0.51 44.63
CA GLU B 248 6.16 0.41 43.50
C GLU B 248 6.20 1.85 44.02
N ALA B 249 6.81 2.74 43.25
CA ALA B 249 6.94 4.14 43.65
C ALA B 249 5.60 4.80 44.01
N ILE B 250 4.55 4.55 43.24
CA ILE B 250 3.27 5.19 43.51
C ILE B 250 2.64 4.73 44.83
N SER B 251 3.06 3.57 45.33
CA SER B 251 2.56 3.07 46.61
C SER B 251 3.60 3.26 47.71
N ARG B 252 4.51 4.21 47.52
CA ARG B 252 5.57 4.46 48.48
C ARG B 252 5.02 4.69 49.89
N ALA B 253 3.88 5.37 49.99
CA ALA B 253 3.31 5.67 51.31
C ALA B 253 3.06 4.41 52.12
N ARG B 254 2.25 3.50 51.60
CA ARG B 254 1.97 2.25 52.30
C ARG B 254 3.20 1.33 52.40
N VAL B 255 4.10 1.43 51.42
CA VAL B 255 5.32 0.61 51.45
C VAL B 255 6.18 0.96 52.67
N MET B 256 6.41 2.24 52.90
CA MET B 256 7.20 2.70 54.04
C MET B 256 6.56 2.30 55.37
N VAL B 257 5.23 2.32 55.41
CA VAL B 257 4.50 1.97 56.63
C VAL B 257 4.50 0.47 56.88
N GLU B 258 4.30 -0.31 55.83
CA GLU B 258 4.10 -1.75 55.96
C GLU B 258 5.38 -2.57 55.87
N LEU B 259 6.24 -2.23 54.91
CA LEU B 259 7.39 -3.07 54.61
C LEU B 259 8.54 -2.88 55.60
N VAL B 260 8.81 -1.64 55.98
CA VAL B 260 9.95 -1.32 56.84
C VAL B 260 10.00 -2.16 58.13
N PRO B 261 8.91 -2.19 58.91
CA PRO B 261 8.98 -2.97 60.15
C PRO B 261 9.18 -4.45 59.85
N GLN B 262 8.70 -4.91 58.69
CA GLN B 262 8.84 -6.31 58.29
C GLN B 262 10.30 -6.67 58.01
N LEU B 263 10.96 -5.85 57.21
CA LEU B 263 12.36 -6.05 56.90
C LEU B 263 13.19 -5.91 58.17
N LEU B 264 12.76 -5.02 59.06
CA LEU B 264 13.45 -4.84 60.34
C LEU B 264 13.40 -6.11 61.17
N ASP B 265 12.23 -6.72 61.22
CA ASP B 265 12.01 -7.96 61.97
C ASP B 265 12.96 -9.05 61.49
N LEU B 266 12.98 -9.25 60.18
CA LEU B 266 13.87 -10.24 59.57
C LEU B 266 15.35 -9.93 59.82
N ALA B 267 15.70 -8.65 59.76
CA ALA B 267 17.08 -8.22 59.97
C ALA B 267 17.51 -8.46 61.42
N GLN B 268 16.57 -8.30 62.35
CA GLN B 268 16.84 -8.58 63.76
C GLN B 268 17.07 -10.06 63.98
N ARG B 269 16.28 -10.88 63.28
CA ARG B 269 16.38 -12.33 63.41
C ARG B 269 17.71 -12.81 62.87
N ALA B 270 18.19 -12.16 61.81
CA ALA B 270 19.49 -12.47 61.22
C ALA B 270 20.61 -12.01 62.14
N LYS B 271 20.46 -10.81 62.69
CA LYS B 271 21.42 -10.26 63.64
C LYS B 271 21.58 -11.18 64.85
N ALA B 272 20.47 -11.77 65.31
CA ALA B 272 20.49 -12.67 66.46
C ALA B 272 21.40 -13.87 66.23
N HIS B 273 21.62 -14.24 64.96
CA HIS B 273 22.53 -15.32 64.64
C HIS B 273 23.84 -14.76 64.07
N ASP B 274 23.98 -13.45 64.11
CA ASP B 274 25.15 -12.78 63.56
C ASP B 274 25.37 -13.23 62.12
N LEU B 275 24.31 -13.23 61.31
CA LEU B 275 24.41 -13.65 59.93
C LEU B 275 24.66 -12.48 58.98
N ASN B 276 25.03 -12.80 57.75
CA ASN B 276 25.04 -11.83 56.65
C ASN B 276 23.63 -11.73 56.08
N PHE B 277 23.12 -10.51 55.97
CA PHE B 277 21.75 -10.25 55.54
C PHE B 277 21.76 -9.24 54.39
N THR B 278 21.47 -9.70 53.17
CA THR B 278 21.62 -8.88 51.98
C THR B 278 20.27 -8.63 51.28
N VAL B 279 19.97 -7.37 51.01
CA VAL B 279 18.81 -7.02 50.21
C VAL B 279 19.21 -7.00 48.73
N ASP B 280 18.64 -7.91 47.94
CA ASP B 280 18.97 -7.97 46.52
C ASP B 280 18.58 -6.69 45.81
N ALA B 281 19.17 -6.45 44.65
CA ALA B 281 18.81 -5.33 43.81
C ALA B 281 17.93 -5.83 42.68
N GLU B 282 16.84 -5.11 42.41
CA GLU B 282 15.89 -5.55 41.40
C GLU B 282 15.84 -4.53 40.27
N GLU B 283 14.65 -4.29 39.72
CA GLU B 283 14.54 -3.41 38.56
C GLU B 283 14.95 -1.97 38.87
N ALA B 284 15.37 -1.25 37.84
CA ALA B 284 15.85 0.12 37.99
C ALA B 284 14.80 1.06 38.57
N ASP B 285 13.53 0.83 38.23
CA ASP B 285 12.45 1.69 38.70
C ASP B 285 12.13 1.49 40.18
N ARG B 286 12.80 0.52 40.80
CA ARG B 286 12.61 0.25 42.22
C ARG B 286 13.83 0.63 43.04
N LEU B 287 14.87 1.15 42.38
CA LEU B 287 16.11 1.51 43.09
C LEU B 287 15.87 2.54 44.21
N GLU B 288 15.22 3.64 43.87
CA GLU B 288 14.97 4.69 44.86
C GLU B 288 14.10 4.18 46.02
N LEU B 289 13.02 3.49 45.70
CA LEU B 289 12.13 2.96 46.72
C LEU B 289 12.87 2.00 47.63
N SER B 290 13.71 1.15 47.04
CA SER B 290 14.44 0.16 47.81
C SER B 290 15.39 0.85 48.79
N LEU B 291 16.04 1.91 48.34
CA LEU B 291 16.95 2.66 49.20
C LEU B 291 16.19 3.38 50.32
N ASP B 292 15.01 3.92 50.01
CA ASP B 292 14.20 4.54 51.06
C ASP B 292 13.89 3.52 52.15
N VAL B 293 13.45 2.34 51.74
CA VAL B 293 13.11 1.27 52.66
C VAL B 293 14.31 0.77 53.44
N ILE B 294 15.46 0.68 52.78
CA ILE B 294 16.67 0.16 53.41
C ILE B 294 17.24 1.14 54.44
N ALA B 295 17.26 2.42 54.09
CA ALA B 295 17.72 3.46 55.00
C ALA B 295 16.87 3.48 56.26
N ALA B 296 15.55 3.47 56.09
CA ALA B 296 14.64 3.44 57.23
C ALA B 296 14.88 2.24 58.13
N THR B 297 15.10 1.07 57.54
CA THR B 297 15.32 -0.15 58.31
C THR B 297 16.64 -0.09 59.09
N LEU B 298 17.71 0.28 58.40
CA LEU B 298 19.03 0.38 59.00
C LEU B 298 19.07 1.42 60.11
N ALA B 299 18.22 2.44 60.01
CA ALA B 299 18.19 3.51 61.00
C ALA B 299 17.83 2.99 62.38
N ASP B 300 17.07 1.91 62.44
CA ASP B 300 16.61 1.39 63.72
C ASP B 300 17.77 1.04 64.65
N PRO B 301 17.74 1.57 65.87
CA PRO B 301 18.80 1.36 66.87
C PRO B 301 19.02 -0.12 67.20
N SER B 302 18.02 -0.95 66.92
CA SER B 302 18.07 -2.36 67.26
C SER B 302 19.07 -3.16 66.42
N LEU B 303 19.60 -2.52 65.37
CA LEU B 303 20.55 -3.20 64.48
C LEU B 303 21.99 -2.75 64.71
N LYS B 304 22.18 -1.90 65.72
CA LYS B 304 23.53 -1.50 66.14
C LYS B 304 24.31 -2.71 66.63
N GLY B 305 25.64 -2.63 66.55
CA GLY B 305 26.49 -3.68 67.06
C GLY B 305 26.52 -4.95 66.22
N TRP B 306 26.02 -4.83 64.99
CA TRP B 306 26.00 -5.96 64.07
C TRP B 306 26.48 -5.49 62.71
N ASP B 307 27.37 -6.27 62.09
CA ASP B 307 28.08 -5.85 60.88
C ASP B 307 27.68 -6.63 59.62
N GLY B 308 26.58 -7.37 59.69
CA GLY B 308 26.20 -8.25 58.60
C GLY B 308 25.13 -7.74 57.66
N PHE B 309 24.52 -6.59 57.99
CA PHE B 309 23.50 -6.00 57.14
C PHE B 309 24.11 -5.40 55.88
N GLY B 310 23.36 -5.42 54.78
CA GLY B 310 23.84 -4.87 53.53
C GLY B 310 22.90 -5.05 52.34
N LEU B 311 23.39 -4.73 51.16
CA LEU B 311 22.58 -4.77 49.95
C LEU B 311 23.42 -5.01 48.69
N ALA B 312 22.75 -5.37 47.61
CA ALA B 312 23.39 -5.52 46.31
C ALA B 312 23.32 -4.21 45.55
N ILE B 313 24.36 -3.92 44.78
CA ILE B 313 24.41 -2.74 43.92
C ILE B 313 24.79 -3.17 42.51
N GLN B 314 24.01 -2.74 41.52
CA GLN B 314 24.19 -3.16 40.14
C GLN B 314 25.08 -2.21 39.35
N ALA B 315 26.26 -2.69 38.97
CA ALA B 315 27.21 -1.88 38.23
C ALA B 315 26.76 -1.53 36.81
N TYR B 316 25.79 -2.27 36.27
CA TYR B 316 25.30 -1.97 34.93
C TYR B 316 24.41 -0.74 34.87
N GLN B 317 24.11 -0.17 36.04
CA GLN B 317 23.37 1.09 36.13
C GLN B 317 24.29 2.29 36.21
N LYS B 318 23.95 3.35 35.47
CA LYS B 318 24.72 4.58 35.49
C LYS B 318 24.73 5.22 36.87
N ARG B 319 23.74 4.89 37.68
CA ARG B 319 23.62 5.45 39.03
C ARG B 319 24.46 4.70 40.07
N ALA B 320 25.12 3.62 39.65
CA ALA B 320 25.80 2.74 40.59
C ALA B 320 26.76 3.45 41.53
N SER B 321 27.64 4.28 40.98
CA SER B 321 28.65 4.96 41.79
C SER B 321 28.00 5.85 42.84
N ALA B 322 26.90 6.49 42.49
CA ALA B 322 26.19 7.35 43.42
C ALA B 322 25.55 6.52 44.53
N VAL B 323 25.08 5.33 44.18
CA VAL B 323 24.48 4.45 45.18
C VAL B 323 25.52 4.07 46.21
N ILE B 324 26.74 3.82 45.74
CA ILE B 324 27.85 3.50 46.62
C ILE B 324 28.08 4.65 47.60
N ASP B 325 28.14 5.88 47.06
CA ASP B 325 28.29 7.07 47.90
C ASP B 325 27.20 7.14 48.96
N TYR B 326 25.95 7.05 48.51
CA TYR B 326 24.79 7.07 49.40
C TYR B 326 24.92 6.02 50.50
N VAL B 327 25.25 4.80 50.10
CA VAL B 327 25.36 3.70 51.06
C VAL B 327 26.42 4.00 52.10
N ASP B 328 27.53 4.60 51.67
CA ASP B 328 28.62 4.95 52.57
C ASP B 328 28.19 6.02 53.56
N ALA B 329 27.48 7.04 53.07
CA ALA B 329 27.00 8.12 53.92
C ALA B 329 26.02 7.59 54.96
N LEU B 330 25.25 6.59 54.54
CA LEU B 330 24.30 5.91 55.41
C LEU B 330 25.08 5.24 56.55
N ALA B 331 26.08 4.45 56.19
CA ALA B 331 26.88 3.73 57.18
C ALA B 331 27.62 4.67 58.15
N ARG B 332 28.19 5.74 57.62
CA ARG B 332 28.90 6.71 58.46
C ARG B 332 27.92 7.46 59.36
N ALA B 333 26.78 7.84 58.80
CA ALA B 333 25.77 8.58 59.53
C ALA B 333 25.25 7.80 60.74
N HIS B 334 24.99 6.51 60.55
CA HIS B 334 24.49 5.68 61.65
C HIS B 334 25.61 4.93 62.36
N ASP B 335 26.84 5.17 61.94
CA ASP B 335 28.02 4.50 62.50
C ASP B 335 27.86 2.97 62.46
N ARG B 336 27.80 2.43 61.24
CA ARG B 336 27.63 0.99 61.08
C ARG B 336 28.65 0.41 60.10
N LYS B 337 28.85 -0.89 60.17
CA LYS B 337 29.60 -1.61 59.16
C LYS B 337 28.60 -2.35 58.30
N LEU B 338 28.82 -2.32 56.98
CA LEU B 338 27.91 -2.95 56.04
C LEU B 338 28.66 -3.93 55.14
N MET B 339 27.97 -4.99 54.74
CA MET B 339 28.50 -5.89 53.73
C MET B 339 27.76 -5.62 52.41
N VAL B 340 28.53 -5.16 51.42
CA VAL B 340 27.96 -4.65 50.19
C VAL B 340 28.35 -5.51 48.99
N ARG B 341 27.36 -6.12 48.35
CA ARG B 341 27.60 -6.95 47.18
C ARG B 341 27.54 -6.15 45.88
N LEU B 342 28.64 -6.13 45.15
CA LEU B 342 28.66 -5.50 43.84
C LEU B 342 28.35 -6.54 42.76
N VAL B 343 27.32 -6.29 41.97
CA VAL B 343 27.00 -7.18 40.87
C VAL B 343 26.95 -6.35 39.60
N LYS B 344 26.87 -7.02 38.46
CA LYS B 344 26.66 -6.32 37.21
C LYS B 344 25.18 -6.01 37.00
N GLY B 345 24.33 -7.03 36.89
CA GLY B 345 22.89 -6.81 36.82
C GLY B 345 22.09 -7.87 36.10
N ALA B 346 20.95 -8.25 36.65
CA ALA B 346 20.19 -9.39 36.15
C ALA B 346 18.98 -9.07 35.26
N TYR B 347 18.69 -7.78 35.06
CA TYR B 347 17.45 -7.37 34.39
C TYR B 347 17.69 -6.51 33.14
N TRP B 348 18.84 -6.67 32.50
CA TRP B 348 19.21 -5.77 31.40
C TRP B 348 18.15 -5.71 30.30
N ASP B 349 17.76 -6.88 29.78
CA ASP B 349 16.77 -6.90 28.71
C ASP B 349 15.48 -6.20 29.15
N THR B 350 15.11 -6.41 30.40
CA THR B 350 13.89 -5.80 30.93
C THR B 350 14.00 -4.28 30.94
N GLU B 351 15.16 -3.77 31.35
CA GLU B 351 15.35 -2.32 31.42
C GLU B 351 15.27 -1.67 30.03
N ILE B 352 15.83 -2.33 29.03
CA ILE B 352 15.79 -1.79 27.67
C ILE B 352 14.34 -1.72 27.18
N LYS B 353 13.60 -2.80 27.35
CA LYS B 353 12.23 -2.87 26.86
C LYS B 353 11.37 -1.84 27.57
N ARG B 354 11.51 -1.75 28.89
CA ARG B 354 10.73 -0.81 29.67
C ARG B 354 10.95 0.63 29.25
N ALA B 355 12.21 1.05 29.14
CA ALA B 355 12.53 2.42 28.74
C ALA B 355 11.90 2.74 27.39
N GLN B 356 11.96 1.79 26.46
CA GLN B 356 11.36 1.97 25.15
C GLN B 356 9.83 2.08 25.22
N GLU B 357 9.20 1.13 25.90
CA GLU B 357 7.76 1.15 26.09
C GLU B 357 7.31 2.45 26.75
N ARG B 358 8.10 2.90 27.72
CA ARG B 358 7.70 4.01 28.56
C ARG B 358 8.11 5.36 27.99
N GLY B 359 8.78 5.33 26.83
CA GLY B 359 9.18 6.55 26.16
C GLY B 359 10.06 7.43 27.03
N LEU B 360 10.98 6.80 27.76
CA LEU B 360 11.90 7.54 28.61
C LEU B 360 12.94 8.30 27.79
N ASP B 361 13.66 9.22 28.42
CA ASP B 361 14.64 10.02 27.69
C ASP B 361 16.01 9.35 27.62
N GLY B 362 16.05 8.05 27.90
CA GLY B 362 17.30 7.30 27.88
C GLY B 362 17.22 6.02 28.69
N TYR B 363 18.33 5.28 28.74
CA TYR B 363 18.39 4.02 29.48
C TYR B 363 19.11 4.19 30.80
N PRO B 364 18.57 3.59 31.88
CA PRO B 364 19.21 3.64 33.20
C PRO B 364 20.42 2.70 33.27
N VAL B 365 20.53 1.80 32.30
CA VAL B 365 21.67 0.90 32.23
C VAL B 365 22.55 1.27 31.04
N PHE B 366 23.78 0.77 31.03
CA PHE B 366 24.63 0.90 29.85
C PHE B 366 24.09 -0.05 28.79
N THR B 367 24.46 0.19 27.53
CA THR B 367 23.97 -0.65 26.45
C THR B 367 25.10 -1.37 25.71
N ARG B 368 26.35 -1.10 26.09
CA ARG B 368 27.45 -1.94 25.66
C ARG B 368 27.99 -2.73 26.85
N LYS B 369 28.16 -4.03 26.65
CA LYS B 369 28.56 -4.91 27.73
C LYS B 369 29.88 -4.43 28.34
N ALA B 370 30.79 -4.02 27.47
CA ALA B 370 32.10 -3.54 27.90
C ALA B 370 32.01 -2.33 28.81
N MET B 371 30.95 -1.53 28.65
CA MET B 371 30.72 -0.41 29.56
C MET B 371 30.31 -0.87 30.96
N THR B 372 29.54 -1.96 31.04
CA THR B 372 29.22 -2.54 32.34
C THR B 372 30.48 -3.07 33.03
N ASP B 373 31.33 -3.75 32.26
CA ASP B 373 32.58 -4.28 32.79
C ASP B 373 33.49 -3.17 33.31
N LEU B 374 33.61 -2.09 32.55
CA LEU B 374 34.38 -0.93 32.97
C LEU B 374 33.82 -0.38 34.28
N ASN B 375 32.52 -0.16 34.30
CA ASN B 375 31.89 0.43 35.48
C ASN B 375 31.96 -0.49 36.68
N TYR B 376 31.94 -1.80 36.44
CA TYR B 376 32.09 -2.75 37.54
C TYR B 376 33.45 -2.61 38.20
N VAL B 377 34.51 -2.64 37.39
CA VAL B 377 35.86 -2.50 37.91
C VAL B 377 36.06 -1.14 38.60
N ALA B 378 35.54 -0.08 38.00
CA ALA B 378 35.57 1.24 38.62
C ALA B 378 34.85 1.25 39.98
N CYS B 379 33.69 0.61 40.05
CA CYS B 379 32.92 0.55 41.30
C CYS B 379 33.62 -0.31 42.33
N ALA B 380 34.31 -1.35 41.87
CA ALA B 380 35.06 -2.23 42.76
C ALA B 380 36.23 -1.48 43.38
N SER B 381 36.88 -0.63 42.59
CA SER B 381 37.99 0.17 43.08
C SER B 381 37.49 1.09 44.18
N LYS B 382 36.34 1.72 43.91
CA LYS B 382 35.71 2.64 44.84
C LYS B 382 35.35 1.93 46.14
N LEU B 383 34.79 0.73 46.03
CA LEU B 383 34.40 -0.05 47.19
C LEU B 383 35.61 -0.50 48.02
N LEU B 384 36.67 -0.92 47.34
CA LEU B 384 37.88 -1.37 48.04
C LEU B 384 38.48 -0.27 48.90
N ALA B 385 38.38 0.98 48.42
CA ALA B 385 38.93 2.12 49.13
C ALA B 385 38.02 2.55 50.29
N LEU B 386 36.83 1.96 50.35
CA LEU B 386 35.89 2.31 51.40
C LEU B 386 35.99 1.39 52.61
N ARG B 387 36.93 0.45 52.55
CA ARG B 387 37.21 -0.42 53.69
C ARG B 387 37.84 0.41 54.81
N PRO B 388 37.66 -0.02 56.08
CA PRO B 388 36.99 -1.25 56.49
C PRO B 388 35.51 -1.07 56.85
N ARG B 389 34.99 0.16 56.76
CA ARG B 389 33.59 0.38 57.09
C ARG B 389 32.72 -0.43 56.16
N ILE B 390 33.09 -0.45 54.88
CA ILE B 390 32.39 -1.26 53.90
C ILE B 390 33.18 -2.53 53.63
N PHE B 391 32.51 -3.68 53.77
CA PHE B 391 33.09 -4.96 53.38
C PHE B 391 32.53 -5.36 52.02
N PRO B 392 33.35 -5.23 50.97
CA PRO B 392 32.92 -5.50 49.58
C PRO B 392 32.80 -6.98 49.28
N GLN B 393 31.71 -7.35 48.61
CA GLN B 393 31.49 -8.73 48.15
C GLN B 393 31.28 -8.69 46.64
N PHE B 394 32.27 -9.16 45.89
CA PHE B 394 32.22 -9.06 44.44
C PHE B 394 31.66 -10.33 43.81
N ALA B 395 30.38 -10.27 43.45
CA ALA B 395 29.71 -11.40 42.84
C ALA B 395 29.89 -11.37 41.32
N THR B 396 30.58 -12.37 40.79
CA THR B 396 30.81 -12.47 39.35
C THR B 396 31.41 -13.83 39.02
N HIS B 397 31.09 -14.35 37.83
CA HIS B 397 31.72 -15.59 37.36
C HIS B 397 32.67 -15.30 36.20
N ASN B 398 33.06 -14.04 36.06
CA ASN B 398 33.97 -13.62 34.98
C ASN B 398 35.42 -13.66 35.45
N ALA B 399 36.24 -14.49 34.80
CA ALA B 399 37.65 -14.66 35.20
C ALA B 399 38.48 -13.38 35.12
N LEU B 400 38.26 -12.60 34.06
CA LEU B 400 38.96 -11.33 33.90
C LEU B 400 38.55 -10.35 35.00
N THR B 401 37.26 -10.30 35.29
CA THR B 401 36.75 -9.42 36.33
C THR B 401 37.36 -9.81 37.68
N VAL B 402 37.37 -11.10 37.97
CA VAL B 402 37.96 -11.60 39.21
C VAL B 402 39.43 -11.19 39.30
N ALA B 403 40.20 -11.55 38.28
CA ALA B 403 41.64 -11.27 38.26
C ALA B 403 41.93 -9.78 38.42
N THR B 404 41.11 -8.95 37.80
CA THR B 404 41.30 -7.50 37.84
C THR B 404 41.01 -6.91 39.22
N VAL B 405 39.97 -7.41 39.87
CA VAL B 405 39.59 -6.92 41.19
C VAL B 405 40.60 -7.40 42.22
N LEU B 406 41.09 -8.62 42.04
CA LEU B 406 42.12 -9.16 42.91
C LEU B 406 43.35 -8.27 42.88
N GLU B 407 43.80 -7.92 41.68
CA GLU B 407 44.95 -7.04 41.53
C GLU B 407 44.75 -5.72 42.26
N MET B 408 43.62 -5.08 42.01
CA MET B 408 43.33 -3.79 42.63
C MET B 408 43.33 -3.86 44.15
N ALA B 409 42.94 -5.01 44.69
CA ALA B 409 42.87 -5.16 46.14
C ALA B 409 44.26 -5.00 46.77
N GLU B 410 45.29 -5.42 46.04
CA GLU B 410 46.66 -5.40 46.52
C GLU B 410 46.89 -6.35 47.70
N GLY B 411 45.84 -6.57 48.49
CA GLY B 411 45.87 -7.54 49.58
C GLY B 411 44.83 -8.62 49.35
N SER B 412 44.41 -9.29 50.43
CA SER B 412 43.46 -10.38 50.29
C SER B 412 42.37 -10.36 51.35
N SER B 413 42.45 -9.40 52.28
CA SER B 413 41.48 -9.34 53.36
C SER B 413 40.59 -8.09 53.29
N GLY B 414 39.45 -8.15 53.98
CA GLY B 414 38.51 -7.04 54.00
C GLY B 414 37.51 -7.06 52.86
N PHE B 415 37.53 -8.13 52.08
CA PHE B 415 36.54 -8.33 51.03
C PHE B 415 36.36 -9.82 50.74
N GLU B 416 35.45 -10.13 49.82
CA GLU B 416 35.24 -11.49 49.37
C GLU B 416 34.70 -11.48 47.95
N PHE B 417 34.84 -12.62 47.26
CA PHE B 417 34.11 -12.83 46.02
C PHE B 417 32.83 -13.62 46.31
N GLN B 418 31.95 -13.71 45.31
CA GLN B 418 30.71 -14.49 45.45
C GLN B 418 30.36 -15.20 44.16
N ARG B 419 29.73 -16.36 44.29
CA ARG B 419 29.26 -17.10 43.14
C ARG B 419 27.93 -17.79 43.45
N LEU B 420 27.22 -18.16 42.40
CA LEU B 420 26.02 -18.96 42.53
C LEU B 420 26.38 -20.42 42.34
N HIS B 421 25.90 -21.27 43.25
CA HIS B 421 26.14 -22.70 43.13
C HIS B 421 25.80 -23.17 41.73
N GLY B 422 26.70 -23.93 41.10
CA GLY B 422 26.49 -24.36 39.73
C GLY B 422 27.15 -23.45 38.71
N MET B 423 27.83 -22.41 39.18
CA MET B 423 28.58 -21.52 38.31
C MET B 423 29.89 -21.09 38.95
N GLY B 424 30.92 -20.92 38.13
CA GLY B 424 32.21 -20.44 38.61
C GLY B 424 32.92 -21.39 39.57
N GLU B 425 32.56 -22.67 39.53
CA GLU B 425 33.20 -23.62 40.43
C GLU B 425 34.69 -23.78 40.12
N ALA B 426 35.01 -24.15 38.90
CA ALA B 426 36.41 -24.33 38.52
C ALA B 426 37.18 -23.02 38.64
N LEU B 427 36.54 -21.91 38.30
CA LEU B 427 37.18 -20.60 38.45
C LEU B 427 37.66 -20.37 39.89
N TYR B 428 36.74 -20.42 40.84
CA TYR B 428 37.08 -20.07 42.22
C TYR B 428 37.93 -21.12 42.93
N GLU B 429 37.83 -22.38 42.52
CA GLU B 429 38.71 -23.41 43.06
C GLU B 429 40.16 -23.11 42.68
N GLN B 430 40.37 -22.74 41.41
CA GLN B 430 41.70 -22.39 40.94
C GLN B 430 42.21 -21.13 41.64
N LEU B 431 41.34 -20.13 41.76
CA LEU B 431 41.68 -18.91 42.47
C LEU B 431 42.15 -19.25 43.88
N ALA B 432 41.50 -20.21 44.50
CA ALA B 432 41.83 -20.62 45.86
C ALA B 432 43.20 -21.29 45.91
N LYS B 433 43.46 -22.18 44.95
CA LYS B 433 44.76 -22.84 44.86
C LYS B 433 45.90 -21.82 44.76
N ASP B 434 45.69 -20.79 43.93
CA ASP B 434 46.73 -19.81 43.64
C ASP B 434 46.81 -18.71 44.70
N HIS B 435 45.76 -18.56 45.50
CA HIS B 435 45.71 -17.52 46.52
C HIS B 435 44.98 -18.02 47.77
N ALA B 436 45.74 -18.59 48.70
CA ALA B 436 45.16 -19.29 49.84
C ALA B 436 44.39 -18.40 50.82
N ASP B 437 44.60 -17.09 50.74
CA ASP B 437 43.95 -16.18 51.69
C ASP B 437 42.67 -15.54 51.13
N ILE B 438 42.34 -15.86 49.88
CA ILE B 438 41.16 -15.31 49.25
C ILE B 438 39.89 -16.03 49.70
N ALA B 439 38.85 -15.27 49.97
CA ALA B 439 37.58 -15.83 50.40
C ALA B 439 36.53 -15.68 49.31
N TYR B 440 35.68 -16.69 49.17
CA TYR B 440 34.51 -16.59 48.31
C TYR B 440 33.29 -17.28 48.90
N ARG B 441 32.14 -16.61 48.78
CA ARG B 441 30.88 -17.10 49.30
C ARG B 441 30.12 -17.81 48.18
N THR B 442 29.61 -18.99 48.48
CA THR B 442 28.78 -19.72 47.52
C THR B 442 27.31 -19.72 47.97
N TYR B 443 26.42 -19.27 47.08
CA TYR B 443 24.99 -19.24 47.38
C TYR B 443 24.30 -20.39 46.67
N ALA B 444 23.34 -21.01 47.35
CA ALA B 444 22.51 -22.01 46.75
C ALA B 444 21.09 -21.50 46.64
N PRO B 445 20.43 -21.76 45.49
CA PRO B 445 19.03 -21.39 45.33
C PRO B 445 18.21 -22.29 46.23
N VAL B 446 17.39 -21.69 47.09
CA VAL B 446 16.59 -22.45 48.05
C VAL B 446 15.16 -21.96 48.03
N GLY B 447 14.21 -22.86 47.82
CA GLY B 447 12.81 -22.50 47.91
C GLY B 447 11.79 -23.53 47.45
N SER B 448 10.56 -23.06 47.25
CA SER B 448 9.43 -23.91 46.89
C SER B 448 9.22 -24.01 45.37
N HIS B 449 8.60 -25.10 44.93
CA HIS B 449 8.33 -25.32 43.52
C HIS B 449 7.55 -24.17 42.88
N ARG B 450 6.64 -23.56 43.62
CA ARG B 450 5.79 -22.50 43.09
C ARG B 450 6.58 -21.22 42.75
N ASP B 451 7.84 -21.18 43.16
CA ASP B 451 8.69 -20.02 42.90
C ASP B 451 9.81 -20.33 41.93
N LEU B 452 9.87 -21.58 41.49
CA LEU B 452 10.94 -22.01 40.58
C LEU B 452 10.85 -21.37 39.20
N LEU B 453 9.68 -21.44 38.56
CA LEU B 453 9.50 -20.93 37.20
C LEU B 453 10.06 -19.52 37.00
N ALA B 454 9.60 -18.58 37.82
CA ALA B 454 10.03 -17.18 37.69
C ALA B 454 11.55 -17.03 37.82
N TYR B 455 12.15 -17.82 38.71
CA TYR B 455 13.58 -17.79 38.93
C TYR B 455 14.36 -18.44 37.77
N LEU B 456 13.86 -19.57 37.26
CA LEU B 456 14.54 -20.28 36.18
C LEU B 456 14.69 -19.39 34.97
N VAL B 457 13.62 -18.65 34.65
CA VAL B 457 13.61 -17.76 33.50
C VAL B 457 14.79 -16.80 33.51
N ARG B 458 14.87 -15.97 34.55
CA ARG B 458 16.01 -15.08 34.70
C ARG B 458 17.32 -15.84 34.49
N ARG B 459 17.48 -16.95 35.19
CA ARG B 459 18.71 -17.74 35.15
C ARG B 459 19.10 -18.18 33.74
N LEU B 460 18.13 -18.68 32.98
CA LEU B 460 18.39 -19.22 31.66
C LEU B 460 18.73 -18.13 30.63
N LEU B 461 18.24 -16.92 30.87
CA LEU B 461 18.52 -15.82 29.96
C LEU B 461 20.01 -15.47 29.96
N GLU B 462 20.64 -15.61 31.12
CA GLU B 462 22.04 -15.20 31.27
C GLU B 462 23.02 -16.31 30.89
N ASN B 463 22.63 -17.55 31.14
CA ASN B 463 23.44 -18.70 30.72
C ASN B 463 23.38 -18.91 29.20
N GLY B 464 22.33 -18.39 28.58
CA GLY B 464 22.13 -18.56 27.15
C GLY B 464 22.56 -17.36 26.32
N ALA B 465 22.98 -16.29 26.98
CA ALA B 465 23.39 -15.08 26.29
C ALA B 465 24.76 -15.26 25.63
N ASN B 466 24.89 -14.77 24.40
CA ASN B 466 26.16 -14.87 23.67
C ASN B 466 27.22 -13.92 24.24
N SER B 467 26.78 -12.94 25.03
CA SER B 467 27.69 -11.99 25.65
C SER B 467 28.18 -12.52 26.99
N SER B 468 27.51 -13.57 27.48
CA SER B 468 27.85 -14.23 28.73
C SER B 468 29.30 -14.73 28.72
N PHE B 469 30.05 -14.40 29.77
CA PHE B 469 31.41 -14.90 29.92
C PHE B 469 31.40 -16.42 30.05
N VAL B 470 30.49 -16.95 30.87
CA VAL B 470 30.47 -18.38 31.13
C VAL B 470 30.10 -19.16 29.88
N ALA B 471 29.25 -18.59 29.04
CA ALA B 471 28.87 -19.22 27.78
C ALA B 471 30.07 -19.31 26.83
N GLN B 472 30.76 -18.19 26.66
CA GLN B 472 31.90 -18.11 25.75
C GLN B 472 33.08 -18.96 26.21
N ALA B 473 33.38 -18.90 27.50
CA ALA B 473 34.45 -19.73 28.05
C ALA B 473 34.14 -21.19 27.74
N ALA B 474 32.86 -21.54 27.76
CA ALA B 474 32.45 -22.91 27.46
C ALA B 474 32.51 -23.21 25.97
N ASP B 475 32.61 -22.18 25.15
CA ASP B 475 32.73 -22.34 23.71
C ASP B 475 34.20 -22.35 23.32
N TYR B 476 34.71 -23.54 22.98
CA TYR B 476 36.13 -23.68 22.66
C TYR B 476 36.51 -23.04 21.34
N ARG B 477 35.51 -22.56 20.61
CA ARG B 477 35.77 -21.76 19.43
C ARG B 477 36.33 -20.41 19.85
N VAL B 478 35.96 -19.96 21.04
CA VAL B 478 36.46 -18.68 21.54
C VAL B 478 37.82 -18.88 22.21
N PRO B 479 38.86 -18.23 21.65
CA PRO B 479 40.23 -18.39 22.14
C PRO B 479 40.40 -17.73 23.50
N VAL B 480 41.26 -18.27 24.35
CA VAL B 480 41.52 -17.68 25.66
C VAL B 480 41.81 -16.18 25.57
N PRO B 481 42.71 -15.77 24.66
CA PRO B 481 43.00 -14.34 24.51
C PRO B 481 41.75 -13.47 24.31
N ALA B 482 40.77 -13.97 23.56
CA ALA B 482 39.53 -13.24 23.31
C ALA B 482 38.75 -12.94 24.59
N LEU B 483 38.78 -13.88 25.52
CA LEU B 483 38.14 -13.71 26.81
C LEU B 483 38.88 -12.69 27.67
N LEU B 484 40.11 -12.38 27.28
CA LEU B 484 40.99 -11.54 28.10
C LEU B 484 41.01 -10.10 27.64
N GLN B 485 40.27 -9.81 26.59
CA GLN B 485 40.21 -8.45 26.07
C GLN B 485 39.76 -7.49 27.17
N ARG B 486 40.51 -6.42 27.38
CA ARG B 486 40.11 -5.40 28.33
C ARG B 486 38.95 -4.57 27.79
N PRO B 487 37.99 -4.24 28.66
CA PRO B 487 36.81 -3.48 28.28
C PRO B 487 37.19 -2.15 27.63
N ALA B 488 38.19 -1.48 28.19
CA ALA B 488 38.65 -0.19 27.67
C ALA B 488 39.00 -0.28 26.18
N ASP B 489 39.63 -1.39 25.78
CA ASP B 489 40.05 -1.57 24.39
C ASP B 489 38.88 -1.92 23.49
N ALA B 490 37.78 -2.38 24.09
CA ALA B 490 36.58 -2.70 23.32
C ALA B 490 35.86 -1.41 22.95
N ILE B 491 35.79 -0.49 23.91
CA ILE B 491 35.12 0.80 23.72
C ILE B 491 36.00 1.79 22.94
N VAL B 492 37.25 1.93 23.38
CA VAL B 492 38.26 2.80 22.76
C VAL B 492 38.00 4.31 22.86
N ARG B 493 36.76 4.73 22.58
CA ARG B 493 36.44 6.15 22.50
C ARG B 493 35.10 6.44 23.20
N PRO B 494 35.06 7.51 24.01
CA PRO B 494 33.85 7.91 24.74
C PRO B 494 32.60 7.89 23.86
N GLN B 495 32.71 8.47 22.66
CA GLN B 495 31.59 8.57 21.72
C GLN B 495 31.01 7.20 21.34
N ALA B 496 31.80 6.14 21.53
CA ALA B 496 31.37 4.80 21.16
C ALA B 496 30.73 4.03 22.32
N ALA B 497 30.51 4.71 23.44
CA ALA B 497 30.06 4.04 24.66
C ALA B 497 28.68 3.39 24.54
N ALA B 498 27.72 4.13 23.98
CA ALA B 498 26.39 3.60 23.74
C ALA B 498 26.40 2.58 22.60
N HIS B 499 25.50 1.62 22.65
CA HIS B 499 25.38 0.63 21.57
C HIS B 499 24.82 1.31 20.32
N PRO B 500 25.47 1.11 19.17
CA PRO B 500 25.11 1.82 17.93
C PRO B 500 23.82 1.30 17.31
N ARG B 501 23.38 0.12 17.72
CA ARG B 501 22.18 -0.47 17.15
C ARG B 501 20.99 -0.51 18.12
N ILE B 502 21.06 0.28 19.18
CA ILE B 502 19.93 0.42 20.09
C ILE B 502 19.53 1.88 20.18
N PRO B 503 18.44 2.25 19.49
CA PRO B 503 18.05 3.65 19.48
C PRO B 503 17.50 4.05 20.83
N LEU B 504 17.61 5.32 21.18
CA LEU B 504 16.95 5.87 22.34
C LEU B 504 15.44 5.71 22.13
N PRO B 505 14.67 5.63 23.22
CA PRO B 505 13.22 5.48 23.10
C PRO B 505 12.58 6.49 22.15
N CYS B 506 13.02 7.74 22.18
CA CYS B 506 12.40 8.77 21.35
C CYS B 506 12.63 8.52 19.86
N ASP B 507 13.66 7.75 19.52
CA ASP B 507 14.01 7.45 18.12
C ASP B 507 13.51 6.08 17.69
N LEU B 508 12.68 5.47 18.54
CA LEU B 508 12.20 4.12 18.29
C LEU B 508 11.63 3.94 16.90
N PHE B 509 10.92 4.96 16.39
CA PHE B 509 10.29 4.87 15.07
C PHE B 509 11.00 5.68 13.99
N ALA B 510 12.16 6.26 14.29
CA ALA B 510 12.91 7.03 13.30
C ALA B 510 13.32 6.15 12.11
N PRO B 511 13.33 6.72 10.91
CA PRO B 511 13.05 8.12 10.60
C PRO B 511 11.58 8.32 10.24
N GLU B 512 10.79 7.27 10.37
CA GLU B 512 9.36 7.34 10.07
C GLU B 512 8.70 8.49 10.81
N ARG B 513 8.88 8.54 12.13
CA ARG B 513 8.28 9.61 12.93
C ARG B 513 8.93 9.74 14.29
N ARG B 514 8.65 10.85 14.97
CA ARG B 514 9.06 11.01 16.36
C ARG B 514 8.15 10.20 17.29
N ASN B 515 8.69 9.79 18.44
CA ASN B 515 7.93 9.06 19.44
C ASN B 515 7.52 10.03 20.53
N SER B 516 6.37 9.80 21.14
CA SER B 516 5.92 10.67 22.23
C SER B 516 6.76 10.40 23.48
N ARG B 517 6.73 11.32 24.43
CA ARG B 517 7.52 11.17 25.64
C ARG B 517 6.67 10.72 26.81
N GLY B 518 7.22 9.79 27.58
CA GLY B 518 6.57 9.33 28.80
C GLY B 518 7.36 9.79 30.00
N VAL B 519 7.06 9.21 31.16
CA VAL B 519 7.74 9.57 32.39
C VAL B 519 7.98 8.31 33.21
N GLU B 520 9.17 8.21 33.81
CA GLU B 520 9.46 7.11 34.71
C GLU B 520 9.01 7.45 36.12
N PHE B 521 7.96 6.76 36.59
CA PHE B 521 7.40 7.03 37.90
C PHE B 521 8.39 6.63 38.99
N GLY B 522 9.33 5.75 38.63
CA GLY B 522 10.32 5.25 39.57
C GLY B 522 11.47 6.21 39.80
N ALA B 523 11.41 7.36 39.12
CA ALA B 523 12.35 8.44 39.35
C ALA B 523 11.61 9.55 40.06
N ARG B 524 11.81 9.68 41.37
CA ARG B 524 10.98 10.56 42.20
C ARG B 524 10.94 12.00 41.69
N THR B 525 12.06 12.47 41.15
CA THR B 525 12.12 13.84 40.65
C THR B 525 11.23 14.02 39.41
N ALA B 526 11.13 12.97 38.60
CA ALA B 526 10.25 12.99 37.44
C ALA B 526 8.77 12.91 37.85
N LEU B 527 8.46 11.96 38.74
CA LEU B 527 7.09 11.80 39.22
C LEU B 527 6.61 13.03 40.01
N ASP B 528 7.48 13.54 40.88
CA ASP B 528 7.13 14.71 41.69
C ASP B 528 6.82 15.91 40.78
N GLN B 529 7.69 16.16 39.81
CA GLN B 529 7.49 17.26 38.88
C GLN B 529 6.18 17.10 38.10
N LEU B 530 5.94 15.89 37.60
CA LEU B 530 4.72 15.61 36.86
C LEU B 530 3.48 15.86 37.70
N LEU B 531 3.49 15.40 38.96
CA LEU B 531 2.36 15.59 39.86
C LEU B 531 2.12 17.08 40.14
N THR B 532 3.21 17.82 40.39
CA THR B 532 3.15 19.25 40.61
C THR B 532 2.57 19.98 39.39
N ASP B 533 3.09 19.66 38.22
CA ASP B 533 2.65 20.29 36.98
C ASP B 533 1.15 20.05 36.75
N VAL B 534 0.69 18.82 36.98
CA VAL B 534 -0.72 18.51 36.80
C VAL B 534 -1.57 19.22 37.85
N LYS B 535 -1.09 19.27 39.08
CA LYS B 535 -1.81 19.92 40.16
C LYS B 535 -2.00 21.39 39.86
N ALA B 536 -0.98 22.01 39.27
CA ALA B 536 -1.02 23.42 38.92
C ALA B 536 -2.09 23.74 37.89
N GLU B 537 -2.50 22.72 37.13
CA GLU B 537 -3.51 22.89 36.10
C GLU B 537 -4.91 22.73 36.68
N THR B 538 -5.67 23.82 36.71
CA THR B 538 -7.00 23.82 37.28
C THR B 538 -7.98 24.57 36.39
N ILE B 544 -20.62 24.12 29.28
CA ILE B 544 -20.74 23.87 27.85
C ILE B 544 -22.17 23.52 27.46
N ALA B 545 -22.81 24.40 26.70
CA ALA B 545 -24.20 24.18 26.28
C ALA B 545 -24.29 23.19 25.11
N ASP B 546 -25.38 22.42 25.09
CA ASP B 546 -25.66 21.52 23.98
C ASP B 546 -26.02 22.32 22.72
N ALA B 547 -25.69 21.78 21.56
CA ALA B 547 -26.09 22.41 20.31
C ALA B 547 -27.55 22.11 20.02
N THR B 548 -28.23 23.05 19.38
CA THR B 548 -29.59 22.82 18.90
C THR B 548 -29.51 22.06 17.59
N PRO B 549 -30.60 21.35 17.23
CA PRO B 549 -30.62 20.61 15.97
C PRO B 549 -30.33 21.52 14.78
N ASP B 550 -30.69 22.79 14.91
CA ASP B 550 -30.43 23.77 13.86
C ASP B 550 -28.96 24.12 13.78
N GLN B 551 -28.32 24.26 14.94
CA GLN B 551 -26.90 24.59 14.98
C GLN B 551 -26.07 23.43 14.43
N ALA B 552 -26.55 22.21 14.63
CA ALA B 552 -25.91 21.03 14.08
C ALA B 552 -25.95 21.06 12.56
N HIS B 553 -27.11 21.41 12.00
CA HIS B 553 -27.26 21.55 10.54
C HIS B 553 -26.41 22.69 9.99
N ALA B 554 -26.35 23.78 10.74
CA ALA B 554 -25.50 24.91 10.35
C ALA B 554 -24.04 24.45 10.27
N ALA B 555 -23.63 23.65 11.25
CA ALA B 555 -22.27 23.15 11.31
C ALA B 555 -21.91 22.31 10.08
N VAL B 556 -22.83 21.46 9.64
CA VAL B 556 -22.60 20.65 8.45
C VAL B 556 -22.48 21.55 7.23
N ALA B 557 -23.35 22.55 7.14
CA ALA B 557 -23.33 23.46 5.99
C ALA B 557 -22.00 24.19 5.94
N ALA B 558 -21.56 24.71 7.08
CA ALA B 558 -20.30 25.42 7.18
C ALA B 558 -19.12 24.51 6.81
N ALA B 559 -19.13 23.29 7.34
CA ALA B 559 -18.10 22.32 7.01
C ALA B 559 -18.15 22.00 5.52
N ARG B 560 -19.35 21.87 4.99
CA ARG B 560 -19.53 21.58 3.57
C ARG B 560 -18.85 22.66 2.72
N ALA B 561 -18.98 23.91 3.16
CA ALA B 561 -18.37 25.03 2.45
C ALA B 561 -16.85 25.03 2.58
N GLY B 562 -16.35 24.52 3.70
CA GLY B 562 -14.91 24.54 3.94
C GLY B 562 -14.20 23.39 3.27
N PHE B 563 -14.97 22.39 2.84
CA PHE B 563 -14.39 21.19 2.24
C PHE B 563 -13.51 21.49 1.04
N ALA B 564 -14.06 22.26 0.09
CA ALA B 564 -13.34 22.57 -1.15
C ALA B 564 -11.91 23.07 -0.91
N GLY B 565 -11.77 24.03 0.01
CA GLY B 565 -10.46 24.58 0.32
C GLY B 565 -9.51 23.62 1.00
N TRP B 566 -10.01 22.90 2.01
CA TRP B 566 -9.17 21.98 2.76
C TRP B 566 -8.70 20.82 1.89
N SER B 567 -9.62 20.26 1.10
CA SER B 567 -9.29 19.13 0.24
C SER B 567 -8.20 19.47 -0.77
N ARG B 568 -8.14 20.74 -1.18
CA ARG B 568 -7.14 21.19 -2.16
C ARG B 568 -5.85 21.71 -1.52
N THR B 569 -5.85 21.81 -0.19
CA THR B 569 -4.62 22.13 0.53
C THR B 569 -3.61 20.98 0.41
N PRO B 570 -2.37 21.29 0.02
CA PRO B 570 -1.36 20.25 -0.17
C PRO B 570 -1.22 19.31 1.04
N ALA B 571 -1.04 18.03 0.76
CA ALA B 571 -0.95 17.01 1.81
C ALA B 571 0.13 17.34 2.84
N GLY B 572 1.25 17.86 2.37
CA GLY B 572 2.35 18.21 3.26
C GLY B 572 1.97 19.30 4.25
N ILE B 573 1.09 20.20 3.80
CA ILE B 573 0.61 21.25 4.68
C ILE B 573 -0.40 20.69 5.69
N ARG B 574 -1.21 19.73 5.26
CA ARG B 574 -2.12 19.06 6.18
C ARG B 574 -1.33 18.27 7.22
N ALA B 575 -0.29 17.57 6.76
CA ALA B 575 0.57 16.78 7.65
C ALA B 575 1.26 17.68 8.67
N ALA B 576 1.76 18.82 8.21
CA ALA B 576 2.41 19.76 9.10
C ALA B 576 1.49 20.20 10.23
N ALA B 577 0.19 20.30 9.93
CA ALA B 577 -0.78 20.73 10.92
C ALA B 577 -0.92 19.66 12.01
N LEU B 578 -0.98 18.40 11.61
CA LEU B 578 -1.05 17.31 12.57
C LEU B 578 0.20 17.28 13.44
N GLU B 579 1.37 17.43 12.82
CA GLU B 579 2.63 17.33 13.54
C GLU B 579 2.82 18.46 14.55
N GLN B 580 2.29 19.63 14.23
CA GLN B 580 2.32 20.75 15.17
C GLN B 580 1.32 20.53 16.31
N ALA B 581 0.20 19.87 16.00
CA ALA B 581 -0.77 19.50 17.02
C ALA B 581 -0.11 18.56 18.01
N ALA B 582 0.58 17.55 17.49
CA ALA B 582 1.35 16.63 18.32
C ALA B 582 2.30 17.39 19.23
N HIS B 583 3.07 18.29 18.64
CA HIS B 583 4.01 19.12 19.41
C HIS B 583 3.29 19.91 20.51
N LEU B 584 2.11 20.43 20.20
CA LEU B 584 1.37 21.22 21.17
C LEU B 584 0.82 20.38 22.31
N LEU B 585 0.29 19.21 21.98
CA LEU B 585 -0.24 18.29 22.98
C LEU B 585 0.82 17.94 24.03
N GLU B 586 2.02 17.61 23.57
CA GLU B 586 3.10 17.22 24.48
C GLU B 586 3.63 18.42 25.27
N SER B 587 3.69 19.57 24.62
CA SER B 587 4.14 20.78 25.30
C SER B 587 3.17 21.12 26.43
N ARG B 588 1.90 20.78 26.23
CA ARG B 588 0.86 21.09 27.21
C ARG B 588 0.30 19.82 27.86
N SER B 589 1.13 18.79 27.96
CA SER B 589 0.71 17.51 28.51
C SER B 589 0.05 17.64 29.87
N ALA B 590 0.62 18.47 30.73
CA ALA B 590 0.11 18.62 32.09
C ALA B 590 -1.34 19.09 32.09
N HIS B 591 -1.63 20.05 31.21
CA HIS B 591 -2.97 20.60 31.08
C HIS B 591 -3.97 19.53 30.64
N PHE B 592 -3.61 18.73 29.65
CA PHE B 592 -4.52 17.72 29.13
C PHE B 592 -4.64 16.52 30.06
N ILE B 593 -3.53 16.15 30.68
CA ILE B 593 -3.55 15.10 31.70
C ILE B 593 -4.51 15.49 32.81
N ALA B 594 -4.38 16.72 33.31
CA ALA B 594 -5.27 17.21 34.36
C ALA B 594 -6.72 17.12 33.91
N LEU B 595 -6.93 17.34 32.62
CA LEU B 595 -8.28 17.34 32.07
C LEU B 595 -8.81 15.91 32.01
N LEU B 596 -7.92 14.98 31.63
CA LEU B 596 -8.23 13.56 31.57
C LEU B 596 -8.56 12.97 32.95
N GLN B 597 -7.92 13.50 33.98
CA GLN B 597 -8.18 13.03 35.33
C GLN B 597 -9.49 13.61 35.86
N ARG B 598 -9.71 14.90 35.63
CA ARG B 598 -10.89 15.58 36.17
C ARG B 598 -12.17 15.22 35.44
N GLU B 599 -12.17 15.37 34.13
CA GLU B 599 -13.35 15.05 33.33
C GLU B 599 -13.45 13.56 32.99
N GLY B 600 -12.29 12.93 32.80
CA GLY B 600 -12.25 11.53 32.40
C GLY B 600 -12.26 10.55 33.57
N GLY B 601 -11.79 10.99 34.74
CA GLY B 601 -11.70 10.11 35.90
C GLY B 601 -10.56 9.13 35.81
N LYS B 602 -9.56 9.46 35.00
CA LYS B 602 -8.44 8.56 34.75
C LYS B 602 -7.29 8.74 35.75
N THR B 603 -6.68 7.62 36.15
CA THR B 603 -5.47 7.68 36.96
C THR B 603 -4.34 8.30 36.15
N LEU B 604 -3.26 8.65 36.83
CA LEU B 604 -2.15 9.37 36.20
C LEU B 604 -1.52 8.58 35.05
N ASP B 605 -1.26 7.29 35.29
CA ASP B 605 -0.67 6.45 34.25
C ASP B 605 -1.55 6.36 33.00
N ASP B 606 -2.86 6.27 33.20
CA ASP B 606 -3.82 6.18 32.10
C ASP B 606 -3.94 7.49 31.31
N ALA B 607 -3.95 8.60 32.01
CA ALA B 607 -4.04 9.91 31.36
C ALA B 607 -2.79 10.14 30.51
N LEU B 608 -1.63 9.96 31.13
CA LEU B 608 -0.36 10.10 30.43
C LEU B 608 -0.31 9.22 29.18
N SER B 609 -0.72 7.97 29.33
CA SER B 609 -0.79 7.05 28.21
C SER B 609 -1.69 7.59 27.09
N GLU B 610 -2.86 8.09 27.45
CA GLU B 610 -3.80 8.59 26.45
C GLU B 610 -3.23 9.82 25.74
N LEU B 611 -2.60 10.70 26.51
CA LEU B 611 -1.96 11.87 25.95
C LEU B 611 -0.91 11.48 24.92
N ARG B 612 -0.05 10.52 25.27
CA ARG B 612 0.97 10.04 24.34
C ARG B 612 0.30 9.50 23.07
N GLU B 613 -0.78 8.75 23.27
CA GLU B 613 -1.49 8.11 22.17
C GLU B 613 -2.08 9.15 21.21
N ALA B 614 -2.58 10.24 21.78
CA ALA B 614 -3.18 11.32 21.00
C ALA B 614 -2.13 11.93 20.09
N ALA B 615 -0.97 12.26 20.67
CA ALA B 615 0.15 12.77 19.89
C ALA B 615 0.66 11.75 18.87
N ASP B 616 0.72 10.47 19.25
CA ASP B 616 1.18 9.42 18.34
C ASP B 616 0.24 9.31 17.14
N PHE B 617 -1.07 9.42 17.40
CA PHE B 617 -2.07 9.43 16.34
C PHE B 617 -1.77 10.55 15.32
N CYS B 618 -1.44 11.74 15.82
CA CYS B 618 -1.18 12.87 14.93
C CYS B 618 0.04 12.65 14.03
N ARG B 619 1.14 12.21 14.62
CA ARG B 619 2.37 12.00 13.88
C ARG B 619 2.27 10.83 12.91
N TYR B 620 1.58 9.77 13.34
CA TYR B 620 1.44 8.57 12.51
C TYR B 620 0.56 8.84 11.29
N TYR B 621 -0.59 9.47 11.51
CA TYR B 621 -1.45 9.82 10.38
C TYR B 621 -0.80 10.88 9.48
N ALA B 622 0.00 11.76 10.07
CA ALA B 622 0.76 12.71 9.26
C ALA B 622 1.71 11.95 8.34
N ALA B 623 2.48 11.03 8.91
CA ALA B 623 3.45 10.26 8.14
C ALA B 623 2.78 9.40 7.06
N GLN B 624 1.72 8.69 7.44
CA GLN B 624 0.96 7.88 6.48
C GLN B 624 0.28 8.78 5.46
N GLY B 625 -0.11 9.97 5.91
CA GLY B 625 -0.74 10.94 5.04
C GLY B 625 0.17 11.37 3.90
N ARG B 626 1.45 11.61 4.20
CA ARG B 626 2.41 12.00 3.17
C ARG B 626 2.62 10.87 2.18
N LYS B 627 2.82 9.66 2.68
CA LYS B 627 3.00 8.49 1.81
C LYS B 627 1.82 8.32 0.87
N LEU B 628 0.61 8.48 1.39
CA LEU B 628 -0.59 8.15 0.63
C LEU B 628 -1.11 9.31 -0.24
N PHE B 629 -1.12 10.52 0.32
CA PHE B 629 -1.70 11.66 -0.38
C PHE B 629 -0.63 12.64 -0.88
N GLY B 630 0.63 12.34 -0.59
CA GLY B 630 1.72 13.22 -0.95
C GLY B 630 1.88 13.40 -2.44
N SER B 631 1.69 12.33 -3.19
CA SER B 631 1.77 12.39 -4.64
C SER B 631 1.03 11.25 -5.30
N GLU B 632 0.82 11.38 -6.60
CA GLU B 632 0.04 10.42 -7.37
C GLU B 632 0.84 9.15 -7.63
N THR B 633 0.13 8.07 -7.93
CA THR B 633 0.77 6.82 -8.32
C THR B 633 0.67 6.66 -9.83
N ALA B 634 1.81 6.54 -10.49
CA ALA B 634 1.84 6.30 -11.92
C ALA B 634 1.47 4.84 -12.20
N MET B 635 0.57 4.63 -13.15
CA MET B 635 0.18 3.27 -13.51
C MET B 635 0.88 2.87 -14.79
N PRO B 636 1.24 1.59 -14.92
CA PRO B 636 1.86 1.12 -16.16
C PRO B 636 0.85 1.26 -17.28
N GLY B 637 1.31 1.49 -18.50
CA GLY B 637 0.40 1.65 -19.61
C GLY B 637 1.12 1.73 -20.92
N PRO B 638 0.36 1.93 -22.01
CA PRO B 638 0.97 2.02 -23.33
C PRO B 638 1.73 3.34 -23.47
N THR B 639 2.68 3.39 -24.40
CA THR B 639 3.33 4.64 -24.75
C THR B 639 2.26 5.61 -25.28
N GLY B 640 2.55 6.91 -25.22
CA GLY B 640 1.62 7.92 -25.71
C GLY B 640 0.41 8.14 -24.82
N GLU B 641 0.50 7.69 -23.57
CA GLU B 641 -0.60 7.85 -22.62
C GLU B 641 -0.08 7.88 -21.20
N SER B 642 -0.64 8.77 -20.39
CA SER B 642 -0.30 8.77 -18.97
C SER B 642 -1.52 8.35 -18.16
N ASN B 643 -1.27 7.60 -17.09
CA ASN B 643 -2.31 7.13 -16.19
C ASN B 643 -1.86 7.32 -14.76
N ALA B 644 -2.60 8.14 -14.01
CA ALA B 644 -2.21 8.48 -12.65
C ALA B 644 -3.37 8.29 -11.69
N LEU B 645 -3.08 7.63 -10.57
CA LEU B 645 -4.06 7.37 -9.53
C LEU B 645 -3.84 8.32 -8.36
N THR B 646 -4.89 9.03 -7.96
CA THR B 646 -4.81 9.95 -6.84
C THR B 646 -5.87 9.61 -5.81
N MET B 647 -5.70 10.13 -4.60
CA MET B 647 -6.67 9.95 -3.52
C MET B 647 -7.13 11.32 -3.06
N ARG B 648 -8.44 11.55 -3.08
CA ARG B 648 -8.95 12.85 -2.70
C ARG B 648 -9.91 12.74 -1.52
N GLY B 649 -10.05 13.83 -0.78
CA GLY B 649 -11.04 13.90 0.29
C GLY B 649 -12.42 13.59 -0.26
N ARG B 650 -13.29 13.05 0.59
CA ARG B 650 -14.63 12.65 0.17
C ARG B 650 -15.63 13.78 0.33
N GLY B 651 -15.48 14.54 1.41
CA GLY B 651 -16.42 15.60 1.74
C GLY B 651 -16.42 15.92 3.22
N VAL B 652 -17.61 15.98 3.81
CA VAL B 652 -17.77 16.25 5.23
C VAL B 652 -17.91 14.93 5.98
N PHE B 653 -16.94 14.65 6.86
CA PHE B 653 -17.05 13.50 7.75
C PHE B 653 -17.65 13.90 9.09
N VAL B 654 -18.58 13.09 9.56
CA VAL B 654 -19.09 13.19 10.92
C VAL B 654 -18.29 12.25 11.81
N ALA B 655 -17.64 12.79 12.83
CA ALA B 655 -16.86 11.98 13.75
C ALA B 655 -17.53 11.91 15.11
N ILE B 656 -17.87 10.71 15.55
CA ILE B 656 -18.54 10.53 16.84
C ILE B 656 -17.67 9.67 17.73
N SER B 657 -17.39 10.18 18.93
CA SER B 657 -16.41 9.58 19.82
C SER B 657 -16.98 9.24 21.19
N PRO B 658 -16.36 8.29 21.91
CA PRO B 658 -16.83 7.82 23.21
C PRO B 658 -16.20 8.59 24.37
N TRP B 659 -16.63 8.29 25.58
CA TRP B 659 -16.14 8.98 26.77
C TRP B 659 -14.87 8.35 27.37
N ASN B 660 -14.59 7.10 27.00
CA ASN B 660 -13.53 6.35 27.67
C ASN B 660 -12.11 6.67 27.20
N PHE B 661 -11.99 7.10 25.95
CA PHE B 661 -10.76 7.72 25.46
C PHE B 661 -11.15 9.05 24.82
N PRO B 662 -11.43 10.05 25.66
CA PRO B 662 -12.05 11.32 25.29
C PRO B 662 -11.12 12.20 24.48
N LEU B 663 -9.82 11.97 24.58
CA LEU B 663 -8.86 12.79 23.85
C LEU B 663 -8.29 12.06 22.66
N ALA B 664 -7.74 10.88 22.89
CA ALA B 664 -6.94 10.20 21.87
C ALA B 664 -7.78 9.62 20.75
N ILE B 665 -8.93 9.05 21.08
CA ILE B 665 -9.81 8.49 20.07
C ILE B 665 -10.54 9.62 19.36
N PHE B 666 -10.89 10.66 20.10
CA PHE B 666 -11.46 11.86 19.52
C PHE B 666 -10.53 12.42 18.45
N LEU B 667 -9.28 12.65 18.81
CA LEU B 667 -8.29 13.22 17.89
C LEU B 667 -7.86 12.25 16.81
N GLY B 668 -7.85 10.95 17.11
CA GLY B 668 -7.48 9.96 16.13
C GLY B 668 -8.42 10.01 14.93
N GLN B 669 -9.71 9.89 15.21
CA GLN B 669 -10.73 9.92 14.17
C GLN B 669 -10.75 11.25 13.42
N VAL B 670 -10.63 12.34 14.18
CA VAL B 670 -10.71 13.68 13.60
C VAL B 670 -9.53 13.99 12.68
N THR B 671 -8.32 13.69 13.14
CA THR B 671 -7.13 13.98 12.34
C THR B 671 -6.98 13.03 11.15
N ALA B 672 -7.47 11.80 11.26
CA ALA B 672 -7.45 10.90 10.10
C ALA B 672 -8.29 11.48 8.98
N ALA B 673 -9.52 11.88 9.31
CA ALA B 673 -10.43 12.48 8.35
C ALA B 673 -9.86 13.76 7.76
N LEU B 674 -9.32 14.63 8.62
CA LEU B 674 -8.68 15.85 8.17
C LEU B 674 -7.48 15.55 7.26
N MET B 675 -6.65 14.59 7.66
CA MET B 675 -5.47 14.26 6.86
C MET B 675 -5.85 13.78 5.46
N ALA B 676 -6.96 13.04 5.36
CA ALA B 676 -7.39 12.54 4.06
C ALA B 676 -8.04 13.65 3.21
N GLY B 677 -8.10 14.86 3.77
CA GLY B 677 -8.60 15.99 3.03
C GLY B 677 -10.09 16.23 3.15
N ASN B 678 -10.70 15.72 4.21
CA ASN B 678 -12.11 15.97 4.49
C ASN B 678 -12.25 17.09 5.51
N SER B 679 -13.36 17.82 5.46
CA SER B 679 -13.74 18.68 6.58
C SER B 679 -14.47 17.79 7.57
N VAL B 680 -14.57 18.25 8.82
CA VAL B 680 -15.14 17.39 9.87
C VAL B 680 -16.10 18.13 10.80
N VAL B 681 -17.22 17.47 11.10
CA VAL B 681 -18.06 17.87 12.22
C VAL B 681 -17.94 16.78 13.26
N ALA B 682 -17.41 17.14 14.43
CA ALA B 682 -17.13 16.17 15.48
C ALA B 682 -18.12 16.32 16.63
N LYS B 683 -18.70 15.20 17.04
CA LYS B 683 -19.62 15.18 18.15
C LYS B 683 -19.04 14.26 19.24
N PRO B 684 -18.57 14.86 20.34
CA PRO B 684 -17.94 14.09 21.42
C PRO B 684 -18.98 13.44 22.30
N ALA B 685 -18.57 12.48 23.11
CA ALA B 685 -19.45 11.86 24.10
C ALA B 685 -20.00 12.94 25.04
N GLU B 686 -21.28 12.84 25.36
CA GLU B 686 -21.90 13.86 26.19
C GLU B 686 -21.17 14.04 27.54
N GLN B 687 -20.52 12.99 28.02
CA GLN B 687 -19.82 13.05 29.31
C GLN B 687 -18.48 13.79 29.26
N THR B 688 -17.93 13.98 28.07
CA THR B 688 -16.59 14.55 27.95
C THR B 688 -16.42 15.58 26.83
N PRO B 689 -17.23 16.66 26.86
CA PRO B 689 -17.17 17.73 25.87
C PRO B 689 -15.99 18.69 26.08
N ARG B 690 -15.59 18.89 27.33
CA ARG B 690 -14.57 19.89 27.65
C ARG B 690 -13.23 19.57 26.97
N ILE B 691 -12.77 18.35 27.15
CA ILE B 691 -11.50 17.93 26.57
C ILE B 691 -11.58 18.02 25.04
N ALA B 692 -12.72 17.64 24.49
CA ALA B 692 -12.91 17.68 23.05
C ALA B 692 -12.81 19.11 22.55
N ARG B 693 -13.40 20.04 23.28
CA ARG B 693 -13.36 21.45 22.89
C ARG B 693 -11.95 22.00 23.00
N GLU B 694 -11.22 21.56 24.04
CA GLU B 694 -9.83 21.95 24.19
C GLU B 694 -9.00 21.39 23.03
N ALA B 695 -9.35 20.19 22.60
CA ALA B 695 -8.63 19.52 21.51
C ALA B 695 -8.86 20.22 20.17
N VAL B 696 -10.11 20.59 19.91
CA VAL B 696 -10.45 21.31 18.67
C VAL B 696 -9.74 22.66 18.64
N ALA B 697 -9.73 23.35 19.77
CA ALA B 697 -9.01 24.62 19.87
C ALA B 697 -7.53 24.42 19.54
N LEU B 698 -6.93 23.35 20.05
CA LEU B 698 -5.53 23.07 19.78
C LEU B 698 -5.30 22.77 18.29
N LEU B 699 -6.23 22.07 17.67
CA LEU B 699 -6.10 21.75 16.26
C LEU B 699 -6.16 23.01 15.42
N HIS B 700 -7.07 23.91 15.76
CA HIS B 700 -7.19 25.18 15.05
C HIS B 700 -5.87 25.94 15.15
N GLU B 701 -5.36 26.03 16.37
CA GLU B 701 -4.10 26.70 16.63
C GLU B 701 -2.93 26.05 15.90
N ALA B 702 -3.04 24.76 15.63
CA ALA B 702 -1.97 24.01 14.99
C ALA B 702 -1.97 24.16 13.47
N GLY B 703 -3.05 24.70 12.91
CA GLY B 703 -3.11 24.95 11.49
C GLY B 703 -4.34 24.45 10.77
N ILE B 704 -5.26 23.81 11.49
CA ILE B 704 -6.53 23.40 10.91
C ILE B 704 -7.47 24.60 10.82
N PRO B 705 -7.84 25.00 9.59
CA PRO B 705 -8.73 26.16 9.41
C PRO B 705 -10.03 25.99 10.16
N LYS B 706 -10.56 27.09 10.70
CA LYS B 706 -11.86 27.06 11.37
C LYS B 706 -12.93 26.46 10.46
N SER B 707 -12.80 26.67 9.16
CA SER B 707 -13.79 26.21 8.19
C SER B 707 -13.70 24.71 7.89
N ALA B 708 -12.65 24.05 8.38
CA ALA B 708 -12.47 22.63 8.11
C ALA B 708 -12.89 21.74 9.28
N LEU B 709 -13.14 22.34 10.44
CA LEU B 709 -13.38 21.56 11.65
C LEU B 709 -14.33 22.26 12.63
N TYR B 710 -15.46 21.60 12.93
CA TYR B 710 -16.45 22.14 13.85
C TYR B 710 -16.83 21.16 14.95
N LEU B 711 -16.91 21.64 16.18
CA LEU B 711 -17.37 20.82 17.29
C LEU B 711 -18.86 21.06 17.55
N VAL B 712 -19.62 19.98 17.62
CA VAL B 712 -21.04 20.04 17.97
C VAL B 712 -21.28 19.14 19.19
N THR B 713 -21.71 19.73 20.30
CA THR B 713 -21.92 18.96 21.53
C THR B 713 -23.39 18.63 21.77
N GLY B 714 -23.64 17.52 22.47
CA GLY B 714 -24.98 17.08 22.76
C GLY B 714 -25.05 15.58 22.96
N ASP B 715 -26.27 15.05 22.96
CA ASP B 715 -26.51 13.62 23.19
C ASP B 715 -26.58 12.84 21.88
N GLY B 716 -27.10 11.63 21.96
CA GLY B 716 -27.24 10.76 20.81
C GLY B 716 -28.24 11.29 19.78
N ARG B 717 -29.11 12.21 20.20
CA ARG B 717 -30.07 12.82 19.30
C ARG B 717 -29.37 13.83 18.38
N ILE B 718 -28.40 14.54 18.92
CA ILE B 718 -27.61 15.48 18.14
C ILE B 718 -26.68 14.69 17.22
N GLY B 719 -26.19 13.57 17.73
CA GLY B 719 -25.40 12.66 16.91
C GLY B 719 -26.25 12.14 15.76
N ALA B 720 -27.51 11.85 16.05
CA ALA B 720 -28.44 11.33 15.05
C ALA B 720 -28.76 12.37 13.98
N ALA B 721 -28.88 13.63 14.40
CA ALA B 721 -29.11 14.73 13.47
C ALA B 721 -27.97 14.80 12.44
N LEU B 722 -26.74 14.79 12.94
CA LEU B 722 -25.56 14.86 12.09
C LEU B 722 -25.52 13.72 11.06
N THR B 723 -25.70 12.49 11.53
CA THR B 723 -25.61 11.31 10.66
C THR B 723 -26.77 11.22 9.68
N ALA B 724 -27.86 11.90 9.98
CA ALA B 724 -29.02 11.86 9.11
C ALA B 724 -28.92 12.90 8.00
N HIS B 725 -28.03 13.87 8.17
CA HIS B 725 -27.87 14.95 7.20
C HIS B 725 -27.52 14.43 5.81
N PRO B 726 -28.31 14.82 4.80
CA PRO B 726 -28.13 14.34 3.43
C PRO B 726 -26.81 14.78 2.77
N ASP B 727 -26.10 15.74 3.35
CA ASP B 727 -24.90 16.27 2.69
C ASP B 727 -23.57 15.67 3.15
N ILE B 728 -23.59 14.83 4.17
CA ILE B 728 -22.33 14.30 4.69
C ILE B 728 -21.76 13.22 3.79
N ALA B 729 -20.45 13.00 3.88
CA ALA B 729 -19.78 12.11 2.94
C ALA B 729 -19.29 10.82 3.61
N GLY B 730 -19.39 10.78 4.93
CA GLY B 730 -19.00 9.60 5.67
C GLY B 730 -19.16 9.76 7.16
N VAL B 731 -19.09 8.64 7.88
CA VAL B 731 -19.16 8.65 9.32
C VAL B 731 -18.08 7.74 9.93
N VAL B 732 -17.33 8.30 10.88
CA VAL B 732 -16.38 7.51 11.66
C VAL B 732 -16.90 7.52 13.09
N PHE B 733 -17.14 6.32 13.64
CA PHE B 733 -17.84 6.17 14.92
C PHE B 733 -17.15 5.16 15.83
N THR B 734 -17.06 5.50 17.11
CA THR B 734 -16.56 4.56 18.10
C THR B 734 -17.50 4.62 19.29
N GLY B 735 -18.10 3.47 19.61
CA GLY B 735 -19.12 3.40 20.64
C GLY B 735 -19.81 2.05 20.63
N SER B 736 -21.06 2.03 21.09
CA SER B 736 -21.76 0.76 21.29
C SER B 736 -22.22 0.13 19.98
N THR B 737 -22.07 -1.19 19.90
CA THR B 737 -22.50 -1.95 18.73
C THR B 737 -23.92 -1.56 18.35
N GLU B 738 -24.77 -1.34 19.36
CA GLU B 738 -26.17 -1.00 19.12
C GLU B 738 -26.37 0.34 18.42
N VAL B 739 -25.60 1.35 18.81
CA VAL B 739 -25.72 2.67 18.21
C VAL B 739 -25.16 2.67 16.77
N ALA B 740 -24.10 1.90 16.56
CA ALA B 740 -23.53 1.72 15.23
C ALA B 740 -24.59 1.26 14.23
N ARG B 741 -25.39 0.27 14.62
CA ARG B 741 -26.44 -0.26 13.74
C ARG B 741 -27.50 0.78 13.41
N SER B 742 -27.91 1.58 14.39
CA SER B 742 -28.90 2.62 14.13
C SER B 742 -28.33 3.66 13.16
N ILE B 743 -27.08 4.04 13.37
CA ILE B 743 -26.39 4.92 12.43
C ILE B 743 -26.32 4.28 11.04
N ASN B 744 -25.95 3.01 10.98
CA ASN B 744 -25.89 2.29 9.71
C ASN B 744 -27.24 2.30 9.00
N ARG B 745 -28.32 2.14 9.76
CA ARG B 745 -29.66 2.13 9.20
C ARG B 745 -30.09 3.51 8.71
N ALA B 746 -29.71 4.53 9.45
CA ALA B 746 -30.01 5.91 9.05
C ALA B 746 -29.28 6.24 7.74
N LEU B 747 -28.02 5.81 7.62
CA LEU B 747 -27.29 6.02 6.38
C LEU B 747 -27.97 5.28 5.22
N ALA B 748 -28.28 4.00 5.43
CA ALA B 748 -28.86 3.17 4.38
C ALA B 748 -30.20 3.72 3.89
N ALA B 749 -30.94 4.36 4.78
CA ALA B 749 -32.27 4.86 4.47
C ALA B 749 -32.27 5.99 3.44
N LYS B 750 -31.20 6.77 3.39
CA LYS B 750 -31.13 7.92 2.48
C LYS B 750 -31.16 7.48 1.03
N ASP B 751 -31.66 8.37 0.17
CA ASP B 751 -31.70 8.08 -1.26
C ASP B 751 -30.40 8.49 -1.95
N GLY B 752 -29.55 9.22 -1.22
CA GLY B 752 -28.30 9.71 -1.80
C GLY B 752 -27.22 8.64 -1.94
N PRO B 753 -25.96 9.07 -2.01
CA PRO B 753 -24.82 8.15 -2.13
C PRO B 753 -24.69 7.25 -0.92
N ILE B 754 -24.32 5.99 -1.15
CA ILE B 754 -23.91 5.10 -0.06
C ILE B 754 -22.54 5.56 0.40
N VAL B 755 -22.45 6.05 1.63
CA VAL B 755 -21.19 6.57 2.15
C VAL B 755 -20.49 5.58 3.07
N PRO B 756 -19.19 5.78 3.32
CA PRO B 756 -18.48 4.85 4.20
C PRO B 756 -18.91 5.01 5.66
N LEU B 757 -19.00 3.88 6.36
CA LEU B 757 -19.17 3.89 7.81
C LEU B 757 -18.04 3.10 8.46
N ILE B 758 -17.23 3.79 9.25
CA ILE B 758 -16.20 3.13 10.03
C ILE B 758 -16.72 3.09 11.45
N ALA B 759 -16.92 1.88 11.97
CA ALA B 759 -17.53 1.73 13.28
C ALA B 759 -16.75 0.74 14.12
N GLU B 760 -16.16 1.23 15.20
CA GLU B 760 -15.45 0.37 16.13
C GLU B 760 -16.33 0.21 17.37
N THR B 761 -16.65 -1.03 17.70
CA THR B 761 -17.66 -1.28 18.72
C THR B 761 -17.13 -2.19 19.83
N GLY B 762 -18.04 -2.80 20.59
CA GLY B 762 -17.65 -3.51 21.80
C GLY B 762 -16.93 -4.83 21.57
N GLY B 763 -16.76 -5.57 22.65
CA GLY B 763 -16.25 -6.92 22.59
C GLY B 763 -16.56 -7.67 23.88
N ILE B 764 -16.53 -8.99 23.81
CA ILE B 764 -16.53 -9.82 25.01
C ILE B 764 -15.23 -10.58 24.96
N ASN B 765 -14.17 -9.92 25.39
CA ASN B 765 -12.81 -10.38 25.13
C ASN B 765 -12.38 -11.48 26.07
N ALA B 766 -11.80 -12.53 25.49
CA ALA B 766 -11.41 -13.71 26.25
C ALA B 766 -9.90 -13.79 26.39
N MET B 767 -9.46 -14.57 27.39
CA MET B 767 -8.06 -14.95 27.51
C MET B 767 -8.00 -16.45 27.77
N ILE B 768 -7.06 -17.13 27.12
CA ILE B 768 -6.87 -18.55 27.33
C ILE B 768 -5.51 -18.76 27.97
N ALA B 769 -5.51 -19.36 29.15
CA ALA B 769 -4.27 -19.66 29.87
C ALA B 769 -4.19 -21.14 30.17
N ASP B 770 -3.14 -21.81 29.68
CA ASP B 770 -2.94 -23.23 29.97
C ASP B 770 -1.95 -23.44 31.11
N ALA B 771 -1.66 -24.69 31.42
CA ALA B 771 -0.87 -25.01 32.61
C ALA B 771 0.63 -24.74 32.47
N THR B 772 1.07 -24.38 31.26
CA THR B 772 2.46 -24.01 31.06
C THR B 772 2.70 -22.52 31.30
N ALA B 773 1.62 -21.76 31.47
CA ALA B 773 1.76 -20.33 31.76
C ALA B 773 2.26 -20.09 33.18
N LEU B 774 3.09 -19.06 33.36
CA LEU B 774 3.53 -18.64 34.68
C LEU B 774 2.36 -17.97 35.43
N PRO B 775 1.90 -18.58 36.54
CA PRO B 775 0.73 -18.01 37.23
C PRO B 775 0.89 -16.55 37.66
N GLU B 776 2.09 -16.17 38.09
CA GLU B 776 2.31 -14.79 38.54
C GLU B 776 2.14 -13.82 37.40
N GLN B 777 2.51 -14.26 36.19
CA GLN B 777 2.41 -13.39 35.02
C GLN B 777 0.98 -13.37 34.50
N VAL B 778 0.32 -14.54 34.50
CA VAL B 778 -1.09 -14.59 34.15
C VAL B 778 -1.85 -13.66 35.09
N ALA B 779 -1.53 -13.73 36.38
CA ALA B 779 -2.21 -12.90 37.37
C ALA B 779 -2.03 -11.41 37.08
N ASP B 780 -0.79 -11.00 36.82
CA ASP B 780 -0.49 -9.60 36.50
C ASP B 780 -1.28 -9.14 35.29
N ASP B 781 -1.22 -9.92 34.23
CA ASP B 781 -1.81 -9.56 32.95
C ASP B 781 -3.32 -9.59 32.96
N VAL B 782 -3.89 -10.44 33.83
CA VAL B 782 -5.33 -10.53 33.96
C VAL B 782 -5.85 -9.34 34.78
N VAL B 783 -5.12 -9.00 35.84
CA VAL B 783 -5.51 -7.91 36.72
C VAL B 783 -5.45 -6.57 35.97
N THR B 784 -4.38 -6.38 35.21
CA THR B 784 -4.25 -5.21 34.36
C THR B 784 -5.37 -5.17 33.31
N SER B 785 -5.50 -6.25 32.55
CA SER B 785 -6.44 -6.32 31.43
C SER B 785 -7.90 -6.16 31.84
N ALA B 786 -8.27 -6.68 33.02
CA ALA B 786 -9.68 -6.65 33.43
C ALA B 786 -10.06 -5.43 34.28
N PHE B 787 -9.11 -4.92 35.07
CA PHE B 787 -9.46 -3.94 36.10
C PHE B 787 -8.81 -2.57 35.93
N ARG B 788 -7.74 -2.50 35.12
CA ARG B 788 -7.15 -1.21 34.77
C ARG B 788 -8.20 -0.27 34.16
N SER B 789 -8.18 0.99 34.59
CA SER B 789 -9.16 1.96 34.11
C SER B 789 -10.57 1.51 34.49
N ALA B 790 -10.69 0.81 35.61
CA ALA B 790 -11.99 0.28 36.05
C ALA B 790 -12.67 -0.54 34.95
N GLY B 791 -11.85 -1.22 34.15
CA GLY B 791 -12.37 -2.06 33.07
C GLY B 791 -13.09 -1.27 32.01
N GLN B 792 -12.80 0.03 31.93
CA GLN B 792 -13.47 0.90 30.96
C GLN B 792 -12.65 1.04 29.68
N ARG B 793 -12.12 -0.08 29.22
CA ARG B 793 -11.46 -0.16 27.92
C ARG B 793 -12.20 -1.19 27.07
N CYS B 794 -12.30 -0.93 25.77
CA CYS B 794 -12.95 -1.84 24.84
CA CYS B 794 -12.98 -1.88 24.91
C CYS B 794 -12.17 -3.15 24.74
N SER B 795 -10.87 -3.04 24.95
CA SER B 795 -9.95 -4.16 24.82
C SER B 795 -9.91 -5.01 26.10
N ALA B 796 -10.59 -4.56 27.15
CA ALA B 796 -10.47 -5.17 28.47
C ALA B 796 -10.85 -6.64 28.49
N LEU B 797 -10.13 -7.41 29.29
CA LEU B 797 -10.44 -8.83 29.49
C LEU B 797 -11.77 -9.00 30.22
N ARG B 798 -12.72 -9.73 29.62
CA ARG B 798 -14.01 -10.01 30.22
C ARG B 798 -14.17 -11.47 30.64
N LEU B 799 -13.46 -12.35 29.95
CA LEU B 799 -13.64 -13.78 30.15
C LEU B 799 -12.32 -14.56 30.15
N LEU B 800 -11.94 -15.09 31.30
CA LEU B 800 -10.73 -15.90 31.40
C LEU B 800 -11.04 -17.40 31.35
N PHE B 801 -10.44 -18.09 30.39
CA PHE B 801 -10.46 -19.55 30.35
C PHE B 801 -9.13 -20.04 30.92
N VAL B 802 -9.18 -20.87 31.94
CA VAL B 802 -7.96 -21.37 32.59
C VAL B 802 -8.04 -22.89 32.75
N GLN B 803 -6.94 -23.58 32.42
CA GLN B 803 -6.96 -25.04 32.47
C GLN B 803 -7.15 -25.49 33.91
N GLU B 804 -7.92 -26.55 34.10
CA GLU B 804 -8.36 -26.96 35.42
C GLU B 804 -7.21 -27.25 36.40
N ASP B 805 -6.12 -27.82 35.90
CA ASP B 805 -5.01 -28.19 36.78
C ASP B 805 -4.37 -26.98 37.48
N VAL B 806 -4.55 -25.80 36.93
CA VAL B 806 -3.95 -24.60 37.52
C VAL B 806 -4.99 -23.54 37.89
N ALA B 807 -6.26 -23.90 37.82
CA ALA B 807 -7.34 -22.93 37.98
C ALA B 807 -7.40 -22.35 39.39
N ASP B 808 -7.24 -23.22 40.39
CA ASP B 808 -7.39 -22.79 41.78
C ASP B 808 -6.36 -21.74 42.14
N ARG B 809 -5.11 -22.02 41.80
CA ARG B 809 -4.00 -21.12 42.10
C ARG B 809 -4.08 -19.81 41.30
N MET B 810 -4.39 -19.90 40.03
CA MET B 810 -4.49 -18.68 39.21
C MET B 810 -5.63 -17.75 39.66
N ILE B 811 -6.80 -18.32 39.92
CA ILE B 811 -7.94 -17.52 40.41
C ILE B 811 -7.64 -16.89 41.76
N GLU B 812 -7.10 -17.69 42.66
CA GLU B 812 -6.68 -17.24 43.98
C GLU B 812 -5.67 -16.09 43.87
N MET B 813 -4.73 -16.19 42.94
CA MET B 813 -3.72 -15.14 42.79
C MET B 813 -4.30 -13.85 42.18
N VAL B 814 -5.17 -14.00 41.18
CA VAL B 814 -5.86 -12.85 40.61
C VAL B 814 -6.71 -12.12 41.66
N ALA B 815 -7.40 -12.90 42.49
CA ALA B 815 -8.26 -12.32 43.53
C ALA B 815 -7.43 -11.59 44.58
N GLY B 816 -6.35 -12.24 45.02
CA GLY B 816 -5.44 -11.64 45.97
C GLY B 816 -4.81 -10.38 45.44
N ALA B 817 -4.40 -10.40 44.17
CA ALA B 817 -3.83 -9.23 43.54
C ALA B 817 -4.86 -8.10 43.41
N ALA B 818 -6.07 -8.46 43.02
CA ALA B 818 -7.14 -7.48 42.84
C ALA B 818 -7.47 -6.78 44.16
N ARG B 819 -7.38 -7.52 45.26
CA ARG B 819 -7.64 -6.96 46.56
C ARG B 819 -6.65 -5.84 46.89
N GLU B 820 -5.45 -5.92 46.31
CA GLU B 820 -4.41 -4.94 46.60
C GLU B 820 -4.53 -3.64 45.81
N LEU B 821 -5.51 -3.55 44.90
CA LEU B 821 -5.71 -2.34 44.11
C LEU B 821 -6.38 -1.23 44.91
N LYS B 822 -5.73 -0.07 45.00
CA LYS B 822 -6.31 1.07 45.70
C LYS B 822 -7.38 1.72 44.84
N ILE B 823 -8.59 1.81 45.37
CA ILE B 823 -9.69 2.49 44.69
C ILE B 823 -9.93 3.84 45.34
N GLY B 824 -9.98 4.89 44.53
CA GLY B 824 -10.21 6.22 45.06
C GLY B 824 -10.10 7.34 44.04
N ASP B 825 -9.88 8.55 44.53
CA ASP B 825 -9.72 9.73 43.69
C ASP B 825 -8.55 9.53 42.75
N PRO B 826 -8.83 9.54 41.42
CA PRO B 826 -7.81 9.31 40.39
C PRO B 826 -6.65 10.30 40.50
N SER B 827 -6.89 11.45 41.12
CA SER B 827 -5.83 12.45 41.29
C SER B 827 -4.79 12.07 42.34
N ASP B 828 -5.18 11.23 43.30
CA ASP B 828 -4.21 10.71 44.26
C ASP B 828 -3.23 9.74 43.57
N VAL B 829 -1.94 9.91 43.84
CA VAL B 829 -0.92 9.16 43.12
C VAL B 829 -1.00 7.65 43.36
N ALA B 830 -1.54 7.27 44.52
CA ALA B 830 -1.58 5.86 44.93
C ALA B 830 -2.77 5.07 44.38
N THR B 831 -3.69 5.77 43.72
CA THR B 831 -4.91 5.14 43.20
C THR B 831 -4.61 4.22 42.01
N HIS B 832 -5.18 3.01 42.06
CA HIS B 832 -5.04 2.05 40.97
C HIS B 832 -6.31 2.03 40.11
N VAL B 833 -7.45 2.25 40.77
CA VAL B 833 -8.75 2.18 40.12
C VAL B 833 -9.59 3.40 40.43
N GLY B 834 -9.89 4.20 39.40
CA GLY B 834 -10.71 5.39 39.57
C GLY B 834 -12.19 5.06 39.49
N PRO B 835 -13.04 6.09 39.47
CA PRO B 835 -14.48 5.85 39.43
C PRO B 835 -14.97 5.54 38.01
N VAL B 836 -16.12 4.90 37.89
CA VAL B 836 -16.74 4.73 36.57
C VAL B 836 -17.34 6.05 36.10
N ILE B 837 -17.57 6.16 34.79
CA ILE B 837 -17.85 7.45 34.17
C ILE B 837 -19.04 8.23 34.77
N ASP B 838 -20.16 7.54 35.01
CA ASP B 838 -21.35 8.21 35.52
C ASP B 838 -22.28 7.28 36.30
N VAL B 839 -23.31 7.88 36.89
CA VAL B 839 -24.26 7.14 37.69
C VAL B 839 -24.88 5.99 36.91
N GLU B 840 -25.25 6.26 35.66
CA GLU B 840 -25.88 5.27 34.81
C GLU B 840 -24.99 4.04 34.62
N ALA B 841 -23.71 4.28 34.39
CA ALA B 841 -22.76 3.19 34.25
C ALA B 841 -22.76 2.33 35.52
N LYS B 842 -22.61 2.97 36.67
CA LYS B 842 -22.56 2.24 37.94
C LYS B 842 -23.79 1.37 38.18
N GLN B 843 -24.99 1.87 37.88
CA GLN B 843 -26.19 1.06 38.13
C GLN B 843 -26.32 -0.11 37.15
N ARG B 844 -25.86 0.07 35.93
CA ARG B 844 -25.81 -1.04 34.99
C ARG B 844 -24.83 -2.11 35.50
N LEU B 845 -23.70 -1.67 36.03
CA LEU B 845 -22.70 -2.60 36.53
C LEU B 845 -23.19 -3.35 37.77
N ASP B 846 -23.82 -2.62 38.69
CA ASP B 846 -24.29 -3.23 39.93
C ASP B 846 -25.40 -4.24 39.65
N ALA B 847 -26.23 -3.95 38.66
CA ALA B 847 -27.28 -4.87 38.27
C ALA B 847 -26.70 -6.20 37.80
N HIS B 848 -25.65 -6.13 36.98
CA HIS B 848 -25.01 -7.35 36.44
C HIS B 848 -24.32 -8.12 37.56
N ILE B 849 -23.70 -7.38 38.49
CA ILE B 849 -23.09 -7.99 39.66
C ILE B 849 -24.14 -8.75 40.51
N ALA B 850 -25.30 -8.13 40.71
CA ALA B 850 -26.36 -8.76 41.49
C ALA B 850 -26.85 -10.04 40.80
N ARG B 851 -27.02 -9.97 39.49
CA ARG B 851 -27.43 -11.12 38.70
C ARG B 851 -26.38 -12.23 38.73
N MET B 852 -25.12 -11.86 38.66
CA MET B 852 -24.04 -12.83 38.69
C MET B 852 -23.97 -13.52 40.04
N LYS B 853 -24.17 -12.76 41.11
CA LYS B 853 -24.14 -13.32 42.46
C LYS B 853 -25.13 -14.49 42.65
N THR B 854 -26.24 -14.47 41.92
CA THR B 854 -27.24 -15.54 42.07
C THR B 854 -27.11 -16.63 41.01
N GLU B 855 -26.23 -16.42 40.03
CA GLU B 855 -26.07 -17.35 38.91
C GLU B 855 -24.68 -17.98 38.83
N ALA B 856 -23.70 -17.35 39.47
CA ALA B 856 -22.31 -17.78 39.32
C ALA B 856 -21.52 -17.68 40.63
N ARG B 857 -20.42 -18.42 40.73
CA ARG B 857 -19.60 -18.37 41.94
C ARG B 857 -18.88 -17.04 42.08
N LEU B 858 -18.98 -16.42 43.25
CA LEU B 858 -18.25 -15.21 43.56
C LEU B 858 -16.89 -15.56 44.17
N HIS B 859 -15.81 -15.18 43.48
CA HIS B 859 -14.47 -15.40 44.03
C HIS B 859 -13.98 -14.14 44.75
N PHE B 860 -14.46 -12.98 44.34
CA PHE B 860 -13.98 -11.73 44.93
C PHE B 860 -14.91 -10.56 44.67
N ALA B 861 -15.17 -9.81 45.74
CA ALA B 861 -15.95 -8.58 45.64
C ALA B 861 -15.26 -7.52 46.45
N GLY B 862 -14.50 -6.65 45.78
CA GLY B 862 -13.70 -5.65 46.47
C GLY B 862 -14.56 -4.64 47.22
N PRO B 863 -13.96 -3.95 48.19
CA PRO B 863 -14.64 -2.87 48.92
C PRO B 863 -14.51 -1.56 48.16
N ALA B 864 -15.65 -0.95 47.84
CA ALA B 864 -15.66 0.28 47.08
C ALA B 864 -15.91 1.46 48.01
N PRO B 865 -15.28 2.60 47.72
CA PRO B 865 -15.47 3.85 48.46
C PRO B 865 -16.80 4.47 48.05
N GLU B 866 -17.36 5.34 48.90
CA GLU B 866 -18.58 6.05 48.57
C GLU B 866 -18.40 6.81 47.26
N GLY B 867 -19.42 6.78 46.41
CA GLY B 867 -19.39 7.53 45.16
C GLY B 867 -19.54 6.64 43.94
N CYS B 868 -19.23 7.19 42.77
CA CYS B 868 -19.40 6.46 41.51
C CYS B 868 -18.29 5.43 41.30
N PHE B 869 -18.13 4.54 42.29
CA PHE B 869 -17.08 3.53 42.24
C PHE B 869 -17.64 2.13 42.16
N VAL B 870 -17.01 1.30 41.34
CA VAL B 870 -17.29 -0.13 41.31
C VAL B 870 -15.96 -0.87 41.43
N ALA B 871 -15.87 -1.74 42.42
CA ALA B 871 -14.63 -2.45 42.70
C ALA B 871 -14.50 -3.69 41.82
N PRO B 872 -13.27 -4.18 41.66
CA PRO B 872 -13.04 -5.43 40.92
C PRO B 872 -13.91 -6.56 41.47
N HIS B 873 -14.56 -7.28 40.56
CA HIS B 873 -15.29 -8.49 40.92
C HIS B 873 -14.81 -9.65 40.06
N ILE B 874 -14.83 -10.84 40.64
CA ILE B 874 -14.48 -12.03 39.90
C ILE B 874 -15.55 -13.08 40.07
N PHE B 875 -16.20 -13.46 38.98
CA PHE B 875 -17.18 -14.53 39.01
C PHE B 875 -16.66 -15.70 38.19
N GLU B 876 -16.96 -16.92 38.65
CA GLU B 876 -16.70 -18.10 37.86
C GLU B 876 -18.01 -18.66 37.33
N LEU B 877 -18.05 -18.88 36.01
CA LEU B 877 -19.22 -19.39 35.34
C LEU B 877 -19.09 -20.90 35.16
N THR B 878 -20.23 -21.59 35.16
CA THR B 878 -20.26 -22.98 34.76
C THR B 878 -19.88 -23.11 33.29
N GLU B 879 -20.38 -22.18 32.47
CA GLU B 879 -20.10 -22.19 31.05
C GLU B 879 -20.08 -20.77 30.47
N ALA B 880 -19.29 -20.58 29.42
CA ALA B 880 -19.11 -19.27 28.79
C ALA B 880 -20.44 -18.66 28.34
N GLY B 881 -21.35 -19.50 27.88
CA GLY B 881 -22.66 -19.06 27.43
C GLY B 881 -23.41 -18.28 28.50
N GLN B 882 -22.93 -18.31 29.74
CA GLN B 882 -23.57 -17.54 30.81
C GLN B 882 -23.30 -16.04 30.66
N LEU B 883 -22.21 -15.70 29.99
CA LEU B 883 -21.88 -14.30 29.74
C LEU B 883 -22.31 -13.95 28.32
N THR B 884 -23.35 -13.12 28.19
CA THR B 884 -23.93 -12.82 26.89
C THR B 884 -23.82 -11.35 26.46
N GLU B 885 -23.27 -10.51 27.33
CA GLU B 885 -23.14 -9.10 26.99
C GLU B 885 -21.78 -8.57 27.38
N GLU B 886 -21.39 -7.47 26.75
CA GLU B 886 -20.24 -6.70 27.20
C GLU B 886 -20.67 -5.92 28.44
N VAL B 887 -19.97 -6.15 29.55
CA VAL B 887 -20.23 -5.43 30.78
C VAL B 887 -19.07 -4.48 31.02
N PHE B 888 -19.31 -3.18 30.90
CA PHE B 888 -18.22 -2.22 30.74
C PHE B 888 -17.67 -1.72 32.07
N GLY B 889 -17.07 -2.62 32.84
CA GLY B 889 -16.52 -2.29 34.13
C GLY B 889 -15.55 -3.34 34.63
N PRO B 890 -15.10 -3.21 35.87
CA PRO B 890 -14.05 -4.09 36.40
C PRO B 890 -14.61 -5.44 36.84
N ILE B 891 -15.18 -6.20 35.92
CA ILE B 891 -15.83 -7.46 36.28
C ILE B 891 -15.32 -8.63 35.44
N LEU B 892 -14.46 -9.44 36.06
CA LEU B 892 -13.85 -10.57 35.38
C LEU B 892 -14.74 -11.80 35.55
N HIS B 893 -14.96 -12.50 34.45
CA HIS B 893 -15.64 -13.80 34.50
C HIS B 893 -14.62 -14.89 34.17
N VAL B 894 -14.73 -16.03 34.84
CA VAL B 894 -13.76 -17.11 34.67
C VAL B 894 -14.44 -18.46 34.41
N VAL B 895 -13.93 -19.19 33.43
CA VAL B 895 -14.37 -20.55 33.16
C VAL B 895 -13.16 -21.48 33.19
N ARG B 896 -13.17 -22.51 34.04
CA ARG B 896 -12.08 -23.48 34.01
C ARG B 896 -12.39 -24.57 33.00
N TYR B 897 -11.38 -25.16 32.38
CA TYR B 897 -11.61 -26.15 31.34
C TYR B 897 -10.60 -27.30 31.36
N ARG B 898 -10.98 -28.41 30.73
CA ARG B 898 -10.10 -29.57 30.60
C ARG B 898 -9.32 -29.46 29.29
N PRO B 899 -8.02 -29.82 29.31
CA PRO B 899 -7.14 -29.61 28.15
C PRO B 899 -7.71 -30.19 26.86
N GLU B 900 -8.29 -31.38 26.96
CA GLU B 900 -8.86 -32.03 25.78
C GLU B 900 -10.06 -31.28 25.21
N ASN B 901 -10.60 -30.35 25.98
CA ASN B 901 -11.77 -29.58 25.53
C ASN B 901 -11.46 -28.16 25.05
N LEU B 902 -10.25 -27.93 24.56
CA LEU B 902 -9.92 -26.60 24.05
C LEU B 902 -10.86 -26.22 22.90
N GLU B 903 -11.27 -27.22 22.13
CA GLU B 903 -12.17 -27.01 21.00
C GLU B 903 -13.47 -26.29 21.41
N ARG B 904 -14.08 -26.72 22.51
CA ARG B 904 -15.32 -26.08 22.92
C ARG B 904 -15.10 -24.72 23.60
N VAL B 905 -13.86 -24.46 24.03
CA VAL B 905 -13.49 -23.11 24.46
C VAL B 905 -13.51 -22.18 23.24
N LEU B 906 -12.97 -22.69 22.14
CA LEU B 906 -12.88 -21.94 20.90
C LEU B 906 -14.27 -21.69 20.29
N ARG B 907 -15.13 -22.70 20.33
CA ARG B 907 -16.50 -22.54 19.87
C ARG B 907 -17.23 -21.53 20.75
N ALA B 908 -16.95 -21.53 22.05
CA ALA B 908 -17.58 -20.58 22.96
C ALA B 908 -17.18 -19.16 22.59
N ILE B 909 -15.91 -18.97 22.23
CA ILE B 909 -15.42 -17.66 21.87
C ILE B 909 -16.02 -17.22 20.54
N GLU B 910 -16.10 -18.14 19.60
CA GLU B 910 -16.69 -17.87 18.29
C GLU B 910 -18.16 -17.50 18.40
N ARG B 911 -18.82 -18.10 19.38
CA ARG B 911 -20.28 -18.04 19.49
C ARG B 911 -20.82 -16.65 19.76
N THR B 912 -20.07 -15.80 20.44
CA THR B 912 -20.60 -14.49 20.79
C THR B 912 -20.74 -13.60 19.56
N GLY B 913 -19.87 -13.80 18.56
CA GLY B 913 -19.90 -12.96 17.37
C GLY B 913 -18.99 -11.74 17.47
N TYR B 914 -18.49 -11.46 18.68
CA TYR B 914 -17.53 -10.37 18.84
C TYR B 914 -16.14 -10.84 18.43
N GLY B 915 -15.20 -9.91 18.35
CA GLY B 915 -13.85 -10.25 17.92
C GLY B 915 -12.90 -9.08 18.00
N LEU B 916 -12.73 -8.54 19.20
CA LEU B 916 -11.89 -7.37 19.40
C LEU B 916 -10.50 -7.81 19.86
N THR B 917 -10.36 -8.14 21.14
CA THR B 917 -9.09 -8.64 21.66
C THR B 917 -9.16 -10.07 22.22
N LEU B 918 -8.03 -10.74 22.19
CA LEU B 918 -7.89 -12.08 22.74
C LEU B 918 -6.50 -12.23 23.33
N GLY B 919 -6.43 -12.72 24.56
CA GLY B 919 -5.16 -13.00 25.20
C GLY B 919 -4.86 -14.49 25.18
N VAL B 920 -3.59 -14.84 25.02
CA VAL B 920 -3.16 -16.23 25.06
C VAL B 920 -1.90 -16.36 25.92
N HIS B 921 -2.00 -17.16 26.98
CA HIS B 921 -0.86 -17.39 27.86
C HIS B 921 -0.46 -18.85 27.82
N SER B 922 0.70 -19.10 27.22
CA SER B 922 1.17 -20.46 27.04
C SER B 922 2.62 -20.45 26.64
N ARG B 923 3.35 -21.47 27.08
CA ARG B 923 4.73 -21.66 26.68
C ARG B 923 4.78 -22.42 25.36
N ILE B 924 3.63 -22.96 24.96
CA ILE B 924 3.57 -23.88 23.82
C ILE B 924 3.23 -23.21 22.48
N ASP B 925 4.25 -23.02 21.65
CA ASP B 925 4.07 -22.38 20.35
C ASP B 925 3.00 -23.04 19.47
N ASP B 926 2.93 -24.36 19.49
CA ASP B 926 1.93 -25.06 18.69
C ASP B 926 0.50 -24.77 19.12
N SER B 927 0.30 -24.62 20.43
CA SER B 927 -1.03 -24.27 20.96
C SER B 927 -1.38 -22.83 20.62
N ILE B 928 -0.41 -21.94 20.83
CA ILE B 928 -0.56 -20.53 20.50
C ILE B 928 -0.95 -20.38 19.03
N GLU B 929 -0.22 -21.08 18.16
CA GLU B 929 -0.45 -21.00 16.73
C GLU B 929 -1.78 -21.59 16.29
N ALA B 930 -2.19 -22.68 16.94
CA ALA B 930 -3.49 -23.31 16.64
C ALA B 930 -4.65 -22.39 17.00
N ILE B 931 -4.52 -21.69 18.12
CA ILE B 931 -5.54 -20.74 18.55
C ILE B 931 -5.62 -19.56 17.57
N ILE B 932 -4.46 -18.99 17.24
CA ILE B 932 -4.39 -17.89 16.28
C ILE B 932 -5.02 -18.29 14.95
N ASP B 933 -4.71 -19.49 14.47
CA ASP B 933 -5.25 -20.00 13.22
C ASP B 933 -6.77 -20.08 13.23
N ARG B 934 -7.31 -20.48 14.38
CA ARG B 934 -8.72 -20.76 14.52
C ARG B 934 -9.60 -19.50 14.66
N VAL B 935 -9.13 -18.51 15.42
CA VAL B 935 -9.94 -17.34 15.75
C VAL B 935 -9.77 -16.18 14.75
N GLN B 936 -10.74 -15.27 14.73
CA GLN B 936 -10.74 -14.16 13.78
C GLN B 936 -10.52 -12.79 14.44
N VAL B 937 -10.35 -12.81 15.75
CA VAL B 937 -10.17 -11.61 16.57
C VAL B 937 -9.22 -10.57 15.96
N GLY B 938 -9.54 -9.29 16.15
CA GLY B 938 -8.74 -8.21 15.60
C GLY B 938 -7.32 -8.10 16.16
N ASN B 939 -7.19 -8.24 17.47
CA ASN B 939 -5.90 -8.10 18.13
C ASN B 939 -5.62 -9.26 19.10
N ILE B 940 -4.60 -10.04 18.78
CA ILE B 940 -4.21 -11.15 19.63
C ILE B 940 -2.92 -10.83 20.37
N TYR B 941 -2.94 -11.02 21.68
CA TYR B 941 -1.82 -10.72 22.56
C TYR B 941 -1.33 -11.99 23.25
N VAL B 942 -0.06 -12.31 23.07
CA VAL B 942 0.50 -13.56 23.60
C VAL B 942 1.49 -13.32 24.74
N ASN B 943 1.19 -13.91 25.90
CA ASN B 943 2.06 -13.82 27.07
C ASN B 943 2.29 -12.39 27.55
N ARG B 944 1.26 -11.55 27.43
CA ARG B 944 1.27 -10.19 27.95
C ARG B 944 -0.17 -9.72 28.14
N ASN B 945 -0.34 -8.52 28.69
CA ASN B 945 -1.69 -8.00 28.88
C ASN B 945 -2.37 -7.68 27.54
N MET B 946 -3.67 -7.41 27.57
CA MET B 946 -4.46 -7.27 26.34
C MET B 946 -4.81 -5.83 25.99
N ILE B 947 -4.18 -4.87 26.65
CA ILE B 947 -4.60 -3.49 26.53
C ILE B 947 -3.48 -2.54 26.10
N GLY B 948 -3.86 -1.29 25.85
CA GLY B 948 -2.89 -0.25 25.55
C GLY B 948 -2.23 -0.41 24.19
N ALA B 949 -3.03 -0.67 23.16
CA ALA B 949 -2.52 -0.76 21.81
C ALA B 949 -1.74 0.50 21.44
N VAL B 950 -0.56 0.32 20.86
CA VAL B 950 0.32 1.42 20.50
C VAL B 950 0.17 1.78 19.02
N VAL B 951 -0.12 3.04 18.76
CA VAL B 951 -0.28 3.55 17.39
C VAL B 951 0.90 3.17 16.48
N GLY B 952 0.60 2.52 15.36
CA GLY B 952 1.63 2.13 14.41
C GLY B 952 2.37 0.85 14.79
N VAL B 953 2.01 0.29 15.94
CA VAL B 953 2.68 -0.91 16.43
C VAL B 953 1.67 -2.02 16.55
N GLN B 954 0.59 -1.75 17.28
CA GLN B 954 -0.57 -2.63 17.29
C GLN B 954 -1.74 -1.89 16.64
N PRO B 955 -1.85 -1.96 15.30
CA PRO B 955 -3.06 -1.44 14.64
C PRO B 955 -4.25 -2.09 15.33
N PHE B 956 -5.16 -1.27 15.82
CA PHE B 956 -6.19 -1.74 16.72
C PHE B 956 -7.61 -1.67 16.14
N GLY B 957 -8.41 -2.68 16.44
CA GLY B 957 -9.79 -2.73 16.02
C GLY B 957 -10.17 -4.14 15.61
N GLY B 958 -11.45 -4.45 15.72
CA GLY B 958 -11.91 -5.82 15.55
C GLY B 958 -12.89 -6.02 14.41
N ASN B 959 -13.41 -7.23 14.31
CA ASN B 959 -14.37 -7.57 13.28
C ASN B 959 -15.59 -8.20 13.91
N GLY B 960 -16.47 -8.75 13.07
CA GLY B 960 -17.74 -9.26 13.53
C GLY B 960 -18.48 -8.14 14.23
N LEU B 961 -19.09 -8.44 15.37
CA LEU B 961 -19.84 -7.46 16.14
C LEU B 961 -18.95 -6.37 16.74
N SER B 962 -17.63 -6.55 16.63
CA SER B 962 -16.68 -5.63 17.23
C SER B 962 -16.24 -4.46 16.34
N GLY B 963 -16.55 -4.52 15.05
CA GLY B 963 -16.21 -3.42 14.16
C GLY B 963 -16.23 -3.71 12.68
N THR B 964 -16.05 -2.66 11.89
CA THR B 964 -16.05 -2.77 10.43
C THR B 964 -14.64 -2.80 9.88
N GLY B 965 -13.69 -2.25 10.63
CA GLY B 965 -12.39 -1.92 10.07
C GLY B 965 -12.54 -0.68 9.20
N PRO B 966 -11.43 -0.16 8.67
CA PRO B 966 -10.07 -0.64 8.88
C PRO B 966 -9.56 -0.27 10.27
N LYS B 967 -8.47 -0.89 10.69
CA LYS B 967 -7.91 -0.67 12.02
C LYS B 967 -7.31 0.74 12.17
N ALA B 968 -7.73 1.44 13.22
CA ALA B 968 -7.10 2.68 13.62
C ALA B 968 -5.62 2.47 13.94
N GLY B 969 -4.81 3.49 13.65
CA GLY B 969 -3.39 3.43 13.92
C GLY B 969 -2.66 2.40 13.08
N GLY B 970 -3.24 2.04 11.94
CA GLY B 970 -2.63 1.07 11.04
C GLY B 970 -2.59 1.61 9.62
N PRO B 971 -1.90 0.88 8.72
CA PRO B 971 -1.63 1.39 7.37
C PRO B 971 -2.83 1.32 6.42
N HIS B 972 -3.98 0.83 6.86
CA HIS B 972 -5.14 0.76 5.98
C HIS B 972 -6.22 1.76 6.36
N TYR B 973 -5.95 2.59 7.36
CA TYR B 973 -6.98 3.47 7.93
C TYR B 973 -7.32 4.67 7.05
N LEU B 974 -6.29 5.42 6.65
CA LEU B 974 -6.50 6.68 5.93
C LEU B 974 -7.24 6.52 4.61
N ALA B 975 -6.86 5.51 3.84
CA ALA B 975 -7.47 5.23 2.55
C ALA B 975 -9.00 5.24 2.58
N ARG B 976 -9.57 4.70 3.65
CA ARG B 976 -11.01 4.58 3.75
C ARG B 976 -11.70 5.94 3.80
N PHE B 977 -10.97 6.96 4.23
CA PHE B 977 -11.49 8.32 4.31
C PHE B 977 -11.40 9.09 2.99
N ALA B 978 -10.83 8.44 1.97
CA ALA B 978 -10.62 9.11 0.69
C ALA B 978 -11.33 8.38 -0.43
N THR B 979 -11.38 9.02 -1.60
CA THR B 979 -11.90 8.37 -2.79
C THR B 979 -10.81 8.39 -3.84
N GLU B 980 -10.78 7.37 -4.70
CA GLU B 980 -9.78 7.30 -5.75
C GLU B 980 -10.20 8.08 -7.00
N GLN B 981 -9.22 8.63 -7.70
CA GLN B 981 -9.46 9.27 -8.98
C GLN B 981 -8.37 8.89 -9.96
N THR B 982 -8.77 8.36 -11.10
CA THR B 982 -7.81 8.03 -12.15
C THR B 982 -7.88 9.09 -13.25
N VAL B 983 -6.72 9.64 -13.60
CA VAL B 983 -6.64 10.59 -14.71
C VAL B 983 -5.81 9.97 -15.83
N THR B 984 -6.45 9.85 -16.99
CA THR B 984 -5.83 9.26 -18.16
C THR B 984 -5.73 10.31 -19.25
N ILE B 985 -4.51 10.60 -19.69
CA ILE B 985 -4.28 11.62 -20.72
C ILE B 985 -3.61 11.02 -21.95
N ASN B 986 -4.23 11.22 -23.11
CA ASN B 986 -3.62 10.86 -24.37
C ASN B 986 -2.53 11.88 -24.66
N THR B 987 -1.27 11.45 -24.48
CA THR B 987 -0.14 12.38 -24.62
C THR B 987 0.49 12.34 -26.02
N ALA B 988 -0.04 11.51 -26.91
CA ALA B 988 0.56 11.30 -28.23
C ALA B 988 0.87 12.57 -29.05
N ALA B 989 0.02 13.58 -28.95
CA ALA B 989 0.23 14.81 -29.74
C ALA B 989 1.56 15.49 -29.40
N ALA B 990 2.07 15.24 -28.20
CA ALA B 990 3.33 15.81 -27.75
C ALA B 990 4.52 14.91 -28.08
N GLY B 991 4.29 13.60 -28.09
CA GLY B 991 5.35 12.64 -28.31
C GLY B 991 5.29 11.47 -27.33
#